data_6PDY
#
_entry.id   6PDY
#
_cell.length_a   1.00
_cell.length_b   1.00
_cell.length_c   1.00
_cell.angle_alpha   90.00
_cell.angle_beta   90.00
_cell.angle_gamma   90.00
#
_symmetry.space_group_name_H-M   'P 1'
#
loop_
_entity.id
_entity.type
_entity.pdbx_description
1 polymer 'Membrane-spanning ATPase-like protein'
2 polymer 'Unknown E. coli peptide'
3 non-polymer "ADENOSINE-5'-DIPHOSPHATE"
4 non-polymer 'BERYLLIUM TRIFLUORIDE ION'
5 non-polymer 'MAGNESIUM ION'
#
loop_
_entity_poly.entity_id
_entity_poly.type
_entity_poly.pdbx_seq_one_letter_code
_entity_poly.pdbx_strand_id
1 'polypeptide(L)'
;GSIAPYLVKIIDPDYEKNERTRIKAQENLRRIRRKQIAEKGDNEDGTDDPSRRRKIDDLVLNEYENQVALEVVAPEDIPV
GFNDIGGLDDIIEELKETIIYPLTMPHLYKHGGALLAAPSGVLLYGPPGCGKTMLAKAVAHESGASFINLHISTLTEKWY
GDSNKIVRAVFSLAKKLQPSIIFIDEIDAVLGTRRSGEHEASGMVKAEFMTLWDGLTSTNASGVPNRIVVLGATNRINDI
DEAILRRMPKQFPVPLPGLEQRRRILELVLRGTKRDPDFDLDYIARVTAGMSGSDIKETCRDAAMAPMREYIRQHRASGK
PLSEINPDDVRGIRTEDFFGRRGGKILSEIPPRQTGYVVQSKNSSEGGYEEVEDDDEQGTAST
;
F,A,B,C,D,E
2 'polypeptide(L)' (UNK)(UNK)(UNK)(UNK)(UNK)(UNK)(UNK)(UNK)(UNK)(UNK) G
#
loop_
_chem_comp.id
_chem_comp.type
_chem_comp.name
_chem_comp.formula
ADP non-polymer ADENOSINE-5'-DIPHOSPHATE 'C10 H15 N5 O10 P2'
BEF non-polymer 'BERYLLIUM TRIFLUORIDE ION' 'Be F3 -1'
MG non-polymer 'MAGNESIUM ION' 'Mg 2'
#
# COMPACT_ATOMS: atom_id res chain seq x y z
N ASN A 62 -1.09 -14.91 -15.94
CA ASN A 62 -0.48 -14.30 -17.12
C ASN A 62 -1.14 -12.98 -17.47
N GLU A 63 -1.52 -12.22 -16.44
CA GLU A 63 -2.19 -10.94 -16.67
C GLU A 63 -1.23 -9.93 -17.28
N TYR A 64 0.05 -9.99 -16.92
CA TYR A 64 1.02 -9.02 -17.42
C TYR A 64 1.35 -9.27 -18.88
N GLU A 65 1.48 -10.54 -19.29
CA GLU A 65 1.73 -10.83 -20.69
C GLU A 65 0.55 -10.42 -21.55
N ASN A 66 -0.67 -10.52 -21.02
CA ASN A 66 -1.81 -9.95 -21.73
C ASN A 66 -1.76 -8.43 -21.73
N GLN A 67 -1.21 -7.84 -20.67
CA GLN A 67 -1.04 -6.39 -20.63
C GLN A 67 -0.01 -5.94 -21.65
N VAL A 68 1.11 -6.66 -21.75
CA VAL A 68 2.13 -6.34 -22.74
C VAL A 68 1.71 -6.70 -24.15
N ALA A 69 0.58 -7.41 -24.30
CA ALA A 69 0.07 -7.76 -25.62
C ALA A 69 -0.45 -6.57 -26.40
N LEU A 70 -0.50 -5.38 -25.79
CA LEU A 70 -0.89 -4.19 -26.54
C LEU A 70 0.26 -3.69 -27.41
N GLU A 71 1.49 -4.01 -27.05
CA GLU A 71 2.67 -3.53 -27.78
C GLU A 71 3.24 -4.56 -28.73
N VAL A 72 2.59 -5.71 -28.89
CA VAL A 72 3.07 -6.74 -29.81
C VAL A 72 2.63 -6.40 -31.23
N VAL A 73 3.48 -5.68 -31.95
CA VAL A 73 3.19 -5.34 -33.33
C VAL A 73 3.16 -6.61 -34.18
N ALA A 74 2.17 -6.72 -35.05
CA ALA A 74 2.02 -7.91 -35.86
C ALA A 74 3.18 -8.04 -36.84
N PRO A 75 3.60 -9.28 -37.16
CA PRO A 75 4.68 -9.46 -38.13
C PRO A 75 4.32 -9.01 -39.52
N GLU A 76 3.03 -8.99 -39.87
CA GLU A 76 2.56 -8.49 -41.16
C GLU A 76 2.24 -7.01 -41.04
N ASP A 77 1.68 -6.46 -42.12
CA ASP A 77 1.20 -5.07 -42.28
C ASP A 77 2.06 -4.05 -41.54
N ILE A 78 3.38 -4.20 -41.63
CA ILE A 78 4.32 -3.29 -40.99
C ILE A 78 4.76 -2.26 -42.03
N PRO A 79 5.21 -1.08 -41.61
CA PRO A 79 5.71 -0.08 -42.57
C PRO A 79 7.13 -0.35 -43.04
N VAL A 80 7.59 -1.61 -42.93
CA VAL A 80 8.99 -1.97 -43.20
C VAL A 80 9.42 -1.45 -44.57
N GLY A 81 8.84 -2.02 -45.63
CA GLY A 81 9.20 -1.69 -47.00
C GLY A 81 10.69 -1.63 -47.25
N PHE A 82 11.38 -2.78 -47.13
CA PHE A 82 12.83 -2.91 -46.92
C PHE A 82 13.69 -1.91 -47.71
N ASN A 83 13.28 -1.58 -48.94
CA ASN A 83 14.05 -0.64 -49.74
C ASN A 83 13.94 0.80 -49.24
N ASP A 84 12.95 1.12 -48.39
CA ASP A 84 12.76 2.50 -48.00
C ASP A 84 13.82 2.98 -47.01
N ILE A 85 14.49 2.05 -46.32
CA ILE A 85 15.54 2.44 -45.39
C ILE A 85 16.65 3.16 -46.14
N GLY A 86 17.22 4.17 -45.50
CA GLY A 86 18.28 4.95 -46.11
C GLY A 86 19.48 4.10 -46.48
N GLY A 87 20.41 4.73 -47.19
CA GLY A 87 21.59 4.05 -47.67
C GLY A 87 22.41 3.44 -46.57
N LEU A 88 22.28 2.12 -46.41
CA LEU A 88 23.00 1.37 -45.38
C LEU A 88 23.09 -0.07 -45.88
N ASP A 89 24.27 -0.46 -46.38
CA ASP A 89 24.44 -1.74 -47.03
C ASP A 89 25.23 -2.74 -46.18
N ASP A 90 26.39 -2.35 -45.65
CA ASP A 90 27.23 -3.30 -44.94
C ASP A 90 26.60 -3.76 -43.62
N ILE A 91 26.03 -2.83 -42.86
CA ILE A 91 25.34 -3.23 -41.62
C ILE A 91 24.15 -4.12 -41.96
N ILE A 92 23.33 -3.71 -42.92
CA ILE A 92 22.18 -4.52 -43.31
C ILE A 92 22.64 -5.81 -43.96
N GLU A 93 23.81 -5.80 -44.61
CA GLU A 93 24.36 -7.02 -45.18
C GLU A 93 24.67 -8.03 -44.09
N GLU A 94 25.43 -7.60 -43.08
CA GLU A 94 25.74 -8.48 -41.96
C GLU A 94 24.47 -8.93 -41.24
N LEU A 95 23.49 -8.04 -41.11
CA LEU A 95 22.22 -8.41 -40.50
C LEU A 95 21.54 -9.53 -41.27
N LYS A 96 21.22 -9.28 -42.54
CA LYS A 96 20.53 -10.27 -43.37
C LYS A 96 21.34 -11.54 -43.55
N GLU A 97 22.65 -11.48 -43.32
CA GLU A 97 23.48 -12.67 -43.44
C GLU A 97 23.44 -13.51 -42.17
N THR A 98 23.60 -12.89 -41.01
CA THR A 98 23.87 -13.64 -39.80
C THR A 98 22.74 -13.66 -38.78
N ILE A 99 21.79 -12.73 -38.83
CA ILE A 99 20.74 -12.69 -37.82
C ILE A 99 19.42 -13.16 -38.39
N ILE A 100 18.88 -12.42 -39.36
CA ILE A 100 17.54 -12.70 -39.85
C ILE A 100 17.54 -13.94 -40.74
N TYR A 101 18.62 -14.19 -41.46
CA TYR A 101 18.73 -15.38 -42.30
C TYR A 101 18.61 -16.67 -41.50
N PRO A 102 19.38 -16.90 -40.43
CA PRO A 102 19.21 -18.12 -39.65
C PRO A 102 17.89 -18.18 -38.89
N LEU A 103 17.23 -17.04 -38.68
CA LEU A 103 15.93 -17.06 -38.00
C LEU A 103 14.91 -17.85 -38.80
N THR A 104 14.85 -17.63 -40.11
CA THR A 104 13.97 -18.39 -40.98
C THR A 104 14.71 -19.59 -41.55
N MET A 105 13.93 -20.65 -41.83
CA MET A 105 14.37 -21.94 -42.36
C MET A 105 15.64 -22.44 -41.67
N PRO A 106 15.60 -22.67 -40.36
CA PRO A 106 16.81 -23.16 -39.67
C PRO A 106 17.24 -24.54 -40.11
N HIS A 107 16.35 -25.33 -40.72
CA HIS A 107 16.73 -26.64 -41.22
C HIS A 107 17.83 -26.54 -42.27
N LEU A 108 17.81 -25.47 -43.07
CA LEU A 108 18.86 -25.21 -44.04
C LEU A 108 20.07 -24.53 -43.42
N TYR A 109 19.98 -24.12 -42.15
CA TYR A 109 21.08 -23.50 -41.44
C TYR A 109 21.55 -24.32 -40.25
N LYS A 110 20.85 -25.39 -39.89
CA LYS A 110 21.18 -26.19 -38.71
C LYS A 110 22.17 -27.30 -39.02
N HIS A 111 23.04 -27.11 -40.01
CA HIS A 111 24.09 -28.08 -40.30
C HIS A 111 24.95 -28.35 -39.08
N GLY A 112 25.20 -27.32 -38.27
CA GLY A 112 25.90 -27.45 -37.01
C GLY A 112 24.93 -27.21 -35.86
N GLY A 113 24.93 -28.14 -34.90
CA GLY A 113 24.00 -28.07 -33.80
C GLY A 113 24.58 -27.48 -32.53
N ALA A 114 23.70 -26.88 -31.73
CA ALA A 114 23.99 -26.32 -30.41
C ALA A 114 24.78 -25.02 -30.48
N LEU A 115 25.15 -24.55 -31.66
CA LEU A 115 25.95 -23.33 -31.78
C LEU A 115 25.44 -22.35 -32.82
N LEU A 116 24.66 -22.79 -33.81
CA LEU A 116 24.23 -21.92 -34.90
C LEU A 116 22.97 -21.13 -34.55
N ALA A 117 22.64 -20.99 -33.27
CA ALA A 117 21.51 -20.17 -32.88
C ALA A 117 21.85 -18.70 -33.10
N ALA A 118 20.81 -17.91 -33.39
CA ALA A 118 21.00 -16.49 -33.61
C ALA A 118 21.27 -15.80 -32.28
N PRO A 119 22.41 -15.11 -32.13
CA PRO A 119 22.69 -14.44 -30.86
C PRO A 119 21.72 -13.31 -30.61
N SER A 120 21.19 -13.27 -29.39
CA SER A 120 20.17 -12.30 -29.01
C SER A 120 20.74 -10.94 -28.63
N GLY A 121 22.01 -10.67 -28.95
CA GLY A 121 22.59 -9.37 -28.66
C GLY A 121 23.06 -8.64 -29.91
N VAL A 122 22.38 -7.55 -30.23
CA VAL A 122 22.73 -6.71 -31.38
C VAL A 122 22.48 -5.26 -30.99
N LEU A 123 23.51 -4.43 -31.08
CA LEU A 123 23.43 -3.05 -30.65
C LEU A 123 23.53 -2.10 -31.84
N LEU A 124 22.75 -1.02 -31.79
CA LEU A 124 22.77 0.05 -32.78
C LEU A 124 23.08 1.34 -32.02
N TYR A 125 24.36 1.61 -31.81
CA TYR A 125 24.80 2.77 -31.04
C TYR A 125 25.18 3.91 -31.97
N GLY A 126 24.90 5.13 -31.54
CA GLY A 126 25.15 6.31 -32.33
C GLY A 126 24.21 7.44 -31.96
N PRO A 127 24.20 8.51 -32.74
CA PRO A 127 23.32 9.65 -32.44
C PRO A 127 21.86 9.27 -32.58
N PRO A 128 20.96 10.05 -31.99
CA PRO A 128 19.53 9.71 -32.08
C PRO A 128 19.02 9.86 -33.50
N GLY A 129 18.17 8.93 -33.90
CA GLY A 129 17.61 8.96 -35.23
C GLY A 129 16.46 8.00 -35.38
N CYS A 130 16.15 7.67 -36.62
CA CYS A 130 15.06 6.76 -36.95
C CYS A 130 15.53 5.50 -37.66
N GLY A 131 16.77 5.48 -38.16
CA GLY A 131 17.24 4.32 -38.89
C GLY A 131 17.32 3.07 -38.04
N LYS A 132 17.86 3.21 -36.82
CA LYS A 132 17.94 2.05 -35.92
C LYS A 132 16.55 1.54 -35.57
N THR A 133 15.63 2.45 -35.26
CA THR A 133 14.24 2.06 -35.04
C THR A 133 13.62 1.54 -36.33
N MET A 134 13.92 2.17 -37.46
CA MET A 134 13.42 1.68 -38.74
C MET A 134 13.97 0.28 -39.04
N LEU A 135 15.25 0.06 -38.78
CA LEU A 135 15.83 -1.26 -39.00
C LEU A 135 15.21 -2.30 -38.07
N ALA A 136 14.93 -1.92 -36.83
CA ALA A 136 14.28 -2.84 -35.89
C ALA A 136 12.88 -3.20 -36.38
N LYS A 137 12.13 -2.20 -36.85
CA LYS A 137 10.81 -2.48 -37.41
C LYS A 137 10.92 -3.36 -38.65
N ALA A 138 11.99 -3.18 -39.44
CA ALA A 138 12.08 -3.87 -40.72
C ALA A 138 12.48 -5.32 -40.54
N VAL A 139 13.42 -5.61 -39.65
CA VAL A 139 13.94 -6.96 -39.49
C VAL A 139 12.85 -7.93 -39.05
N ALA A 140 11.87 -7.44 -38.30
CA ALA A 140 10.76 -8.29 -37.85
C ALA A 140 9.99 -8.83 -39.05
N HIS A 141 9.55 -7.93 -39.94
CA HIS A 141 8.86 -8.38 -41.14
C HIS A 141 9.79 -9.17 -42.05
N GLU A 142 11.10 -8.86 -42.02
CA GLU A 142 12.04 -9.59 -42.84
C GLU A 142 12.13 -11.05 -42.41
N SER A 143 12.02 -11.32 -41.10
CA SER A 143 12.01 -12.68 -40.59
C SER A 143 10.62 -13.14 -40.17
N GLY A 144 9.57 -12.43 -40.58
CA GLY A 144 8.23 -12.75 -40.16
C GLY A 144 8.07 -12.67 -38.66
N ALA A 145 8.57 -11.59 -38.07
CA ALA A 145 8.61 -11.42 -36.63
C ALA A 145 7.62 -10.34 -36.21
N SER A 146 6.97 -10.57 -35.08
CA SER A 146 6.03 -9.61 -34.51
C SER A 146 6.77 -8.68 -33.57
N PHE A 147 6.81 -7.40 -33.93
CA PHE A 147 7.61 -6.43 -33.19
C PHE A 147 7.00 -6.17 -31.81
N ILE A 148 7.69 -6.59 -30.77
CA ILE A 148 7.27 -6.34 -29.39
C ILE A 148 8.27 -5.35 -28.80
N ASN A 149 7.92 -4.07 -28.84
CA ASN A 149 8.78 -3.04 -28.29
C ASN A 149 8.73 -3.06 -26.77
N LEU A 150 9.82 -2.58 -26.16
CA LEU A 150 9.88 -2.52 -24.70
C LEU A 150 8.87 -1.53 -24.15
N HIS A 151 8.71 -0.38 -24.81
CA HIS A 151 7.86 0.70 -24.32
C HIS A 151 8.34 1.16 -22.94
N ILE A 152 9.57 1.72 -22.96
CA ILE A 152 10.34 1.99 -21.75
C ILE A 152 9.59 2.83 -20.74
N SER A 153 8.65 3.67 -21.20
CA SER A 153 7.84 4.43 -20.26
C SER A 153 6.93 3.53 -19.43
N THR A 154 6.65 2.31 -19.91
CA THR A 154 5.94 1.33 -19.10
C THR A 154 6.79 0.87 -17.91
N LEU A 155 8.12 1.04 -17.98
CA LEU A 155 9.01 0.65 -16.89
C LEU A 155 8.89 1.55 -15.67
N THR A 156 8.08 2.61 -15.73
CA THR A 156 7.84 3.43 -14.56
C THR A 156 7.16 2.62 -13.47
N GLU A 157 7.48 2.93 -12.22
CA GLU A 157 7.03 2.15 -11.08
C GLU A 157 5.72 2.72 -10.54
N LYS A 158 4.74 1.84 -10.34
CA LYS A 158 3.49 2.18 -9.68
C LYS A 158 3.29 1.40 -8.40
N TRP A 159 3.44 0.08 -8.45
CA TRP A 159 3.43 -0.77 -7.28
C TRP A 159 4.87 -1.17 -6.94
N TYR A 160 5.01 -2.07 -5.96
CA TYR A 160 6.35 -2.49 -5.54
C TYR A 160 7.05 -3.30 -6.62
N GLY A 161 6.40 -4.34 -7.12
CA GLY A 161 7.01 -5.20 -8.11
C GLY A 161 6.28 -5.25 -9.44
N ASP A 162 5.54 -4.19 -9.75
CA ASP A 162 4.76 -4.18 -10.99
C ASP A 162 5.67 -4.18 -12.22
N SER A 163 6.74 -3.39 -12.18
CA SER A 163 7.63 -3.32 -13.33
C SER A 163 8.39 -4.62 -13.53
N ASN A 164 8.79 -5.26 -12.43
CA ASN A 164 9.47 -6.55 -12.54
C ASN A 164 8.53 -7.60 -13.11
N LYS A 165 7.26 -7.55 -12.75
CA LYS A 165 6.27 -8.42 -13.37
C LYS A 165 6.22 -8.17 -14.88
N ILE A 166 6.33 -6.92 -15.31
CA ILE A 166 6.32 -6.61 -16.72
C ILE A 166 7.54 -7.20 -17.41
N VAL A 167 8.72 -7.06 -16.78
CA VAL A 167 9.94 -7.60 -17.37
C VAL A 167 9.87 -9.11 -17.46
N ARG A 168 9.24 -9.77 -16.49
CA ARG A 168 9.07 -11.22 -16.56
C ARG A 168 8.10 -11.59 -17.67
N ALA A 169 6.97 -10.89 -17.75
CA ALA A 169 5.94 -11.23 -18.73
C ALA A 169 6.42 -10.99 -20.16
N VAL A 170 7.33 -10.04 -20.37
CA VAL A 170 7.86 -9.80 -21.71
C VAL A 170 8.57 -11.05 -22.22
N PHE A 171 9.54 -11.54 -21.46
CA PHE A 171 10.24 -12.76 -21.87
C PHE A 171 9.32 -13.97 -21.85
N SER A 172 8.30 -13.96 -21.00
CA SER A 172 7.31 -15.04 -21.01
C SER A 172 6.60 -15.12 -22.36
N LEU A 173 6.03 -13.99 -22.80
CA LEU A 173 5.36 -13.94 -24.09
C LEU A 173 6.34 -14.24 -25.22
N ALA A 174 7.58 -13.77 -25.09
CA ALA A 174 8.58 -14.05 -26.12
C ALA A 174 8.82 -15.54 -26.27
N LYS A 175 9.13 -16.23 -25.17
CA LYS A 175 9.35 -17.66 -25.22
C LYS A 175 8.11 -18.40 -25.69
N LYS A 176 6.93 -17.87 -25.36
CA LYS A 176 5.69 -18.50 -25.83
C LYS A 176 5.40 -18.13 -27.29
N LEU A 177 6.10 -17.14 -27.83
CA LEU A 177 5.79 -16.64 -29.16
C LEU A 177 6.80 -17.17 -30.18
N GLN A 178 6.52 -16.89 -31.45
CA GLN A 178 7.34 -17.23 -32.60
C GLN A 178 8.63 -16.40 -32.56
N PRO A 179 9.57 -16.57 -33.52
CA PRO A 179 10.94 -16.05 -33.30
C PRO A 179 11.10 -14.54 -33.33
N SER A 180 10.00 -13.79 -33.22
CA SER A 180 10.03 -12.33 -33.13
C SER A 180 11.06 -11.83 -32.11
N ILE A 181 11.58 -10.63 -32.35
CA ILE A 181 12.70 -10.10 -31.58
C ILE A 181 12.21 -8.97 -30.69
N ILE A 182 12.72 -8.92 -29.46
CA ILE A 182 12.39 -7.84 -28.55
C ILE A 182 13.26 -6.62 -28.88
N PHE A 183 12.70 -5.44 -28.68
CA PHE A 183 13.40 -4.20 -28.97
C PHE A 183 13.38 -3.30 -27.73
N ILE A 184 14.49 -2.59 -27.51
CA ILE A 184 14.62 -1.67 -26.39
C ILE A 184 15.02 -0.32 -26.96
N ASP A 185 14.06 0.59 -27.05
CA ASP A 185 14.31 1.90 -27.64
C ASP A 185 14.95 2.82 -26.61
N GLU A 186 16.06 3.45 -27.00
CA GLU A 186 16.78 4.40 -26.15
C GLU A 186 17.20 3.72 -24.84
N ILE A 187 18.12 2.77 -25.00
CA ILE A 187 18.53 1.91 -23.89
C ILE A 187 19.36 2.71 -22.90
N ASP A 188 18.73 3.15 -21.82
CA ASP A 188 19.42 3.82 -20.73
C ASP A 188 19.01 3.32 -19.36
N ALA A 189 17.83 2.73 -19.21
CA ALA A 189 17.44 2.18 -17.92
C ALA A 189 18.29 0.97 -17.55
N VAL A 190 18.64 0.16 -18.54
CA VAL A 190 19.47 -1.01 -18.31
C VAL A 190 20.92 -0.71 -18.68
N SER A 202 18.63 0.96 -11.31
CA SER A 202 19.53 -0.11 -10.89
C SER A 202 18.88 -1.00 -9.84
N GLY A 203 17.57 -1.24 -10.01
CA GLY A 203 16.84 -2.03 -9.05
C GLY A 203 16.57 -3.45 -9.49
N MET A 204 15.43 -4.00 -9.05
CA MET A 204 15.10 -5.38 -9.38
C MET A 204 14.88 -5.57 -10.87
N VAL A 205 14.39 -4.54 -11.57
CA VAL A 205 14.18 -4.65 -13.01
C VAL A 205 15.53 -4.75 -13.73
N LYS A 206 16.47 -3.87 -13.36
CA LYS A 206 17.81 -3.95 -13.95
C LYS A 206 18.48 -5.27 -13.61
N ALA A 207 18.20 -5.80 -12.43
CA ALA A 207 18.75 -7.09 -12.05
C ALA A 207 18.12 -8.17 -12.92
N GLU A 208 16.80 -8.25 -12.92
CA GLU A 208 16.11 -9.35 -13.57
C GLU A 208 16.23 -9.33 -15.10
N PHE A 209 16.39 -8.15 -15.70
CA PHE A 209 16.65 -8.10 -17.13
C PHE A 209 17.94 -8.77 -17.60
N MET A 210 18.98 -8.76 -16.78
CA MET A 210 20.20 -9.51 -17.08
C MET A 210 20.01 -11.00 -16.80
N THR A 211 19.12 -11.35 -15.87
CA THR A 211 18.91 -12.75 -15.51
C THR A 211 18.13 -13.48 -16.60
N LEU A 212 16.91 -13.01 -16.88
CA LEU A 212 16.03 -13.77 -17.75
C LEU A 212 16.40 -13.64 -19.23
N TRP A 213 17.38 -12.80 -19.56
CA TRP A 213 17.90 -12.80 -20.91
C TRP A 213 18.58 -14.12 -21.22
N ASP A 214 19.35 -14.64 -20.26
CA ASP A 214 20.01 -15.93 -20.40
C ASP A 214 20.07 -16.58 -19.01
N GLY A 215 19.35 -17.68 -18.85
CA GLY A 215 19.30 -18.32 -17.54
C GLY A 215 18.89 -19.77 -17.57
N LEU A 216 18.21 -20.20 -16.52
CA LEU A 216 17.90 -21.61 -16.31
C LEU A 216 16.66 -22.03 -17.10
N GLY A 223 16.48 -27.30 -23.54
CA GLY A 223 17.29 -28.00 -24.51
C GLY A 223 17.13 -27.43 -25.91
N VAL A 224 16.94 -26.12 -26.00
CA VAL A 224 16.73 -25.45 -27.27
C VAL A 224 17.18 -23.99 -27.12
N PRO A 225 17.76 -23.38 -28.15
CA PRO A 225 18.16 -21.97 -28.03
C PRO A 225 16.95 -21.07 -27.87
N ASN A 226 17.22 -19.80 -27.54
CA ASN A 226 16.15 -18.86 -27.25
C ASN A 226 15.24 -18.63 -28.46
N ARG A 227 15.80 -18.66 -29.66
CA ARG A 227 15.04 -18.46 -30.90
C ARG A 227 14.48 -17.03 -30.97
N ILE A 228 15.09 -16.11 -30.22
CA ILE A 228 14.69 -14.70 -30.21
C ILE A 228 15.95 -13.89 -29.94
N VAL A 229 16.12 -12.79 -30.66
CA VAL A 229 17.28 -11.90 -30.52
C VAL A 229 16.82 -10.58 -29.94
N VAL A 230 17.63 -10.01 -29.06
CA VAL A 230 17.38 -8.68 -28.51
C VAL A 230 18.25 -7.68 -29.23
N LEU A 231 17.68 -6.52 -29.55
CA LEU A 231 18.40 -5.47 -30.28
C LEU A 231 18.70 -4.32 -29.35
N GLY A 232 19.84 -3.67 -29.59
CA GLY A 232 20.29 -2.54 -28.80
C GLY A 232 20.20 -1.25 -29.59
N ALA A 233 19.49 -0.28 -29.03
CA ALA A 233 19.30 1.03 -29.64
C ALA A 233 19.44 2.09 -28.55
N THR A 234 20.58 2.80 -28.56
CA THR A 234 20.82 3.84 -27.56
C THR A 234 22.03 4.68 -27.94
N ASN A 235 21.94 5.99 -27.72
CA ASN A 235 23.07 6.86 -28.01
C ASN A 235 24.17 6.72 -26.97
N ARG A 236 23.81 6.39 -25.74
CA ARG A 236 24.79 6.26 -24.68
C ARG A 236 25.72 5.08 -24.96
N ILE A 237 27.01 5.27 -24.70
CA ILE A 237 28.04 4.28 -24.99
C ILE A 237 29.00 4.25 -23.79
N ASN A 238 29.63 3.08 -23.60
CA ASN A 238 30.68 2.77 -22.61
C ASN A 238 30.26 3.02 -21.17
N ASP A 239 28.97 3.26 -20.92
CA ASP A 239 28.44 3.39 -19.57
C ASP A 239 27.10 2.68 -19.46
N ILE A 240 26.94 1.58 -20.18
CA ILE A 240 25.65 0.96 -20.42
C ILE A 240 25.61 -0.43 -19.81
N ASP A 241 26.29 -0.60 -18.66
CA ASP A 241 26.32 -1.89 -17.97
C ASP A 241 26.98 -2.96 -18.86
N GLU A 242 28.31 -2.78 -19.03
CA GLU A 242 29.18 -3.59 -19.88
C GLU A 242 28.90 -5.09 -19.82
N ALA A 243 28.46 -5.59 -18.66
CA ALA A 243 27.94 -6.94 -18.60
C ALA A 243 26.82 -7.14 -19.60
N ILE A 244 25.94 -6.14 -19.73
CA ILE A 244 24.97 -6.15 -20.83
C ILE A 244 25.71 -6.01 -22.16
N LEU A 245 26.75 -5.16 -22.19
CA LEU A 245 27.60 -5.08 -23.37
C LEU A 245 28.23 -6.42 -23.70
N ARG A 246 28.56 -7.23 -22.69
CA ARG A 246 29.06 -8.58 -22.95
C ARG A 246 28.03 -9.41 -23.70
N ARG A 247 26.77 -9.34 -23.28
CA ARG A 247 25.71 -10.12 -23.91
C ARG A 247 25.15 -9.45 -25.16
N MET A 248 25.86 -8.47 -25.71
CA MET A 248 25.47 -7.85 -26.96
C MET A 248 26.57 -8.11 -27.99
N PRO A 249 26.59 -9.31 -28.59
CA PRO A 249 27.69 -9.67 -29.49
C PRO A 249 27.81 -8.78 -30.72
N LYS A 250 26.71 -8.65 -31.48
CA LYS A 250 26.74 -7.92 -32.75
C LYS A 250 26.31 -6.47 -32.51
N GLN A 251 27.19 -5.72 -31.86
CA GLN A 251 26.97 -4.29 -31.62
C GLN A 251 27.35 -3.53 -32.88
N PHE A 252 26.35 -3.00 -33.58
CA PHE A 252 26.58 -2.34 -34.86
C PHE A 252 26.44 -0.84 -34.70
N PRO A 253 27.46 -0.06 -35.04
CA PRO A 253 27.28 1.41 -35.03
C PRO A 253 26.30 1.83 -36.11
N VAL A 254 25.38 2.70 -35.72
CA VAL A 254 24.33 3.16 -36.64
C VAL A 254 24.52 4.64 -36.92
N PRO A 255 25.51 5.02 -37.73
CA PRO A 255 25.70 6.44 -38.04
C PRO A 255 24.61 6.95 -38.97
N LEU A 256 23.67 7.72 -38.41
CA LEU A 256 22.57 8.23 -39.22
C LEU A 256 23.01 9.25 -40.27
N PRO A 257 23.85 10.26 -39.96
CA PRO A 257 24.24 11.20 -41.03
C PRO A 257 25.14 10.57 -42.08
N GLY A 258 24.63 10.43 -43.29
CA GLY A 258 25.38 9.83 -44.36
C GLY A 258 25.29 10.61 -45.66
N LEU A 259 26.44 10.97 -46.23
CA LEU A 259 26.45 11.75 -47.47
C LEU A 259 25.96 10.93 -48.67
N GLU A 260 25.95 9.60 -48.56
CA GLU A 260 25.45 8.74 -49.63
C GLU A 260 24.06 8.21 -49.36
N GLN A 261 23.73 7.89 -48.10
CA GLN A 261 22.39 7.47 -47.76
C GLN A 261 21.39 8.60 -47.96
N ARG A 262 21.85 9.85 -47.88
CA ARG A 262 20.97 10.99 -48.05
C ARG A 262 20.41 11.05 -49.46
N ARG A 263 21.20 10.67 -50.47
CA ARG A 263 20.70 10.66 -51.83
C ARG A 263 19.56 9.66 -51.98
N ARG A 264 19.73 8.45 -51.43
CA ARG A 264 18.69 7.44 -51.52
C ARG A 264 17.45 7.87 -50.74
N ILE A 265 17.62 8.49 -49.57
CA ILE A 265 16.47 8.90 -48.80
C ILE A 265 15.72 10.04 -49.47
N LEU A 266 16.45 10.96 -50.12
CA LEU A 266 15.79 12.03 -50.86
C LEU A 266 15.07 11.49 -52.09
N GLU A 267 15.64 10.46 -52.73
CA GLU A 267 14.93 9.80 -53.82
C GLU A 267 13.64 9.15 -53.32
N LEU A 268 13.72 8.47 -52.17
CA LEU A 268 12.54 7.91 -51.53
C LEU A 268 11.49 8.99 -51.28
N VAL A 269 11.92 10.15 -50.80
CA VAL A 269 10.98 11.24 -50.52
C VAL A 269 10.35 11.74 -51.81
N LEU A 270 11.16 11.99 -52.82
CA LEU A 270 10.70 12.58 -54.08
C LEU A 270 10.03 11.56 -55.01
N ARG A 271 9.91 10.30 -54.60
CA ARG A 271 9.17 9.34 -55.41
C ARG A 271 7.74 9.79 -55.67
N GLY A 272 7.09 10.40 -54.69
CA GLY A 272 5.70 10.79 -54.83
C GLY A 272 5.49 12.28 -54.95
N THR A 273 6.36 13.06 -54.31
CA THR A 273 6.25 14.51 -54.37
C THR A 273 6.54 15.00 -55.78
N LYS A 274 5.73 15.94 -56.27
CA LYS A 274 5.94 16.48 -57.60
C LYS A 274 7.28 17.21 -57.66
N ARG A 275 8.08 16.88 -58.66
CA ARG A 275 9.49 17.28 -58.72
C ARG A 275 9.79 17.98 -60.03
N ASP A 276 8.84 18.75 -60.56
CA ASP A 276 9.04 19.45 -61.82
C ASP A 276 9.91 20.70 -61.64
N PRO A 277 9.50 21.66 -60.80
CA PRO A 277 10.25 22.92 -60.76
C PRO A 277 11.60 22.82 -60.06
N ASP A 278 11.71 21.94 -59.06
CA ASP A 278 12.92 21.89 -58.26
C ASP A 278 14.11 21.41 -59.09
N PHE A 279 15.29 21.90 -58.73
CA PHE A 279 16.51 21.58 -59.46
C PHE A 279 16.91 20.12 -59.25
N ASP A 280 17.90 19.68 -60.03
CA ASP A 280 18.33 18.30 -60.01
C ASP A 280 18.93 17.94 -58.64
N LEU A 281 18.83 16.66 -58.30
CA LEU A 281 19.23 16.18 -56.97
C LEU A 281 20.75 16.05 -56.90
N ASP A 282 21.42 17.19 -56.95
CA ASP A 282 22.86 17.27 -56.75
C ASP A 282 23.24 18.19 -55.59
N TYR A 283 22.65 19.38 -55.51
CA TYR A 283 22.91 20.26 -54.38
C TYR A 283 22.23 19.79 -53.11
N ILE A 284 21.23 18.90 -53.23
CA ILE A 284 20.61 18.32 -52.05
C ILE A 284 21.61 17.47 -51.29
N ALA A 285 22.63 16.94 -51.98
CA ALA A 285 23.69 16.18 -51.34
C ALA A 285 24.62 17.03 -50.49
N ARG A 286 24.49 18.36 -50.52
CA ARG A 286 25.28 19.24 -49.68
C ARG A 286 24.46 20.25 -48.89
N VAL A 287 23.16 20.37 -49.16
CA VAL A 287 22.34 21.36 -48.46
C VAL A 287 22.10 20.93 -47.01
N THR A 288 21.65 19.70 -46.81
CA THR A 288 21.46 19.14 -45.46
C THR A 288 22.65 18.26 -45.08
N ALA A 289 23.79 18.91 -44.87
CA ALA A 289 25.01 18.18 -44.56
C ALA A 289 25.15 17.95 -43.05
N GLY A 290 24.66 18.88 -42.24
CA GLY A 290 24.87 18.76 -40.80
C GLY A 290 23.95 17.76 -40.13
N MET A 291 22.65 17.83 -40.43
CA MET A 291 21.69 16.98 -39.74
C MET A 291 21.85 15.52 -40.16
N SER A 292 21.50 14.61 -39.25
CA SER A 292 21.69 13.19 -39.49
C SER A 292 20.56 12.60 -40.32
N GLY A 293 19.36 12.54 -39.75
CA GLY A 293 18.24 11.94 -40.45
C GLY A 293 16.90 12.62 -40.21
N SER A 294 16.90 13.69 -39.42
CA SER A 294 15.67 14.38 -39.07
C SER A 294 15.35 15.52 -40.05
N ASP A 295 16.35 16.33 -40.39
CA ASP A 295 16.14 17.40 -41.35
C ASP A 295 15.73 16.84 -42.71
N ILE A 296 16.34 15.72 -43.12
CA ILE A 296 15.93 15.06 -44.35
C ILE A 296 14.49 14.59 -44.23
N LYS A 297 14.10 14.12 -43.05
CA LYS A 297 12.72 13.69 -42.82
C LYS A 297 11.76 14.86 -42.78
N GLU A 298 12.20 16.03 -42.32
CA GLU A 298 11.32 17.20 -42.27
C GLU A 298 11.26 17.89 -43.62
N THR A 299 12.31 17.78 -44.44
CA THR A 299 12.32 18.37 -45.77
C THR A 299 11.45 17.60 -46.76
N CYS A 300 10.75 16.54 -46.35
CA CYS A 300 9.76 15.92 -47.22
C CYS A 300 8.68 16.91 -47.62
N ARG A 301 8.34 17.84 -46.71
CA ARG A 301 7.38 18.89 -46.99
C ARG A 301 7.97 20.28 -46.86
N ASP A 302 9.27 20.39 -46.58
CA ASP A 302 9.91 21.70 -46.44
C ASP A 302 9.82 22.48 -47.75
N ALA A 303 10.47 21.99 -48.80
CA ALA A 303 10.40 22.58 -50.11
C ALA A 303 9.32 21.97 -50.98
N ALA A 304 8.57 21.01 -50.45
CA ALA A 304 7.51 20.37 -51.22
C ALA A 304 6.38 21.36 -51.52
N MET A 305 5.84 21.98 -50.47
CA MET A 305 4.73 22.91 -50.66
C MET A 305 5.16 24.26 -51.19
N ALA A 306 6.45 24.58 -51.17
CA ALA A 306 6.92 25.91 -51.58
C ALA A 306 6.46 26.28 -52.99
N PRO A 307 6.63 25.44 -54.01
CA PRO A 307 5.93 25.65 -55.28
C PRO A 307 4.50 25.15 -55.30
N MET A 308 3.95 24.76 -54.14
CA MET A 308 2.64 24.13 -54.05
C MET A 308 1.57 25.04 -53.45
N ARG A 309 1.96 26.07 -52.70
CA ARG A 309 0.97 27.01 -52.16
C ARG A 309 0.20 27.70 -53.28
N GLU A 310 0.89 28.09 -54.35
CA GLU A 310 0.20 28.76 -55.45
C GLU A 310 -0.72 27.80 -56.19
N TYR A 311 -0.30 26.54 -56.34
CA TYR A 311 -1.14 25.55 -57.02
C TYR A 311 -2.36 25.18 -56.19
N ILE A 312 -2.28 25.36 -54.87
CA ILE A 312 -3.41 25.05 -54.00
C ILE A 312 -4.32 26.27 -53.84
N ARG A 313 -3.75 27.45 -53.64
CA ARG A 313 -4.56 28.65 -53.49
C ARG A 313 -5.28 29.01 -54.78
N GLN A 314 -4.68 28.69 -55.93
CA GLN A 314 -5.28 29.01 -57.22
C GLN A 314 -5.19 27.82 -58.17
N ARG B 20 -41.51 -7.21 -4.99
CA ARG B 20 -41.22 -7.42 -6.41
C ARG B 20 -42.46 -7.12 -7.26
N THR B 21 -43.64 -7.27 -6.66
CA THR B 21 -44.88 -6.97 -7.38
C THR B 21 -44.99 -5.48 -7.68
N ARG B 22 -44.71 -4.63 -6.70
CA ARG B 22 -44.67 -3.19 -6.94
C ARG B 22 -43.61 -2.84 -7.97
N ILE B 23 -42.48 -3.54 -7.93
CA ILE B 23 -41.39 -3.30 -8.89
C ILE B 23 -41.89 -3.57 -10.31
N LYS B 24 -42.50 -4.74 -10.52
CA LYS B 24 -42.98 -5.09 -11.85
C LYS B 24 -44.13 -4.20 -12.27
N ALA B 25 -44.95 -3.72 -11.33
CA ALA B 25 -46.03 -2.81 -11.69
C ALA B 25 -45.50 -1.48 -12.18
N GLN B 26 -44.58 -0.87 -11.42
CA GLN B 26 -43.95 0.37 -11.87
C GLN B 26 -43.19 0.17 -13.18
N GLU B 27 -42.59 -1.01 -13.34
CA GLU B 27 -41.93 -1.36 -14.60
C GLU B 27 -42.93 -1.32 -15.75
N ASN B 28 -44.08 -1.97 -15.58
CA ASN B 28 -45.11 -1.98 -16.62
C ASN B 28 -45.55 -0.57 -16.96
N LEU B 29 -45.83 0.25 -15.94
CA LEU B 29 -46.29 1.62 -16.19
C LEU B 29 -45.25 2.43 -16.95
N ARG B 30 -44.01 2.42 -16.47
CA ARG B 30 -42.97 3.23 -17.07
C ARG B 30 -42.64 2.74 -18.49
N ARG B 31 -42.64 1.43 -18.68
CA ARG B 31 -42.33 0.90 -20.01
C ARG B 31 -43.47 1.13 -20.99
N ILE B 32 -44.72 1.15 -20.52
CA ILE B 32 -45.83 1.55 -21.38
C ILE B 32 -45.69 3.01 -21.78
N ARG B 33 -45.44 3.90 -20.81
CA ARG B 33 -45.32 5.31 -21.13
C ARG B 33 -44.10 5.59 -22.02
N ARG B 34 -43.09 4.71 -21.96
CA ARG B 34 -41.97 4.83 -22.89
C ARG B 34 -42.34 4.35 -24.29
N LYS B 35 -42.88 3.13 -24.40
CA LYS B 35 -43.09 2.51 -25.70
C LYS B 35 -44.20 3.20 -26.48
N GLN B 36 -45.35 3.43 -25.84
CA GLN B 36 -46.49 4.00 -26.55
C GLN B 36 -46.23 5.42 -27.01
N ILE B 37 -45.29 6.13 -26.39
CA ILE B 37 -44.93 7.48 -26.79
C ILE B 37 -46.12 8.43 -26.59
N ASP B 57 -47.20 -0.36 -26.49
CA ASP B 57 -47.58 -1.61 -25.87
C ASP B 57 -46.55 -2.06 -24.84
N ASP B 58 -46.69 -3.30 -24.37
CA ASP B 58 -45.77 -3.84 -23.39
C ASP B 58 -45.85 -5.36 -23.41
N LEU B 59 -44.72 -6.01 -23.10
CA LEU B 59 -44.64 -7.46 -23.04
C LEU B 59 -43.99 -7.86 -21.71
N VAL B 60 -44.70 -8.71 -20.97
CA VAL B 60 -44.20 -9.15 -19.66
C VAL B 60 -42.98 -10.03 -19.84
N LEU B 61 -41.98 -9.85 -18.99
CA LEU B 61 -40.72 -10.57 -19.10
C LEU B 61 -40.26 -10.94 -17.70
N ASN B 62 -38.99 -11.34 -17.58
CA ASN B 62 -38.47 -11.85 -16.32
C ASN B 62 -38.48 -10.77 -15.25
N GLU B 63 -38.75 -11.19 -14.01
CA GLU B 63 -38.71 -10.26 -12.88
C GLU B 63 -37.32 -9.71 -12.64
N TYR B 64 -36.27 -10.48 -12.91
CA TYR B 64 -34.90 -10.02 -12.82
C TYR B 64 -34.48 -9.23 -14.04
N GLU B 65 -35.38 -9.00 -14.98
CA GLU B 65 -35.16 -8.18 -16.16
C GLU B 65 -36.09 -6.97 -16.21
N ASN B 66 -37.24 -7.04 -15.53
CA ASN B 66 -38.12 -5.88 -15.46
C ASN B 66 -37.47 -4.73 -14.68
N GLN B 67 -36.74 -5.05 -13.61
CA GLN B 67 -36.21 -4.02 -12.73
C GLN B 67 -35.27 -3.05 -13.44
N VAL B 68 -34.66 -3.46 -14.56
CA VAL B 68 -33.91 -2.51 -15.36
C VAL B 68 -34.82 -1.72 -16.28
N ALA B 69 -36.04 -2.20 -16.52
CA ALA B 69 -36.98 -1.49 -17.38
C ALA B 69 -37.59 -0.27 -16.72
N LEU B 70 -37.31 -0.02 -15.44
CA LEU B 70 -37.76 1.20 -14.80
C LEU B 70 -36.79 2.36 -15.05
N GLU B 71 -35.88 2.19 -16.01
CA GLU B 71 -34.87 3.19 -16.32
C GLU B 71 -35.07 3.78 -17.72
N VAL B 72 -36.22 3.51 -18.35
CA VAL B 72 -36.49 3.96 -19.71
C VAL B 72 -37.14 5.34 -19.60
N VAL B 73 -36.34 6.38 -19.81
CA VAL B 73 -36.87 7.74 -19.82
C VAL B 73 -37.55 8.00 -21.15
N ALA B 74 -38.77 8.54 -21.10
CA ALA B 74 -39.50 8.82 -22.33
C ALA B 74 -38.80 9.93 -23.11
N PRO B 75 -39.02 10.02 -24.42
CA PRO B 75 -38.36 11.07 -25.22
C PRO B 75 -38.89 12.46 -24.90
N GLU B 76 -40.17 12.57 -24.54
CA GLU B 76 -40.76 13.86 -24.16
C GLU B 76 -40.43 14.26 -22.74
N ASP B 77 -39.70 13.43 -21.99
CA ASP B 77 -39.32 13.78 -20.63
C ASP B 77 -38.20 14.81 -20.63
N ILE B 78 -37.23 14.66 -21.53
CA ILE B 78 -36.12 15.61 -21.59
C ILE B 78 -36.59 16.91 -22.23
N PRO B 79 -36.40 18.05 -21.57
CA PRO B 79 -36.81 19.32 -22.16
C PRO B 79 -35.83 19.84 -23.20
N VAL B 80 -34.54 19.56 -22.98
CA VAL B 80 -33.52 20.12 -23.87
C VAL B 80 -33.56 19.42 -25.23
N GLY B 81 -32.92 20.07 -26.22
CA GLY B 81 -32.85 19.54 -27.56
C GLY B 81 -31.53 19.89 -28.21
N PHE B 82 -31.44 19.58 -29.51
CA PHE B 82 -30.21 19.86 -30.25
C PHE B 82 -29.91 21.35 -30.30
N ASN B 83 -30.96 22.18 -30.41
CA ASN B 83 -30.75 23.62 -30.45
C ASN B 83 -30.17 24.16 -29.15
N ASP B 84 -30.37 23.44 -28.04
CA ASP B 84 -29.81 23.87 -26.77
C ASP B 84 -28.30 23.66 -26.70
N ILE B 85 -27.71 22.99 -27.68
CA ILE B 85 -26.26 22.87 -27.78
C ILE B 85 -25.74 24.09 -28.53
N GLY B 86 -24.51 24.50 -28.20
CA GLY B 86 -23.90 25.64 -28.85
C GLY B 86 -23.50 25.37 -30.28
N GLY B 87 -22.48 26.09 -30.76
CA GLY B 87 -22.06 25.95 -32.13
C GLY B 87 -21.12 24.79 -32.38
N LEU B 88 -21.28 23.70 -31.62
CA LEU B 88 -20.47 22.51 -31.83
C LEU B 88 -20.67 21.95 -33.22
N ASP B 89 -21.89 21.50 -33.50
CA ASP B 89 -22.46 21.12 -34.80
C ASP B 89 -21.51 20.31 -35.70
N ASP B 90 -20.56 19.60 -35.09
CA ASP B 90 -19.69 18.67 -35.80
C ASP B 90 -19.77 17.27 -35.22
N ILE B 91 -19.63 17.14 -33.90
CA ILE B 91 -19.80 15.83 -33.26
C ILE B 91 -21.28 15.46 -33.21
N ILE B 92 -22.14 16.45 -32.93
CA ILE B 92 -23.58 16.21 -33.00
C ILE B 92 -23.98 15.87 -34.43
N GLU B 93 -23.33 16.48 -35.41
CA GLU B 93 -23.60 16.15 -36.80
C GLU B 93 -23.16 14.73 -37.12
N GLU B 94 -22.00 14.34 -36.60
CA GLU B 94 -21.51 12.97 -36.80
C GLU B 94 -22.48 11.95 -36.20
N LEU B 95 -22.97 12.23 -34.99
CA LEU B 95 -24.00 11.37 -34.41
C LEU B 95 -25.25 11.32 -35.29
N LYS B 96 -25.76 12.49 -35.69
CA LYS B 96 -26.98 12.55 -36.47
C LYS B 96 -26.84 11.81 -37.80
N GLU B 97 -25.61 11.76 -38.34
CA GLU B 97 -25.39 11.11 -39.62
C GLU B 97 -25.08 9.63 -39.49
N THR B 98 -24.49 9.20 -38.37
CA THR B 98 -23.96 7.85 -38.27
C THR B 98 -24.73 6.92 -37.34
N ILE B 99 -25.46 7.45 -36.35
CA ILE B 99 -26.11 6.63 -35.33
C ILE B 99 -27.61 6.55 -35.57
N ILE B 100 -28.31 7.69 -35.57
CA ILE B 100 -29.75 7.67 -35.71
C ILE B 100 -30.16 7.19 -37.09
N TYR B 101 -29.34 7.44 -38.12
CA TYR B 101 -29.72 7.06 -39.47
C TYR B 101 -29.74 5.55 -39.66
N PRO B 102 -28.69 4.79 -39.31
CA PRO B 102 -28.74 3.34 -39.55
C PRO B 102 -29.85 2.63 -38.78
N LEU B 103 -30.18 3.12 -37.58
CA LEU B 103 -31.25 2.48 -36.81
C LEU B 103 -32.63 2.75 -37.39
N THR B 104 -32.76 3.72 -38.29
CA THR B 104 -34.03 3.98 -38.95
C THR B 104 -34.46 2.80 -39.81
N ALA B 117 -23.37 -0.78 -41.86
CA ALA B 117 -24.33 -0.98 -40.77
C ALA B 117 -24.00 -0.09 -39.59
N ALA B 118 -24.94 0.02 -38.66
CA ALA B 118 -24.75 0.85 -37.48
C ALA B 118 -23.68 0.26 -36.58
N PRO B 119 -22.53 0.92 -36.40
CA PRO B 119 -21.51 0.39 -35.50
C PRO B 119 -22.01 0.35 -34.07
N SER B 120 -21.58 -0.68 -33.34
CA SER B 120 -21.98 -0.88 -31.95
C SER B 120 -20.87 -0.34 -31.05
N GLY B 121 -21.08 0.86 -30.50
CA GLY B 121 -20.11 1.47 -29.62
C GLY B 121 -19.70 2.86 -30.05
N VAL B 122 -19.92 3.85 -29.18
CA VAL B 122 -19.58 5.24 -29.42
C VAL B 122 -19.10 5.84 -28.11
N LEU B 123 -17.97 6.54 -28.15
CA LEU B 123 -17.37 7.11 -26.95
C LEU B 123 -17.43 8.62 -26.96
N LEU B 124 -17.67 9.20 -25.78
CA LEU B 124 -17.54 10.62 -25.56
C LEU B 124 -16.20 10.89 -24.89
N TYR B 125 -15.35 11.68 -25.56
CA TYR B 125 -13.95 11.81 -25.17
C TYR B 125 -13.63 13.11 -24.44
N GLY B 126 -14.45 14.14 -24.57
CA GLY B 126 -14.18 15.42 -23.96
C GLY B 126 -14.06 15.36 -22.45
N PRO B 127 -13.34 16.30 -21.87
CA PRO B 127 -13.20 16.36 -20.42
C PRO B 127 -14.42 16.99 -19.79
N PRO B 128 -14.53 16.97 -18.46
CA PRO B 128 -15.68 17.61 -17.80
C PRO B 128 -15.65 19.11 -17.98
N GLY B 129 -16.71 19.65 -18.56
CA GLY B 129 -16.80 21.08 -18.83
C GLY B 129 -17.28 21.39 -20.23
N CYS B 130 -17.19 20.40 -21.12
CA CYS B 130 -17.60 20.58 -22.50
C CYS B 130 -19.04 20.18 -22.76
N GLY B 131 -19.66 19.41 -21.86
CA GLY B 131 -21.06 19.09 -22.00
C GLY B 131 -21.32 17.67 -22.51
N LYS B 132 -20.60 16.69 -21.98
CA LYS B 132 -20.83 15.31 -22.38
C LYS B 132 -22.24 14.87 -21.99
N THR B 133 -22.61 15.06 -20.72
CA THR B 133 -23.95 14.68 -20.28
C THR B 133 -25.01 15.51 -21.00
N MET B 134 -24.70 16.77 -21.29
CA MET B 134 -25.63 17.58 -22.07
C MET B 134 -25.83 17.01 -23.46
N LEU B 135 -24.73 16.57 -24.09
CA LEU B 135 -24.83 15.96 -25.41
C LEU B 135 -25.66 14.67 -25.35
N ALA B 136 -25.44 13.86 -24.33
CA ALA B 136 -26.20 12.62 -24.20
C ALA B 136 -27.68 12.91 -23.96
N LYS B 137 -27.98 13.92 -23.16
CA LYS B 137 -29.37 14.30 -22.91
C LYS B 137 -30.04 14.80 -24.18
N ALA B 138 -29.31 15.60 -24.97
CA ALA B 138 -29.86 16.05 -26.25
C ALA B 138 -30.09 14.89 -27.21
N VAL B 139 -29.16 13.93 -27.23
CA VAL B 139 -29.33 12.77 -28.09
C VAL B 139 -30.55 11.97 -27.67
N ALA B 140 -30.77 11.86 -26.36
CA ALA B 140 -31.91 11.11 -25.85
C ALA B 140 -33.24 11.74 -26.24
N HIS B 141 -33.26 13.03 -26.58
CA HIS B 141 -34.50 13.69 -26.94
C HIS B 141 -34.86 13.42 -28.41
N GLU B 142 -33.98 13.80 -29.32
CA GLU B 142 -34.20 13.62 -30.75
C GLU B 142 -33.70 12.27 -31.25
N SER B 143 -33.52 11.29 -30.36
CA SER B 143 -33.02 9.99 -30.78
C SER B 143 -34.12 9.16 -31.44
N GLY B 144 -35.29 9.08 -30.80
CA GLY B 144 -36.36 8.23 -31.27
C GLY B 144 -36.21 6.76 -30.94
N ALA B 145 -35.05 6.35 -30.44
CA ALA B 145 -34.83 4.97 -30.06
C ALA B 145 -35.12 4.79 -28.57
N SER B 146 -34.79 3.62 -28.03
CA SER B 146 -35.02 3.32 -26.62
C SER B 146 -33.79 3.71 -25.85
N PHE B 147 -33.83 4.88 -25.20
CA PHE B 147 -32.71 5.38 -24.41
C PHE B 147 -32.76 4.74 -23.03
N ILE B 148 -31.90 3.74 -22.80
CA ILE B 148 -31.80 3.05 -21.52
C ILE B 148 -30.40 3.27 -20.98
N ASN B 149 -30.31 3.91 -19.82
CA ASN B 149 -29.05 4.10 -19.15
C ASN B 149 -28.69 2.81 -18.41
N LEU B 150 -27.71 2.90 -17.50
CA LEU B 150 -27.31 1.75 -16.70
C LEU B 150 -27.54 1.95 -15.22
N HIS B 151 -27.01 3.04 -14.63
CA HIS B 151 -27.10 3.25 -13.19
C HIS B 151 -26.46 2.10 -12.43
N ILE B 152 -25.13 2.04 -12.55
CA ILE B 152 -24.26 0.94 -12.12
C ILE B 152 -24.63 0.36 -10.77
N SER B 153 -25.16 1.19 -9.85
CA SER B 153 -25.70 0.67 -8.61
C SER B 153 -26.78 -0.38 -8.87
N THR B 154 -27.54 -0.23 -9.96
CA THR B 154 -28.52 -1.24 -10.33
C THR B 154 -27.87 -2.58 -10.61
N LEU B 155 -26.69 -2.58 -11.23
CA LEU B 155 -25.99 -3.83 -11.48
C LEU B 155 -25.40 -4.41 -10.19
N THR B 156 -24.88 -3.54 -9.32
CA THR B 156 -24.32 -4.00 -8.07
C THR B 156 -25.40 -4.56 -7.17
N GLU B 157 -25.15 -5.77 -6.64
CA GLU B 157 -26.13 -6.44 -5.80
C GLU B 157 -25.39 -7.30 -4.78
N LYS B 158 -25.97 -7.43 -3.59
CA LYS B 158 -25.35 -8.19 -2.50
C LYS B 158 -25.75 -9.66 -2.55
N TRP B 159 -25.53 -10.26 -3.72
CA TRP B 159 -25.81 -11.68 -3.91
C TRP B 159 -24.71 -12.28 -4.77
N TYR B 160 -24.74 -13.61 -4.87
CA TYR B 160 -23.70 -14.35 -5.60
C TYR B 160 -24.11 -14.63 -7.04
N GLY B 161 -25.27 -15.26 -7.24
CA GLY B 161 -25.73 -15.60 -8.57
C GLY B 161 -26.62 -14.59 -9.25
N ASP B 162 -26.82 -13.42 -8.65
CA ASP B 162 -27.67 -12.40 -9.22
C ASP B 162 -26.88 -11.24 -9.80
N SER B 163 -25.55 -11.26 -9.70
CA SER B 163 -24.70 -10.22 -10.26
C SER B 163 -24.51 -10.35 -11.76
N ASN B 164 -25.15 -11.33 -12.39
CA ASN B 164 -25.03 -11.56 -13.83
C ASN B 164 -26.41 -11.57 -14.48
N LYS B 165 -27.45 -11.76 -13.67
CA LYS B 165 -28.80 -11.82 -14.21
C LYS B 165 -29.24 -10.47 -14.77
N ILE B 166 -28.88 -9.38 -14.09
CA ILE B 166 -29.24 -8.05 -14.60
C ILE B 166 -28.45 -7.73 -15.87
N VAL B 167 -27.20 -8.19 -15.92
CA VAL B 167 -26.38 -7.99 -17.12
C VAL B 167 -27.02 -8.72 -18.30
N ARG B 168 -27.46 -9.97 -18.08
CA ARG B 168 -28.19 -10.67 -19.13
C ARG B 168 -29.49 -9.96 -19.48
N ALA B 169 -30.18 -9.43 -18.48
CA ALA B 169 -31.49 -8.83 -18.67
C ALA B 169 -31.41 -7.56 -19.51
N VAL B 170 -30.33 -6.80 -19.35
CA VAL B 170 -30.17 -5.57 -20.14
C VAL B 170 -30.14 -5.89 -21.64
N PHE B 171 -29.25 -6.80 -22.03
CA PHE B 171 -29.18 -7.18 -23.45
C PHE B 171 -30.43 -7.91 -23.89
N SER B 172 -31.08 -8.65 -22.99
CA SER B 172 -32.31 -9.34 -23.35
C SER B 172 -33.41 -8.34 -23.70
N LEU B 173 -33.59 -7.32 -22.84
CA LEU B 173 -34.57 -6.28 -23.12
C LEU B 173 -34.19 -5.48 -24.36
N ALA B 174 -32.90 -5.28 -24.60
CA ALA B 174 -32.46 -4.64 -25.83
C ALA B 174 -32.91 -5.46 -27.04
N LYS B 175 -32.76 -6.78 -26.96
CA LYS B 175 -33.24 -7.66 -28.01
C LYS B 175 -34.76 -7.68 -28.10
N LYS B 176 -35.46 -7.35 -27.01
CA LYS B 176 -36.91 -7.37 -27.03
C LYS B 176 -37.46 -6.21 -27.84
N LEU B 177 -36.93 -5.01 -27.63
CA LEU B 177 -37.45 -3.79 -28.23
C LEU B 177 -36.34 -3.04 -28.96
N GLN B 178 -36.65 -2.54 -30.14
CA GLN B 178 -35.71 -1.75 -30.94
C GLN B 178 -36.45 -0.58 -31.55
N PRO B 179 -35.76 0.53 -31.86
CA PRO B 179 -34.32 0.68 -31.58
C PRO B 179 -34.06 0.90 -30.10
N SER B 180 -32.81 0.68 -29.67
CA SER B 180 -32.48 0.75 -28.25
C SER B 180 -31.21 1.58 -28.07
N ILE B 181 -31.03 2.10 -26.87
CA ILE B 181 -29.87 2.90 -26.49
C ILE B 181 -29.43 2.47 -25.11
N ILE B 182 -28.14 2.17 -24.96
CA ILE B 182 -27.61 1.67 -23.70
C ILE B 182 -26.52 2.61 -23.20
N PHE B 183 -26.70 3.91 -23.41
CA PHE B 183 -25.76 4.91 -22.93
C PHE B 183 -25.53 4.76 -21.43
N ILE B 184 -24.25 4.85 -21.04
CA ILE B 184 -23.86 4.68 -19.65
C ILE B 184 -22.83 5.74 -19.29
N ASP B 185 -23.27 6.79 -18.60
CA ASP B 185 -22.33 7.83 -18.17
C ASP B 185 -21.27 7.31 -17.20
N GLU B 186 -20.10 7.94 -17.26
CA GLU B 186 -18.94 7.49 -16.49
C GLU B 186 -18.65 6.01 -16.76
N ILE B 187 -18.37 5.70 -18.04
CA ILE B 187 -18.16 4.31 -18.44
C ILE B 187 -16.87 3.78 -17.85
N ASP B 188 -15.97 4.67 -17.42
CA ASP B 188 -14.77 4.25 -16.73
C ASP B 188 -15.06 4.13 -15.23
N ALA B 189 -16.13 3.45 -14.89
CA ALA B 189 -16.48 3.20 -13.50
C ALA B 189 -16.78 1.74 -13.20
N VAL B 190 -17.43 1.04 -14.13
CA VAL B 190 -17.79 -0.37 -13.92
C VAL B 190 -16.93 -1.25 -14.80
N LEU B 191 -16.55 -0.75 -15.98
CA LEU B 191 -15.67 -1.47 -16.88
C LEU B 191 -14.21 -1.18 -16.50
N GLY B 192 -13.85 -1.62 -15.31
CA GLY B 192 -12.51 -1.42 -14.79
C GLY B 192 -11.45 -2.24 -15.52
N GLU B 200 -14.56 -11.57 -7.37
CA GLU B 200 -15.25 -12.52 -8.24
C GLU B 200 -16.57 -11.95 -8.74
N ALA B 201 -16.85 -10.70 -8.35
CA ALA B 201 -18.07 -10.01 -8.75
C ALA B 201 -17.83 -8.96 -9.83
N SER B 202 -16.90 -8.03 -9.58
CA SER B 202 -16.63 -7.00 -10.58
C SER B 202 -16.05 -7.60 -11.86
N GLY B 203 -15.06 -8.48 -11.73
CA GLY B 203 -14.52 -9.15 -12.89
C GLY B 203 -15.54 -10.01 -13.60
N MET B 204 -16.41 -10.69 -12.85
CA MET B 204 -17.43 -11.53 -13.44
C MET B 204 -18.41 -10.69 -14.26
N VAL B 205 -18.88 -9.57 -13.68
CA VAL B 205 -19.83 -8.72 -14.39
C VAL B 205 -19.18 -8.08 -15.60
N LYS B 206 -17.91 -7.70 -15.49
CA LYS B 206 -17.20 -7.11 -16.63
C LYS B 206 -17.07 -8.13 -17.76
N ALA B 207 -16.66 -9.35 -17.43
CA ALA B 207 -16.49 -10.39 -18.45
C ALA B 207 -17.83 -10.73 -19.10
N GLU B 208 -18.89 -10.83 -18.30
CA GLU B 208 -20.18 -11.17 -18.88
C GLU B 208 -20.77 -10.03 -19.70
N PHE B 209 -20.45 -8.78 -19.34
CA PHE B 209 -20.89 -7.65 -20.15
C PHE B 209 -20.16 -7.63 -21.49
N MET B 210 -18.85 -7.85 -21.47
CA MET B 210 -18.09 -7.89 -22.71
C MET B 210 -18.45 -9.12 -23.55
N THR B 211 -18.96 -10.18 -22.92
CA THR B 211 -19.36 -11.36 -23.68
C THR B 211 -20.56 -11.08 -24.56
N LEU B 212 -21.62 -10.48 -24.00
CA LEU B 212 -22.82 -10.17 -24.75
C LEU B 212 -22.81 -8.74 -25.30
N TRP B 213 -21.66 -8.06 -25.26
CA TRP B 213 -21.58 -6.71 -25.80
C TRP B 213 -21.83 -6.71 -27.30
N ASP B 214 -21.26 -7.67 -28.01
CA ASP B 214 -21.48 -7.81 -29.46
C ASP B 214 -22.63 -8.78 -29.75
N GLY B 215 -23.82 -8.44 -29.28
CA GLY B 215 -24.99 -9.27 -29.49
C GLY B 215 -25.41 -9.33 -30.95
N VAL B 224 -30.08 -7.89 -39.66
CA VAL B 224 -29.98 -6.69 -38.83
C VAL B 224 -29.22 -6.99 -37.55
N PRO B 225 -28.23 -6.15 -37.21
CA PRO B 225 -27.45 -6.37 -36.00
C PRO B 225 -28.15 -5.88 -34.73
N ASN B 226 -29.44 -6.20 -34.59
CA ASN B 226 -30.26 -5.92 -33.42
C ASN B 226 -30.53 -4.43 -33.19
N ARG B 227 -29.98 -3.54 -34.02
CA ARG B 227 -30.18 -2.09 -33.86
C ARG B 227 -29.72 -1.61 -32.48
N ILE B 228 -28.69 -2.24 -31.94
CA ILE B 228 -28.18 -1.88 -30.61
C ILE B 228 -26.99 -0.95 -30.78
N VAL B 229 -26.97 0.11 -29.98
CA VAL B 229 -25.91 1.13 -30.04
C VAL B 229 -25.34 1.32 -28.65
N VAL B 230 -24.03 1.50 -28.58
CA VAL B 230 -23.32 1.72 -27.33
C VAL B 230 -22.75 3.14 -27.35
N LEU B 231 -23.00 3.90 -26.29
CA LEU B 231 -22.53 5.27 -26.17
C LEU B 231 -21.85 5.44 -24.82
N GLY B 232 -20.59 5.84 -24.83
CA GLY B 232 -19.82 6.05 -23.62
C GLY B 232 -19.48 7.51 -23.44
N ALA B 233 -19.47 7.96 -22.18
CA ALA B 233 -19.23 9.35 -21.83
C ALA B 233 -18.26 9.45 -20.66
N THR B 234 -17.15 8.72 -20.74
CA THR B 234 -16.16 8.73 -19.66
C THR B 234 -15.56 10.12 -19.49
N ASN B 235 -15.36 10.52 -18.24
CA ASN B 235 -14.74 11.82 -17.97
C ASN B 235 -13.24 11.80 -18.21
N ARG B 236 -12.63 10.62 -18.21
CA ARG B 236 -11.20 10.49 -18.44
C ARG B 236 -10.95 9.27 -19.33
N ILE B 237 -9.88 9.37 -20.13
CA ILE B 237 -9.53 8.33 -21.08
C ILE B 237 -8.04 8.04 -20.87
N ASN B 238 -7.48 7.11 -21.64
CA ASN B 238 -6.15 6.49 -21.62
C ASN B 238 -5.95 5.56 -20.42
N ASP B 239 -6.93 5.46 -19.53
CA ASP B 239 -6.91 4.52 -18.42
C ASP B 239 -8.25 3.79 -18.32
N ILE B 240 -8.86 3.51 -19.48
CA ILE B 240 -10.24 3.03 -19.54
C ILE B 240 -10.28 1.81 -20.45
N ASP B 241 -10.48 0.63 -19.86
CA ASP B 241 -10.95 -0.62 -20.48
C ASP B 241 -10.43 -0.83 -21.90
N GLU B 242 -9.10 -0.84 -22.02
CA GLU B 242 -8.47 -0.99 -23.34
C GLU B 242 -8.83 -2.30 -24.00
N ALA B 243 -9.19 -3.32 -23.22
CA ALA B 243 -9.63 -4.59 -23.80
C ALA B 243 -10.92 -4.39 -24.60
N ILE B 244 -11.88 -3.67 -24.05
CA ILE B 244 -13.13 -3.38 -24.75
C ILE B 244 -13.12 -2.03 -25.44
N LEU B 245 -12.28 -1.08 -24.99
CA LEU B 245 -12.18 0.20 -25.68
C LEU B 245 -11.69 0.03 -27.10
N ARG B 246 -10.82 -0.95 -27.34
CA ARG B 246 -10.39 -1.24 -28.70
C ARG B 246 -11.50 -1.89 -29.53
N ARG B 247 -12.39 -2.64 -28.89
CA ARG B 247 -13.45 -3.33 -29.62
C ARG B 247 -14.47 -2.34 -30.16
N MET B 248 -14.72 -1.26 -29.44
CA MET B 248 -15.73 -0.30 -29.86
C MET B 248 -15.24 0.46 -31.09
N PRO B 249 -16.09 0.68 -32.09
CA PRO B 249 -15.61 1.23 -33.37
C PRO B 249 -15.13 2.67 -33.30
N LYS B 250 -15.96 3.56 -32.75
CA LYS B 250 -15.72 4.99 -32.85
C LYS B 250 -15.63 5.63 -31.47
N GLN B 251 -15.16 6.88 -31.47
CA GLN B 251 -15.06 7.70 -30.27
C GLN B 251 -14.87 9.15 -30.69
N PHE B 252 -15.64 10.06 -30.09
CA PHE B 252 -15.64 11.44 -30.53
C PHE B 252 -15.05 12.35 -29.46
N PRO B 253 -13.93 13.01 -29.72
CA PRO B 253 -13.38 13.96 -28.74
C PRO B 253 -14.21 15.23 -28.68
N VAL B 254 -14.34 15.79 -27.49
CA VAL B 254 -15.09 17.02 -27.28
C VAL B 254 -14.16 18.06 -26.67
N PRO B 255 -13.47 18.86 -27.48
CA PRO B 255 -12.51 19.83 -26.93
C PRO B 255 -13.16 21.08 -26.36
N LEU B 256 -12.33 22.03 -25.92
CA LEU B 256 -12.80 23.28 -25.34
C LEU B 256 -13.52 24.14 -26.37
N PRO B 257 -14.24 25.18 -25.95
CA PRO B 257 -14.98 26.01 -26.91
C PRO B 257 -14.10 26.96 -27.70
N GLY B 258 -14.16 26.88 -29.02
CA GLY B 258 -13.46 27.82 -29.87
C GLY B 258 -14.11 29.19 -29.85
N LEU B 259 -13.69 30.02 -30.81
CA LEU B 259 -14.22 31.38 -30.91
C LEU B 259 -15.71 31.37 -31.20
N GLU B 260 -16.10 30.75 -32.32
CA GLU B 260 -17.52 30.61 -32.63
C GLU B 260 -18.22 29.78 -31.57
N GLN B 261 -17.54 28.79 -31.01
CA GLN B 261 -18.13 27.96 -29.96
C GLN B 261 -18.44 28.78 -28.72
N ARG B 262 -17.47 29.58 -28.27
CA ARG B 262 -17.70 30.39 -27.08
C ARG B 262 -18.72 31.50 -27.35
N ARG B 263 -18.76 32.01 -28.59
CA ARG B 263 -19.80 32.99 -28.93
C ARG B 263 -21.18 32.36 -28.86
N ARG B 264 -21.32 31.14 -29.37
CA ARG B 264 -22.60 30.44 -29.27
C ARG B 264 -22.95 30.15 -27.81
N ILE B 265 -21.94 29.83 -27.00
CA ILE B 265 -22.18 29.59 -25.59
C ILE B 265 -22.67 30.86 -24.90
N LEU B 266 -22.09 32.02 -25.26
CA LEU B 266 -22.59 33.28 -24.73
C LEU B 266 -24.03 33.55 -25.16
N GLU B 267 -24.33 33.35 -26.44
CA GLU B 267 -25.66 33.66 -26.96
C GLU B 267 -26.74 32.68 -26.53
N LEU B 268 -26.36 31.48 -26.12
CA LEU B 268 -27.37 30.47 -25.80
C LEU B 268 -27.84 30.59 -24.35
N VAL B 269 -26.92 30.61 -23.40
CA VAL B 269 -27.31 30.68 -21.99
C VAL B 269 -27.96 32.02 -21.68
N LEU B 270 -27.50 33.09 -22.32
CA LEU B 270 -28.13 34.40 -22.14
C LEU B 270 -29.44 34.47 -22.92
N ARG B 271 -30.48 33.81 -22.41
CA ARG B 271 -31.77 33.73 -23.07
C ARG B 271 -32.87 34.48 -22.34
N GLY B 272 -32.94 34.36 -21.03
CA GLY B 272 -33.98 35.02 -20.26
C GLY B 272 -33.60 36.40 -19.78
N THR B 273 -32.36 36.56 -19.34
CA THR B 273 -31.89 37.84 -18.82
C THR B 273 -31.88 38.89 -19.94
N LYS B 274 -32.14 40.13 -19.56
CA LYS B 274 -32.13 41.23 -20.51
C LYS B 274 -30.72 41.40 -21.10
N ARG B 275 -30.62 42.24 -22.13
CA ARG B 275 -29.37 42.43 -22.83
C ARG B 275 -28.53 43.55 -22.25
N ASP B 276 -29.04 44.32 -21.29
CA ASP B 276 -28.25 45.32 -20.57
C ASP B 276 -28.43 45.18 -19.06
N PRO B 277 -28.09 44.02 -18.47
CA PRO B 277 -27.98 43.95 -17.01
C PRO B 277 -26.57 44.26 -16.57
N ASP B 278 -25.66 44.27 -17.54
CA ASP B 278 -24.24 44.40 -17.30
C ASP B 278 -23.65 45.17 -18.48
N PHE B 279 -22.33 45.11 -18.64
CA PHE B 279 -21.64 45.90 -19.67
C PHE B 279 -22.12 45.55 -21.08
N ASP B 280 -21.88 44.31 -21.51
CA ASP B 280 -22.24 43.89 -22.87
C ASP B 280 -21.92 42.41 -23.01
N LEU B 281 -22.55 41.79 -24.01
CA LEU B 281 -22.36 40.37 -24.28
C LEU B 281 -21.08 40.08 -25.06
N ASP B 282 -20.67 40.99 -25.94
CA ASP B 282 -19.53 40.72 -26.82
C ASP B 282 -18.22 40.65 -26.02
N TYR B 283 -18.06 41.55 -25.05
CA TYR B 283 -16.81 41.59 -24.29
C TYR B 283 -16.64 40.34 -23.42
N ILE B 284 -17.73 39.68 -23.04
CA ILE B 284 -17.61 38.49 -22.21
C ILE B 284 -16.89 37.37 -22.97
N ALA B 285 -17.02 37.35 -24.29
CA ALA B 285 -16.30 36.39 -25.12
C ALA B 285 -14.89 36.88 -25.46
N ARG B 286 -14.17 37.31 -24.44
CA ARG B 286 -12.79 37.76 -24.55
C ARG B 286 -11.86 37.07 -23.57
N VAL B 287 -12.32 36.80 -22.36
CA VAL B 287 -11.56 36.06 -21.37
C VAL B 287 -12.12 34.67 -21.13
N THR B 288 -13.36 34.40 -21.56
CA THR B 288 -14.00 33.11 -21.34
C THR B 288 -13.45 32.01 -22.23
N ALA B 289 -12.39 32.27 -22.99
CA ALA B 289 -11.80 31.23 -23.83
C ALA B 289 -11.28 30.07 -22.98
N GLY B 290 -10.68 30.37 -21.84
CA GLY B 290 -10.12 29.35 -20.98
C GLY B 290 -11.17 28.46 -20.33
N MET B 291 -12.17 29.08 -19.73
CA MET B 291 -13.21 28.33 -19.02
C MET B 291 -14.01 27.46 -20.00
N SER B 292 -14.73 26.50 -19.44
CA SER B 292 -15.52 25.56 -20.21
C SER B 292 -17.00 25.96 -20.21
N GLY B 293 -17.82 25.09 -20.79
CA GLY B 293 -19.25 25.38 -20.88
C GLY B 293 -19.95 25.42 -19.54
N SER B 294 -19.35 24.82 -18.51
CA SER B 294 -19.97 24.83 -17.19
C SER B 294 -19.53 26.04 -16.38
N ASP B 295 -18.24 26.38 -16.42
CA ASP B 295 -17.77 27.57 -15.74
C ASP B 295 -18.38 28.82 -16.36
N ILE B 296 -18.54 28.84 -17.68
CA ILE B 296 -19.20 29.97 -18.33
C ILE B 296 -20.65 30.07 -17.88
N LYS B 297 -21.32 28.93 -17.70
CA LYS B 297 -22.71 28.94 -17.29
C LYS B 297 -22.83 29.44 -15.85
N GLU B 298 -21.93 29.01 -14.97
CA GLU B 298 -21.99 29.46 -13.58
C GLU B 298 -21.67 30.94 -13.47
N THR B 299 -20.70 31.41 -14.25
CA THR B 299 -20.38 32.84 -14.24
C THR B 299 -21.55 33.65 -14.81
N CYS B 300 -22.24 33.12 -15.81
CA CYS B 300 -23.43 33.78 -16.32
C CYS B 300 -24.54 33.82 -15.27
N ARG B 301 -24.71 32.73 -14.52
CA ARG B 301 -25.69 32.73 -13.43
C ARG B 301 -25.34 33.79 -12.38
N ASP B 302 -24.06 33.90 -12.05
CA ASP B 302 -23.63 34.92 -11.09
C ASP B 302 -23.92 36.33 -11.61
N ALA B 303 -23.54 36.59 -12.86
CA ALA B 303 -23.77 37.91 -13.44
C ALA B 303 -25.26 38.22 -13.58
N ALA B 304 -26.09 37.19 -13.72
CA ALA B 304 -27.53 37.42 -13.79
C ALA B 304 -28.10 37.71 -12.40
N MET B 305 -27.67 36.94 -11.39
CA MET B 305 -28.08 37.18 -10.02
C MET B 305 -27.60 38.52 -9.48
N ALA B 306 -26.54 39.09 -10.07
CA ALA B 306 -26.02 40.37 -9.57
C ALA B 306 -27.07 41.47 -9.63
N PRO B 307 -27.72 41.74 -10.77
CA PRO B 307 -28.73 42.80 -10.78
C PRO B 307 -29.93 42.48 -9.90
N MET B 308 -30.40 41.24 -9.91
CA MET B 308 -31.46 40.86 -8.97
C MET B 308 -30.98 40.96 -7.53
N ARG B 309 -29.70 40.67 -7.29
CA ARG B 309 -29.11 40.91 -5.98
C ARG B 309 -29.25 42.37 -5.57
N GLU B 310 -28.89 43.28 -6.47
CA GLU B 310 -28.99 44.71 -6.17
C GLU B 310 -30.44 45.10 -5.91
N TYR B 311 -31.36 44.58 -6.73
CA TYR B 311 -32.76 44.96 -6.58
C TYR B 311 -33.35 44.45 -5.27
N ILE B 312 -33.00 43.21 -4.89
CA ILE B 312 -33.50 42.66 -3.64
C ILE B 312 -32.88 43.39 -2.45
N ARG B 313 -31.62 43.77 -2.57
CA ARG B 313 -30.99 44.56 -1.50
C ARG B 313 -31.66 45.92 -1.35
N GLN B 314 -32.04 46.53 -2.47
CA GLN B 314 -32.76 47.80 -2.42
C GLN B 314 -34.14 47.60 -1.78
N HIS B 315 -34.83 46.53 -2.16
CA HIS B 315 -36.15 46.24 -1.62
C HIS B 315 -36.10 45.85 -0.15
N ARG B 316 -34.95 45.42 0.36
CA ARG B 316 -34.83 45.11 1.78
C ARG B 316 -35.11 46.30 2.68
N ALA B 317 -35.02 47.53 2.15
CA ALA B 317 -35.29 48.71 2.97
C ALA B 317 -36.72 48.71 3.49
N SER B 318 -37.68 48.31 2.66
CA SER B 318 -39.08 48.27 3.07
C SER B 318 -39.87 47.58 1.97
N GLY B 319 -41.12 47.23 2.28
CA GLY B 319 -41.99 46.58 1.32
C GLY B 319 -42.01 45.08 1.44
N LYS B 320 -43.16 44.48 1.16
CA LYS B 320 -43.28 43.03 1.21
C LYS B 320 -42.42 42.40 0.11
N PRO B 321 -41.69 41.31 0.40
CA PRO B 321 -40.84 40.71 -0.63
C PRO B 321 -41.65 40.03 -1.73
N LEU B 322 -42.23 40.83 -2.61
CA LEU B 322 -43.03 40.34 -3.72
C LEU B 322 -42.25 40.44 -5.02
N SER B 323 -42.55 39.55 -5.96
CA SER B 323 -41.87 39.54 -7.25
C SER B 323 -42.21 40.80 -8.04
N GLU B 324 -41.41 41.07 -9.06
CA GLU B 324 -41.60 42.24 -9.90
C GLU B 324 -41.61 41.85 -11.38
N ILE B 325 -41.56 42.84 -12.27
CA ILE B 325 -41.55 42.57 -13.70
C ILE B 325 -40.38 43.30 -14.36
N ASN B 326 -39.33 43.53 -13.58
CA ASN B 326 -38.15 44.22 -14.09
C ASN B 326 -37.01 44.00 -13.11
N PRO B 327 -35.76 44.21 -13.55
CA PRO B 327 -34.59 44.04 -12.68
C PRO B 327 -34.51 45.10 -11.60
N GLU C 16 -32.33 -9.50 10.29
CA GLU C 16 -31.97 -8.52 9.27
C GLU C 16 -33.14 -7.58 8.97
N LYS C 17 -34.36 -8.11 9.13
CA LYS C 17 -35.56 -7.33 8.86
C LYS C 17 -36.06 -6.62 10.12
N ASN C 18 -36.00 -7.29 11.26
CA ASN C 18 -36.46 -6.68 12.51
C ASN C 18 -35.59 -5.47 12.87
N GLU C 19 -34.27 -5.62 12.78
CA GLU C 19 -33.37 -4.49 12.99
C GLU C 19 -33.61 -3.44 11.92
N ARG C 20 -33.83 -3.88 10.68
CA ARG C 20 -34.20 -2.94 9.62
C ARG C 20 -35.55 -2.29 9.90
N THR C 21 -36.45 -3.00 10.56
CA THR C 21 -37.74 -2.40 10.93
C THR C 21 -37.55 -1.32 11.98
N ARG C 22 -36.67 -1.57 12.97
CA ARG C 22 -36.34 -0.52 13.93
C ARG C 22 -35.69 0.67 13.25
N ILE C 23 -34.81 0.40 12.27
CA ILE C 23 -34.18 1.48 11.51
C ILE C 23 -35.23 2.33 10.80
N LYS C 24 -36.16 1.67 10.11
CA LYS C 24 -37.18 2.41 9.38
C LYS C 24 -38.13 3.14 10.32
N ALA C 25 -38.37 2.59 11.52
CA ALA C 25 -39.20 3.28 12.50
C ALA C 25 -38.53 4.56 12.98
N GLN C 26 -37.25 4.46 13.36
CA GLN C 26 -36.52 5.66 13.76
C GLN C 26 -36.44 6.67 12.62
N GLU C 27 -36.29 6.18 11.39
CA GLU C 27 -36.29 7.06 10.23
C GLU C 27 -37.63 7.76 10.09
N ASN C 28 -38.73 7.04 10.30
CA ASN C 28 -40.04 7.67 10.26
C ASN C 28 -40.16 8.77 11.30
N LEU C 29 -39.73 8.49 12.53
CA LEU C 29 -39.80 9.51 13.59
C LEU C 29 -38.98 10.74 13.23
N ARG C 30 -37.74 10.55 12.78
CA ARG C 30 -36.86 11.67 12.47
C ARG C 30 -37.41 12.47 11.28
N ARG C 31 -37.90 11.76 10.25
CA ARG C 31 -38.45 12.45 9.10
C ARG C 31 -39.71 13.22 9.44
N ILE C 32 -40.55 12.69 10.33
CA ILE C 32 -41.75 13.40 10.72
C ILE C 32 -41.40 14.65 11.52
N ARG C 33 -40.44 14.53 12.45
CA ARG C 33 -40.06 15.69 13.23
C ARG C 33 -39.37 16.75 12.37
N ARG C 34 -38.70 16.33 11.30
CA ARG C 34 -38.12 17.30 10.38
C ARG C 34 -39.19 17.96 9.52
N LYS C 35 -40.12 17.17 8.99
CA LYS C 35 -41.12 17.70 8.07
C LYS C 35 -42.08 18.64 8.78
N GLN C 36 -42.64 18.20 9.91
CA GLN C 36 -43.64 19.02 10.60
C GLN C 36 -43.04 20.29 11.17
N ILE C 37 -41.73 20.33 11.41
CA ILE C 37 -41.07 21.52 11.92
C ILE C 37 -41.60 21.89 13.30
N ASP C 58 -46.07 10.83 6.75
CA ASP C 58 -47.09 10.73 5.71
C ASP C 58 -46.54 10.09 4.44
N LEU C 59 -45.29 10.42 4.10
CA LEU C 59 -44.66 9.88 2.91
C LEU C 59 -44.19 8.44 3.19
N VAL C 60 -43.84 7.75 2.11
CA VAL C 60 -43.41 6.36 2.17
C VAL C 60 -42.02 6.25 1.55
N LEU C 61 -41.32 5.19 1.90
CA LEU C 61 -40.00 4.91 1.35
C LEU C 61 -39.93 3.44 0.92
N ASN C 62 -38.73 2.99 0.57
CA ASN C 62 -38.52 1.67 0.01
C ASN C 62 -37.99 0.65 1.01
N GLU C 63 -37.89 1.03 2.29
CA GLU C 63 -37.33 0.19 3.36
C GLU C 63 -35.82 -0.01 3.22
N TYR C 64 -35.20 0.63 2.23
CA TYR C 64 -33.78 0.51 1.97
C TYR C 64 -33.04 1.82 2.15
N GLU C 65 -33.65 2.93 1.76
CA GLU C 65 -33.06 4.25 1.93
C GLU C 65 -33.39 4.89 3.27
N ASN C 66 -33.98 4.14 4.20
CA ASN C 66 -34.26 4.70 5.51
C ASN C 66 -32.99 5.05 6.26
N GLN C 67 -31.89 4.35 5.98
CA GLN C 67 -30.64 4.55 6.68
C GLN C 67 -29.86 5.75 6.16
N VAL C 68 -30.46 6.57 5.30
CA VAL C 68 -29.90 7.86 4.94
C VAL C 68 -30.76 9.01 5.46
N ALA C 69 -32.06 8.79 5.67
CA ALA C 69 -32.89 9.78 6.34
C ALA C 69 -32.68 9.79 7.84
N LEU C 70 -31.87 8.88 8.38
CA LEU C 70 -31.48 8.88 9.78
C LEU C 70 -30.39 9.89 10.08
N GLU C 71 -30.03 10.73 9.11
CA GLU C 71 -29.05 11.80 9.31
C GLU C 71 -29.63 13.18 9.05
N VAL C 72 -30.93 13.29 8.78
CA VAL C 72 -31.56 14.59 8.59
C VAL C 72 -31.48 15.37 9.89
N VAL C 73 -30.73 16.46 9.90
CA VAL C 73 -30.57 17.28 11.09
C VAL C 73 -31.80 18.15 11.27
N ALA C 74 -32.36 18.14 12.47
CA ALA C 74 -33.52 18.97 12.75
C ALA C 74 -33.12 20.45 12.69
N PRO C 75 -34.10 21.36 12.60
CA PRO C 75 -33.78 22.78 12.50
C PRO C 75 -33.54 23.46 13.84
N GLU C 76 -34.09 22.94 14.93
CA GLU C 76 -34.04 23.62 16.22
C GLU C 76 -32.94 23.10 17.13
N ASP C 77 -32.27 22.02 16.76
CA ASP C 77 -31.23 21.47 17.62
C ASP C 77 -29.87 22.13 17.42
N ILE C 78 -29.56 22.58 16.21
CA ILE C 78 -28.30 23.29 15.95
C ILE C 78 -28.37 24.63 16.66
N PRO C 79 -27.55 24.85 17.70
CA PRO C 79 -27.71 26.04 18.53
C PRO C 79 -27.03 27.28 17.99
N VAL C 80 -26.61 27.26 16.72
CA VAL C 80 -25.89 28.37 16.12
C VAL C 80 -26.74 29.00 15.03
N GLY C 81 -26.32 30.18 14.60
CA GLY C 81 -27.02 30.90 13.55
C GLY C 81 -26.07 31.80 12.78
N PHE C 82 -26.62 32.48 11.78
CA PHE C 82 -25.84 33.42 10.99
C PHE C 82 -25.51 34.69 11.75
N ASN C 83 -26.17 34.96 12.88
CA ASN C 83 -25.96 36.21 13.59
C ASN C 83 -24.80 36.14 14.56
N ASP C 84 -24.50 34.96 15.11
CA ASP C 84 -23.46 34.80 16.12
C ASP C 84 -22.18 34.20 15.56
N ILE C 85 -21.80 34.58 14.34
CA ILE C 85 -20.53 34.17 13.73
C ILE C 85 -19.85 35.45 13.26
N GLY C 86 -19.03 36.04 14.12
CA GLY C 86 -18.28 37.22 13.74
C GLY C 86 -17.21 36.88 12.72
N GLY C 87 -16.58 37.93 12.20
CA GLY C 87 -15.55 37.71 11.21
C GLY C 87 -16.09 37.62 9.81
N LEU C 88 -16.35 36.39 9.37
CA LEU C 88 -16.85 36.10 8.02
C LEU C 88 -18.09 36.92 7.70
N ASP C 89 -17.97 37.85 6.76
CA ASP C 89 -19.06 38.75 6.39
C ASP C 89 -19.49 38.57 4.95
N ASP C 90 -18.57 38.64 4.00
CA ASP C 90 -18.92 38.42 2.61
C ASP C 90 -19.42 36.99 2.38
N ILE C 91 -18.85 36.03 3.11
CA ILE C 91 -19.36 34.66 3.04
C ILE C 91 -20.75 34.59 3.65
N ILE C 92 -20.92 35.16 4.84
CA ILE C 92 -22.21 35.07 5.53
C ILE C 92 -23.30 35.82 4.79
N GLU C 93 -22.94 36.75 3.90
CA GLU C 93 -23.91 37.46 3.07
C GLU C 93 -24.08 36.78 1.71
N GLU C 94 -22.98 36.32 1.11
CA GLU C 94 -23.06 35.71 -0.21
C GLU C 94 -23.80 34.38 -0.16
N LEU C 95 -23.63 33.63 0.94
CA LEU C 95 -24.43 32.41 1.10
C LEU C 95 -25.91 32.76 1.28
N LYS C 96 -26.21 33.74 2.13
CA LYS C 96 -27.60 34.08 2.40
C LYS C 96 -28.32 34.63 1.17
N GLU C 97 -27.58 35.23 0.22
CA GLU C 97 -28.22 35.85 -0.92
C GLU C 97 -28.12 35.04 -2.20
N THR C 98 -27.11 34.19 -2.35
CA THR C 98 -26.80 33.56 -3.63
C THR C 98 -27.08 32.06 -3.66
N ILE C 99 -27.07 31.38 -2.52
CA ILE C 99 -27.22 29.93 -2.52
C ILE C 99 -28.38 29.50 -1.64
N ILE C 100 -28.37 29.92 -0.37
CA ILE C 100 -29.42 29.47 0.55
C ILE C 100 -30.75 30.12 0.21
N TYR C 101 -30.75 31.33 -0.34
CA TYR C 101 -32.02 31.98 -0.60
C TYR C 101 -32.19 32.39 -2.06
N PRO C 102 -31.74 31.57 -3.02
CA PRO C 102 -32.52 31.40 -4.25
C PRO C 102 -33.29 30.10 -4.17
N LEU C 103 -32.95 29.30 -3.16
CA LEU C 103 -33.52 27.97 -3.01
C LEU C 103 -34.88 28.02 -2.33
N THR C 104 -34.93 28.52 -1.10
CA THR C 104 -36.19 28.73 -0.44
C THR C 104 -36.89 29.95 -1.03
N MET C 105 -38.20 29.82 -1.22
CA MET C 105 -39.00 30.82 -1.92
C MET C 105 -38.46 31.05 -3.33
N PRO C 106 -38.39 30.01 -4.17
CA PRO C 106 -37.86 30.20 -5.53
C PRO C 106 -38.83 30.90 -6.46
N HIS C 107 -40.06 31.16 -6.01
CA HIS C 107 -41.06 31.77 -6.88
C HIS C 107 -40.65 33.17 -7.32
N LEU C 108 -39.86 33.88 -6.53
CA LEU C 108 -39.45 35.22 -6.90
C LEU C 108 -38.24 35.24 -7.82
N TYR C 109 -37.71 34.07 -8.19
CA TYR C 109 -36.67 33.97 -9.21
C TYR C 109 -37.16 33.21 -10.43
N LYS C 110 -38.47 33.04 -10.59
CA LYS C 110 -39.02 32.20 -11.64
C LYS C 110 -39.01 32.86 -13.01
N HIS C 111 -38.54 34.11 -13.12
CA HIS C 111 -38.50 34.77 -14.42
C HIS C 111 -37.59 34.04 -15.40
N GLY C 112 -36.41 33.62 -14.93
CA GLY C 112 -35.48 32.92 -15.78
C GLY C 112 -35.81 31.45 -15.92
N GLY C 113 -35.02 30.77 -16.74
CA GLY C 113 -35.15 29.34 -16.93
C GLY C 113 -34.25 28.59 -15.98
N ALA C 114 -33.23 27.92 -16.52
CA ALA C 114 -32.22 27.30 -15.67
C ALA C 114 -31.53 28.34 -14.79
N LEU C 115 -31.36 29.56 -15.30
CA LEU C 115 -30.81 30.64 -14.51
C LEU C 115 -31.79 31.04 -13.40
N LEU C 116 -31.31 31.90 -12.51
CA LEU C 116 -32.11 32.35 -11.37
C LEU C 116 -32.51 31.18 -10.48
N ALA C 117 -31.63 30.20 -10.36
CA ALA C 117 -31.86 29.03 -9.54
C ALA C 117 -30.68 28.82 -8.60
N ALA C 118 -30.87 27.96 -7.62
CA ALA C 118 -29.84 27.69 -6.64
C ALA C 118 -28.62 27.05 -7.32
N PRO C 119 -27.42 27.59 -7.13
CA PRO C 119 -26.24 26.98 -7.76
C PRO C 119 -25.97 25.61 -7.14
N SER C 120 -25.94 24.60 -8.00
CA SER C 120 -25.88 23.21 -7.54
C SER C 120 -24.48 22.86 -7.04
N GLY C 121 -24.15 23.25 -5.82
CA GLY C 121 -22.88 22.88 -5.22
C GLY C 121 -22.18 24.00 -4.49
N VAL C 122 -21.57 23.69 -3.34
CA VAL C 122 -20.79 24.65 -2.57
C VAL C 122 -19.61 23.90 -1.96
N LEU C 123 -18.51 24.60 -1.74
CA LEU C 123 -17.29 23.95 -1.26
C LEU C 123 -16.91 24.30 0.17
N LEU C 124 -16.85 25.59 0.52
CA LEU C 124 -16.47 26.00 1.88
C LEU C 124 -15.07 25.54 2.25
N TYR C 125 -14.08 25.91 1.45
CA TYR C 125 -12.72 25.51 1.73
C TYR C 125 -12.01 26.55 2.58
N GLY C 126 -11.00 26.10 3.33
CA GLY C 126 -10.24 26.98 4.18
C GLY C 126 -9.41 26.22 5.19
N PRO C 127 -8.52 26.91 5.88
CA PRO C 127 -7.69 26.27 6.90
C PRO C 127 -8.54 25.74 8.05
N PRO C 128 -8.00 24.85 8.86
CA PRO C 128 -8.78 24.27 9.95
C PRO C 128 -8.96 25.26 11.10
N GLY C 129 -10.15 25.29 11.66
CA GLY C 129 -10.43 26.16 12.80
C GLY C 129 -10.71 27.59 12.41
N CYS C 130 -11.58 27.79 11.41
CA CYS C 130 -11.94 29.15 11.02
C CYS C 130 -13.43 29.29 10.73
N GLY C 131 -14.24 28.31 11.11
CA GLY C 131 -15.67 28.43 11.00
C GLY C 131 -16.27 27.99 9.68
N LYS C 132 -15.81 26.86 9.13
CA LYS C 132 -16.48 26.25 7.99
C LYS C 132 -17.47 25.17 8.39
N THR C 133 -17.31 24.60 9.58
CA THR C 133 -18.31 23.70 10.13
C THR C 133 -19.37 24.45 10.93
N MET C 134 -18.97 25.50 11.65
CA MET C 134 -19.95 26.34 12.32
C MET C 134 -20.82 27.07 11.31
N LEU C 135 -20.24 27.46 10.18
CA LEU C 135 -21.02 28.07 9.11
C LEU C 135 -22.06 27.08 8.58
N ALA C 136 -21.67 25.82 8.42
CA ALA C 136 -22.62 24.81 7.95
C ALA C 136 -23.71 24.56 8.98
N LYS C 137 -23.35 24.56 10.27
CA LYS C 137 -24.35 24.44 11.32
C LYS C 137 -25.36 25.57 11.25
N ALA C 138 -24.87 26.80 11.12
CA ALA C 138 -25.77 27.94 11.02
C ALA C 138 -26.65 27.87 9.79
N VAL C 139 -26.10 27.37 8.68
CA VAL C 139 -26.90 27.19 7.47
C VAL C 139 -28.01 26.17 7.72
N ALA C 140 -27.66 25.06 8.37
CA ALA C 140 -28.66 24.04 8.67
C ALA C 140 -29.72 24.56 9.62
N HIS C 141 -29.37 25.47 10.50
CA HIS C 141 -30.32 26.00 11.47
C HIS C 141 -31.19 27.12 10.91
N GLU C 142 -30.69 27.90 9.97
CA GLU C 142 -31.43 29.05 9.44
C GLU C 142 -31.80 28.94 7.97
N SER C 143 -31.70 27.76 7.37
CA SER C 143 -31.95 27.63 5.94
C SER C 143 -33.43 27.49 5.64
N GLY C 144 -34.06 26.45 6.17
CA GLY C 144 -35.40 26.07 5.79
C GLY C 144 -35.46 24.85 4.89
N ALA C 145 -34.38 24.58 4.13
CA ALA C 145 -34.31 23.36 3.36
C ALA C 145 -33.99 22.17 4.26
N SER C 146 -34.39 20.98 3.82
CA SER C 146 -34.24 19.77 4.63
C SER C 146 -32.78 19.36 4.66
N PHE C 147 -32.05 19.92 5.61
CA PHE C 147 -30.63 19.65 5.75
C PHE C 147 -30.39 18.22 6.19
N ILE C 148 -29.65 17.46 5.38
CA ILE C 148 -29.29 16.08 5.69
C ILE C 148 -27.77 16.00 5.81
N ASN C 149 -27.29 15.37 6.87
CA ASN C 149 -25.86 15.29 7.18
C ASN C 149 -25.35 13.91 6.74
N LEU C 150 -24.91 13.82 5.50
CA LEU C 150 -24.42 12.57 4.95
C LEU C 150 -23.04 12.26 5.52
N HIS C 151 -22.98 11.38 6.52
CA HIS C 151 -21.71 10.99 7.09
C HIS C 151 -20.88 10.20 6.09
N ILE C 152 -19.61 9.98 6.45
CA ILE C 152 -18.75 9.15 5.62
C ILE C 152 -19.01 7.67 5.86
N SER C 153 -19.43 7.30 7.08
CA SER C 153 -19.69 5.91 7.38
C SER C 153 -21.01 5.41 6.81
N THR C 154 -21.88 6.32 6.37
CA THR C 154 -23.16 5.93 5.79
C THR C 154 -23.08 5.70 4.29
N LEU C 155 -21.96 6.03 3.65
CA LEU C 155 -21.82 5.79 2.22
C LEU C 155 -21.05 4.50 1.96
N THR C 156 -19.93 4.30 2.64
CA THR C 156 -19.15 3.07 2.52
C THR C 156 -19.85 1.95 3.27
N GLU C 157 -20.27 0.93 2.54
CA GLU C 157 -21.00 -0.19 3.13
C GLU C 157 -20.22 -1.49 2.91
N LYS C 158 -20.42 -2.43 3.82
CA LYS C 158 -19.69 -3.69 3.78
C LYS C 158 -20.13 -4.57 2.61
N TRP C 159 -21.43 -4.82 2.51
CA TRP C 159 -21.94 -5.69 1.47
C TRP C 159 -21.68 -5.11 0.09
N TYR C 160 -21.53 -6.00 -0.89
CA TYR C 160 -21.32 -5.58 -2.26
C TYR C 160 -22.61 -5.01 -2.83
N GLY C 161 -22.49 -3.88 -3.54
CA GLY C 161 -23.65 -3.23 -4.11
C GLY C 161 -24.53 -2.52 -3.12
N ASP C 162 -24.16 -2.49 -1.83
CA ASP C 162 -24.93 -1.80 -0.82
C ASP C 162 -24.34 -0.45 -0.48
N SER C 163 -23.27 -0.05 -1.16
CA SER C 163 -22.72 1.29 -1.03
C SER C 163 -23.08 2.21 -2.19
N ASN C 164 -23.38 1.64 -3.35
CA ASN C 164 -23.84 2.45 -4.47
C ASN C 164 -25.30 2.81 -4.32
N LYS C 165 -26.12 1.86 -3.87
CA LYS C 165 -27.55 2.09 -3.68
C LYS C 165 -27.85 2.94 -2.46
N ILE C 166 -26.85 3.32 -1.67
CA ILE C 166 -27.01 4.36 -0.68
C ILE C 166 -26.67 5.74 -1.24
N VAL C 167 -25.63 5.85 -2.07
CA VAL C 167 -25.40 7.09 -2.79
C VAL C 167 -26.57 7.42 -3.71
N ARG C 168 -27.22 6.40 -4.27
CA ARG C 168 -28.45 6.63 -5.02
C ARG C 168 -29.63 6.94 -4.12
N ALA C 169 -29.69 6.32 -2.94
CA ALA C 169 -30.77 6.61 -2.00
C ALA C 169 -30.71 8.06 -1.54
N VAL C 170 -29.51 8.60 -1.41
CA VAL C 170 -29.35 9.99 -0.98
C VAL C 170 -30.02 10.93 -1.99
N PHE C 171 -29.68 10.78 -3.27
CA PHE C 171 -30.24 11.65 -4.29
C PHE C 171 -31.67 11.29 -4.66
N SER C 172 -32.15 10.11 -4.28
CA SER C 172 -33.56 9.79 -4.43
C SER C 172 -34.41 10.34 -3.29
N LEU C 173 -33.81 10.53 -2.11
CA LEU C 173 -34.49 11.18 -0.99
C LEU C 173 -34.47 12.70 -1.14
N ALA C 174 -33.38 13.25 -1.68
CA ALA C 174 -33.31 14.69 -1.86
C ALA C 174 -34.37 15.19 -2.84
N LYS C 175 -34.76 14.35 -3.79
CA LYS C 175 -35.75 14.73 -4.78
C LYS C 175 -37.19 14.48 -4.33
N LYS C 176 -37.40 13.61 -3.33
CA LYS C 176 -38.74 13.38 -2.82
C LYS C 176 -39.32 14.67 -2.25
N LEU C 177 -38.71 15.20 -1.21
CA LEU C 177 -38.93 16.57 -0.74
C LEU C 177 -37.68 17.33 -1.13
N GLN C 178 -37.84 18.35 -1.97
CA GLN C 178 -36.62 18.88 -2.57
C GLN C 178 -36.35 20.37 -2.35
N PRO C 179 -36.62 20.90 -1.15
CA PRO C 179 -35.66 21.84 -0.56
C PRO C 179 -34.63 21.05 0.22
N SER C 180 -33.40 20.94 -0.28
CA SER C 180 -32.45 20.02 0.33
C SER C 180 -31.04 20.54 0.15
N ILE C 181 -30.29 20.55 1.26
CA ILE C 181 -28.87 20.92 1.23
C ILE C 181 -28.10 19.72 1.78
N ILE C 182 -27.69 18.82 0.88
CA ILE C 182 -26.84 17.72 1.29
C ILE C 182 -25.53 18.27 1.80
N PHE C 183 -24.97 17.63 2.82
CA PHE C 183 -23.75 18.15 3.45
C PHE C 183 -22.83 16.97 3.76
N ILE C 184 -21.85 16.77 2.89
CA ILE C 184 -20.79 15.81 3.16
C ILE C 184 -19.62 16.57 3.78
N ASP C 185 -19.46 16.43 5.09
CA ASP C 185 -18.40 17.14 5.80
C ASP C 185 -17.10 16.38 5.58
N GLU C 186 -16.01 17.12 5.38
CA GLU C 186 -14.71 16.54 5.09
C GLU C 186 -14.72 15.73 3.79
N ILE C 187 -14.99 16.44 2.70
CA ILE C 187 -14.99 15.79 1.39
C ILE C 187 -13.57 15.71 0.86
N ASP C 188 -12.80 14.78 1.41
CA ASP C 188 -11.49 14.40 0.90
C ASP C 188 -11.27 12.90 0.86
N ALA C 189 -12.00 12.12 1.65
CA ALA C 189 -11.89 10.67 1.64
C ALA C 189 -13.04 10.03 0.86
N VAL C 190 -14.27 10.42 1.17
CA VAL C 190 -15.42 9.91 0.43
C VAL C 190 -15.32 10.32 -1.04
N LEU C 191 -14.80 11.52 -1.29
CA LEU C 191 -14.49 11.98 -2.63
C LEU C 191 -12.98 12.17 -2.75
N GLY C 192 -12.53 12.58 -3.92
CA GLY C 192 -11.13 12.78 -4.15
C GLY C 192 -10.76 12.45 -5.58
N THR C 193 -9.52 12.78 -5.94
CA THR C 193 -9.01 12.49 -7.27
C THR C 193 -8.97 10.98 -7.48
N ARG C 194 -9.83 10.48 -8.35
CA ARG C 194 -9.91 9.04 -8.62
C ARG C 194 -8.62 8.58 -9.29
N ARG C 195 -7.84 7.79 -8.56
CA ARG C 195 -6.58 7.28 -9.09
C ARG C 195 -6.75 5.83 -9.54
N SER C 196 -5.65 5.26 -10.04
CA SER C 196 -5.68 3.91 -10.56
C SER C 196 -5.96 2.91 -9.45
N GLY C 197 -6.91 2.00 -9.70
CA GLY C 197 -7.28 0.99 -8.72
C GLY C 197 -7.79 1.59 -7.42
N GLU C 198 -7.14 1.22 -6.32
CA GLU C 198 -7.49 1.75 -5.00
C GLU C 198 -8.91 1.38 -4.60
N HIS C 199 -9.22 0.09 -4.66
CA HIS C 199 -10.54 -0.43 -4.29
C HIS C 199 -11.64 0.21 -5.15
N GLU C 200 -11.60 -0.14 -6.44
CA GLU C 200 -12.52 0.40 -7.44
C GLU C 200 -13.99 0.32 -7.04
N ALA C 201 -14.35 -0.63 -6.17
CA ALA C 201 -15.69 -0.62 -5.59
C ALA C 201 -15.95 0.66 -4.81
N SER C 202 -14.91 1.28 -4.25
CA SER C 202 -15.03 2.60 -3.64
C SER C 202 -15.01 3.72 -4.67
N GLY C 203 -14.52 3.46 -5.88
CA GLY C 203 -14.57 4.44 -6.94
C GLY C 203 -15.94 4.48 -7.59
N MET C 204 -16.67 3.36 -7.47
CA MET C 204 -18.03 3.33 -7.99
C MET C 204 -18.93 4.31 -7.24
N VAL C 205 -18.64 4.59 -5.98
CA VAL C 205 -19.41 5.58 -5.23
C VAL C 205 -19.23 6.96 -5.84
N LYS C 206 -17.98 7.36 -6.09
CA LYS C 206 -17.72 8.66 -6.70
C LYS C 206 -18.31 8.72 -8.11
N ALA C 207 -18.27 7.60 -8.83
CA ALA C 207 -18.90 7.54 -10.14
C ALA C 207 -20.40 7.74 -9.99
N GLU C 208 -21.00 7.14 -8.94
CA GLU C 208 -22.42 7.31 -8.70
C GLU C 208 -22.76 8.77 -8.43
N PHE C 209 -21.96 9.43 -7.59
CA PHE C 209 -22.10 10.88 -7.43
C PHE C 209 -22.02 11.65 -8.74
N MET C 210 -21.01 11.34 -9.56
CA MET C 210 -20.81 12.07 -10.81
C MET C 210 -21.98 11.87 -11.77
N THR C 211 -22.60 10.70 -11.75
CA THR C 211 -23.65 10.39 -12.71
C THR C 211 -25.04 10.82 -12.27
N LEU C 212 -25.30 10.87 -10.96
CA LEU C 212 -26.61 11.33 -10.49
C LEU C 212 -26.64 12.81 -10.17
N TRP C 213 -25.49 13.40 -9.85
CA TRP C 213 -25.42 14.81 -9.51
C TRP C 213 -25.80 15.70 -10.69
N ASP C 214 -25.04 15.62 -11.79
CA ASP C 214 -25.31 16.44 -12.95
C ASP C 214 -25.30 15.62 -14.24
N GLY C 215 -25.83 14.40 -14.18
CA GLY C 215 -25.87 13.54 -15.35
C GLY C 215 -26.97 13.90 -16.32
N LEU C 216 -27.48 12.90 -17.05
CA LEU C 216 -28.53 13.16 -18.02
C LEU C 216 -29.83 13.59 -17.35
N THR C 217 -30.06 13.15 -16.12
CA THR C 217 -31.29 13.46 -15.41
C THR C 217 -31.02 14.37 -14.23
N SER C 218 -30.10 15.31 -14.40
CA SER C 218 -29.75 16.22 -13.30
C SER C 218 -30.91 17.16 -12.98
N THR C 219 -31.42 17.86 -13.99
CA THR C 219 -32.50 18.82 -13.78
C THR C 219 -33.85 18.11 -13.88
N ASN C 220 -34.93 18.89 -13.86
CA ASN C 220 -36.28 18.36 -13.97
C ASN C 220 -36.76 18.46 -15.42
N ALA C 221 -37.80 17.68 -15.73
CA ALA C 221 -38.42 17.77 -17.05
C ALA C 221 -38.91 19.19 -17.34
N SER C 222 -39.38 19.89 -16.30
CA SER C 222 -39.75 21.30 -16.45
C SER C 222 -38.52 22.18 -16.66
N GLY C 223 -37.35 21.74 -16.22
CA GLY C 223 -36.11 22.47 -16.39
C GLY C 223 -35.37 22.78 -15.11
N VAL C 224 -36.05 22.78 -13.97
CA VAL C 224 -35.39 23.09 -12.70
C VAL C 224 -34.42 21.96 -12.34
N PRO C 225 -33.23 22.26 -11.84
CA PRO C 225 -32.28 21.19 -11.51
C PRO C 225 -32.54 20.55 -10.15
N ASN C 226 -33.80 20.29 -9.84
CA ASN C 226 -34.21 19.49 -8.68
C ASN C 226 -34.01 20.20 -7.34
N ARG C 227 -33.35 21.36 -7.34
CA ARG C 227 -33.14 22.15 -6.12
C ARG C 227 -32.43 21.32 -5.04
N ILE C 228 -31.19 20.93 -5.35
CA ILE C 228 -30.37 20.17 -4.41
C ILE C 228 -28.97 20.75 -4.44
N VAL C 229 -28.47 21.20 -3.28
CA VAL C 229 -27.20 21.90 -3.20
C VAL C 229 -26.35 21.21 -2.13
N VAL C 230 -25.46 20.32 -2.58
CA VAL C 230 -24.51 19.72 -1.66
C VAL C 230 -23.55 20.78 -1.13
N LEU C 231 -23.29 20.73 0.18
CA LEU C 231 -22.39 21.65 0.83
C LEU C 231 -21.18 20.86 1.30
N GLY C 232 -19.99 21.27 0.87
CA GLY C 232 -18.76 20.57 1.19
C GLY C 232 -18.01 21.17 2.35
N ALA C 233 -16.85 20.59 2.62
CA ALA C 233 -15.97 21.08 3.68
C ALA C 233 -14.60 20.43 3.55
N THR C 234 -13.54 21.22 3.58
CA THR C 234 -12.21 20.67 3.44
C THR C 234 -11.18 21.73 3.82
N ASN C 235 -9.97 21.27 4.11
CA ASN C 235 -8.86 22.16 4.45
C ASN C 235 -7.83 22.28 3.34
N ARG C 236 -7.92 21.44 2.31
CA ARG C 236 -6.96 21.48 1.19
C ARG C 236 -7.72 21.21 -0.10
N ILE C 237 -7.88 22.27 -0.92
CA ILE C 237 -8.49 22.12 -2.25
C ILE C 237 -7.34 21.85 -3.20
N ASN C 238 -6.90 20.59 -3.22
CA ASN C 238 -5.90 20.15 -4.18
C ASN C 238 -6.17 18.77 -4.76
N ASP C 239 -7.05 17.97 -4.14
CA ASP C 239 -7.33 16.62 -4.63
C ASP C 239 -8.80 16.26 -4.50
N ILE C 240 -9.69 17.24 -4.29
CA ILE C 240 -11.12 16.97 -4.18
C ILE C 240 -11.62 16.34 -5.47
N ASP C 241 -11.53 17.06 -6.59
CA ASP C 241 -11.65 16.51 -7.94
C ASP C 241 -11.56 17.66 -8.93
N GLU C 242 -11.22 17.31 -10.17
CA GLU C 242 -11.43 18.21 -11.29
C GLU C 242 -12.80 17.98 -11.92
N ALA C 243 -13.27 16.73 -11.87
CA ALA C 243 -14.62 16.37 -12.29
C ALA C 243 -15.64 16.58 -11.19
N ILE C 244 -15.28 17.26 -10.09
CA ILE C 244 -16.24 17.65 -9.08
C ILE C 244 -16.22 19.16 -8.82
N LEU C 245 -15.09 19.82 -9.07
CA LEU C 245 -15.05 21.28 -8.97
C LEU C 245 -16.05 21.92 -9.93
N ARG C 246 -16.15 21.38 -11.14
CA ARG C 246 -17.20 21.82 -12.05
C ARG C 246 -18.58 21.53 -11.49
N ARG C 247 -18.72 20.45 -10.74
CA ARG C 247 -19.99 20.07 -10.12
C ARG C 247 -20.33 20.91 -8.90
N MET C 248 -19.48 21.87 -8.52
CA MET C 248 -19.77 22.81 -7.44
C MET C 248 -19.20 24.17 -7.85
N PRO C 249 -19.99 25.01 -8.49
CA PRO C 249 -19.44 26.29 -8.99
C PRO C 249 -18.97 27.21 -7.90
N LYS C 250 -19.62 27.21 -6.73
CA LYS C 250 -19.22 28.09 -5.66
C LYS C 250 -18.06 27.48 -4.87
N GLN C 251 -17.08 28.32 -4.54
CA GLN C 251 -15.94 27.90 -3.71
C GLN C 251 -15.61 29.07 -2.78
N PHE C 252 -16.14 29.01 -1.56
CA PHE C 252 -15.92 30.12 -0.64
C PHE C 252 -14.63 29.92 0.14
N PRO C 253 -13.64 30.79 -0.03
CA PRO C 253 -12.43 30.70 0.80
C PRO C 253 -12.63 31.33 2.17
N VAL C 254 -12.46 30.54 3.23
CA VAL C 254 -12.58 31.05 4.59
C VAL C 254 -11.18 31.19 5.19
N PRO C 255 -10.57 32.36 5.11
CA PRO C 255 -9.20 32.54 5.60
C PRO C 255 -9.16 32.77 7.10
N LEU C 256 -7.94 32.85 7.62
CA LEU C 256 -7.73 33.12 9.02
C LEU C 256 -8.19 34.54 9.35
N PRO C 257 -8.86 34.76 10.48
CA PRO C 257 -9.33 36.11 10.81
C PRO C 257 -8.15 37.06 11.02
N GLY C 258 -8.30 38.27 10.48
CA GLY C 258 -7.28 39.29 10.61
C GLY C 258 -7.40 40.11 11.87
N LEU C 259 -7.35 41.44 11.73
CA LEU C 259 -7.46 42.31 12.90
C LEU C 259 -8.93 42.48 13.30
N GLU C 260 -9.76 42.97 12.38
CA GLU C 260 -11.15 43.23 12.72
C GLU C 260 -11.92 41.94 12.97
N GLN C 261 -11.61 40.88 12.21
CA GLN C 261 -12.29 39.61 12.42
C GLN C 261 -12.01 39.05 13.82
N ARG C 262 -10.75 39.11 14.25
CA ARG C 262 -10.41 38.66 15.60
C ARG C 262 -11.02 39.58 16.66
N ARG C 263 -11.01 40.89 16.40
CA ARG C 263 -11.64 41.83 17.33
C ARG C 263 -13.12 41.53 17.51
N ARG C 264 -13.78 41.08 16.45
CA ARG C 264 -15.19 40.73 16.54
C ARG C 264 -15.40 39.39 17.21
N ILE C 265 -14.57 38.39 16.88
CA ILE C 265 -14.74 37.06 17.44
C ILE C 265 -14.45 37.05 18.94
N LEU C 266 -13.49 37.87 19.39
CA LEU C 266 -13.19 37.93 20.81
C LEU C 266 -14.38 38.48 21.60
N GLU C 267 -15.00 39.54 21.06
CA GLU C 267 -16.20 40.07 21.71
C GLU C 267 -17.37 39.10 21.62
N LEU C 268 -17.43 38.31 20.54
CA LEU C 268 -18.55 37.39 20.37
C LEU C 268 -18.44 36.17 21.27
N VAL C 269 -17.23 35.68 21.53
CA VAL C 269 -17.09 34.49 22.36
C VAL C 269 -17.42 34.79 23.82
N LEU C 270 -17.22 36.04 24.25
CA LEU C 270 -17.47 36.42 25.65
C LEU C 270 -18.90 36.95 25.82
N ARG C 271 -19.86 36.07 25.54
CA ARG C 271 -21.26 36.38 25.79
C ARG C 271 -21.80 35.75 27.07
N GLY C 272 -21.27 34.59 27.46
CA GLY C 272 -21.65 33.97 28.70
C GLY C 272 -20.76 34.40 29.85
N THR C 273 -19.45 34.36 29.63
CA THR C 273 -18.49 34.77 30.65
C THR C 273 -18.62 36.26 30.91
N LYS C 274 -18.91 36.62 32.16
CA LYS C 274 -19.01 38.03 32.52
C LYS C 274 -17.66 38.72 32.35
N ARG C 275 -17.70 39.94 31.82
CA ARG C 275 -16.46 40.68 31.59
C ARG C 275 -15.87 41.11 32.93
N ASP C 276 -14.60 40.79 33.13
CA ASP C 276 -13.90 41.23 34.33
C ASP C 276 -13.85 42.75 34.35
N PRO C 277 -13.91 43.38 35.52
CA PRO C 277 -13.92 44.84 35.57
C PRO C 277 -12.59 45.42 35.11
N ASP C 278 -12.68 46.45 34.25
CA ASP C 278 -11.55 47.15 33.66
C ASP C 278 -10.79 46.31 32.64
N PHE C 279 -11.30 45.15 32.27
CA PHE C 279 -10.63 44.29 31.29
C PHE C 279 -10.69 44.93 29.91
N ASP C 280 -9.52 45.17 29.32
CA ASP C 280 -9.44 45.77 27.99
C ASP C 280 -9.40 44.66 26.95
N LEU C 281 -10.34 44.71 26.00
CA LEU C 281 -10.50 43.60 25.06
C LEU C 281 -9.46 43.64 23.95
N ASP C 282 -9.08 44.84 23.49
CA ASP C 282 -8.24 44.95 22.29
C ASP C 282 -6.86 44.35 22.49
N TYR C 283 -6.39 44.29 23.74
CA TYR C 283 -5.06 43.72 23.99
C TYR C 283 -5.02 42.25 23.60
N ILE C 284 -5.90 41.44 24.18
CA ILE C 284 -6.00 40.05 23.76
C ILE C 284 -6.52 39.97 22.32
N ALA C 285 -7.27 40.98 21.89
CA ALA C 285 -7.74 41.02 20.51
C ALA C 285 -6.58 41.11 19.54
N ARG C 286 -5.70 42.11 19.72
CA ARG C 286 -4.60 42.32 18.79
C ARG C 286 -3.45 41.34 19.01
N VAL C 287 -3.31 40.80 20.22
CA VAL C 287 -2.16 39.93 20.50
C VAL C 287 -2.32 38.58 19.82
N THR C 288 -3.54 38.26 19.36
CA THR C 288 -3.75 37.01 18.64
C THR C 288 -2.88 36.95 17.38
N ALA C 289 -3.06 37.90 16.47
CA ALA C 289 -2.17 38.11 15.34
C ALA C 289 -2.07 36.87 14.46
N GLY C 290 -3.20 36.50 13.86
CA GLY C 290 -3.23 35.43 12.89
C GLY C 290 -3.55 34.06 13.45
N MET C 291 -3.69 33.93 14.76
CA MET C 291 -4.08 32.65 15.34
C MET C 291 -5.47 32.27 14.85
N SER C 292 -5.71 30.96 14.75
CA SER C 292 -6.94 30.45 14.15
C SER C 292 -8.18 30.87 14.93
N GLY C 293 -9.35 30.66 14.35
CA GLY C 293 -10.60 31.01 14.98
C GLY C 293 -11.06 30.08 16.08
N SER C 294 -10.33 29.00 16.33
CA SER C 294 -10.62 28.08 17.42
C SER C 294 -9.58 28.17 18.53
N ASP C 295 -8.31 28.33 18.17
CA ASP C 295 -7.29 28.59 19.19
C ASP C 295 -7.58 29.88 19.94
N ILE C 296 -8.17 30.87 19.28
CA ILE C 296 -8.64 32.06 19.98
C ILE C 296 -9.73 31.70 20.97
N LYS C 297 -10.61 30.77 20.59
CA LYS C 297 -11.65 30.32 21.51
C LYS C 297 -11.04 29.64 22.73
N GLU C 298 -9.98 28.85 22.52
CA GLU C 298 -9.36 28.17 23.64
C GLU C 298 -8.62 29.15 24.55
N THR C 299 -7.89 30.10 23.97
CA THR C 299 -7.21 31.12 24.75
C THR C 299 -8.19 32.04 25.48
N CYS C 300 -9.39 32.22 24.95
CA CYS C 300 -10.42 32.98 25.65
C CYS C 300 -11.16 32.17 26.70
N ARG C 301 -11.29 30.86 26.50
CA ARG C 301 -11.79 29.96 27.51
C ARG C 301 -10.86 29.86 28.72
N ASP C 302 -9.55 29.89 28.47
CA ASP C 302 -8.60 29.89 29.57
C ASP C 302 -8.76 31.15 30.41
N ALA C 303 -8.97 32.30 29.77
CA ALA C 303 -9.14 33.57 30.46
C ALA C 303 -10.47 33.67 31.20
N ALA C 304 -11.39 32.74 30.97
CA ALA C 304 -12.63 32.67 31.74
C ALA C 304 -12.61 31.56 32.78
N MET C 305 -11.66 30.65 32.65
CA MET C 305 -11.54 29.61 33.64
C MET C 305 -10.45 29.97 34.62
N ALA C 306 -9.66 30.99 34.32
CA ALA C 306 -8.57 31.26 35.23
C ALA C 306 -9.01 31.65 36.61
N PRO C 307 -9.89 32.64 36.70
CA PRO C 307 -10.38 33.06 38.01
C PRO C 307 -11.29 32.00 38.58
N MET C 308 -12.06 31.38 37.70
CA MET C 308 -13.02 30.38 38.12
C MET C 308 -12.33 29.23 38.80
N ARG C 309 -11.22 28.79 38.24
CA ARG C 309 -10.42 27.73 38.84
C ARG C 309 -9.85 28.22 40.16
N GLU C 310 -9.42 29.48 40.18
CA GLU C 310 -8.81 30.05 41.37
C GLU C 310 -9.76 30.00 42.54
N TYR C 311 -11.05 30.28 42.35
CA TYR C 311 -11.93 30.26 43.50
C TYR C 311 -12.30 28.82 43.82
N ILE C 312 -11.44 28.22 44.61
CA ILE C 312 -11.55 26.87 45.10
C ILE C 312 -11.82 26.87 46.61
N ARG C 313 -12.07 28.07 47.14
CA ARG C 313 -12.34 28.36 48.53
C ARG C 313 -13.63 27.77 49.11
N GLN C 314 -14.63 27.48 48.28
CA GLN C 314 -15.89 26.96 48.79
C GLN C 314 -15.66 25.66 49.54
N HIS C 315 -14.87 24.76 48.98
CA HIS C 315 -14.54 23.54 49.71
C HIS C 315 -13.65 23.86 50.92
N ARG C 316 -12.76 24.84 50.74
CA ARG C 316 -11.86 25.26 51.81
C ARG C 316 -12.67 25.78 52.99
N ALA C 317 -13.70 26.57 52.69
CA ALA C 317 -14.58 27.13 53.70
C ALA C 317 -15.79 26.22 53.90
N GLU D 16 -21.84 -16.45 11.45
CA GLU D 16 -21.41 -15.13 11.88
C GLU D 16 -22.09 -14.74 13.19
N LYS D 17 -23.36 -15.13 13.33
CA LYS D 17 -24.10 -14.78 14.53
C LYS D 17 -23.57 -15.51 15.75
N ASN D 18 -23.05 -16.72 15.58
CA ASN D 18 -22.54 -17.48 16.71
C ASN D 18 -21.37 -16.80 17.40
N GLU D 19 -20.56 -16.05 16.65
CA GLU D 19 -19.45 -15.30 17.22
C GLU D 19 -19.91 -13.97 17.81
N ARG D 20 -20.79 -13.27 17.08
CA ARG D 20 -21.30 -11.99 17.55
C ARG D 20 -22.13 -12.11 18.81
N THR D 21 -22.83 -13.22 19.02
CA THR D 21 -23.55 -13.42 20.28
C THR D 21 -22.60 -13.51 21.47
N ARG D 22 -21.53 -14.30 21.36
CA ARG D 22 -20.55 -14.37 22.44
C ARG D 22 -19.88 -13.02 22.65
N ILE D 23 -19.62 -12.30 21.55
CA ILE D 23 -19.04 -10.96 21.65
C ILE D 23 -19.97 -10.05 22.46
N LYS D 24 -21.24 -10.03 22.09
CA LYS D 24 -22.23 -9.20 22.79
C LYS D 24 -22.32 -9.58 24.26
N ALA D 25 -22.32 -10.88 24.56
CA ALA D 25 -22.34 -11.32 25.94
C ALA D 25 -21.13 -10.80 26.71
N GLN D 26 -19.95 -10.86 26.09
CA GLN D 26 -18.74 -10.39 26.76
C GLN D 26 -18.79 -8.90 27.02
N GLU D 27 -19.17 -8.10 26.02
CA GLU D 27 -19.19 -6.66 26.24
C GLU D 27 -20.30 -6.27 27.22
N ASN D 28 -21.42 -6.98 27.20
CA ASN D 28 -22.47 -6.70 28.17
C ASN D 28 -22.01 -7.02 29.58
N LEU D 29 -21.25 -8.11 29.76
CA LEU D 29 -20.69 -8.41 31.07
C LEU D 29 -19.71 -7.31 31.51
N ARG D 30 -18.86 -6.87 30.58
CA ARG D 30 -17.89 -5.82 30.90
C ARG D 30 -18.59 -4.53 31.32
N ARG D 31 -19.64 -4.15 30.58
CA ARG D 31 -20.36 -2.93 30.89
C ARG D 31 -21.21 -3.07 32.16
N ILE D 32 -21.69 -4.27 32.49
CA ILE D 32 -22.37 -4.46 33.76
C ILE D 32 -21.37 -4.32 34.90
N ARG D 33 -20.15 -4.81 34.71
CA ARG D 33 -19.12 -4.62 35.74
C ARG D 33 -18.76 -3.15 35.88
N ARG D 34 -18.63 -2.44 34.77
CA ARG D 34 -18.21 -1.05 34.76
C ARG D 34 -19.28 -0.12 35.33
N LYS D 35 -20.49 -0.18 34.78
CA LYS D 35 -21.56 0.76 35.07
C LYS D 35 -21.98 0.76 36.53
N GLN D 36 -21.72 -0.31 37.28
CA GLN D 36 -22.14 -0.37 38.68
C GLN D 36 -21.38 0.66 39.50
N ILE D 37 -21.93 1.00 40.66
CA ILE D 37 -21.34 2.00 41.53
C ILE D 37 -20.91 1.36 42.85
N ASP D 58 -26.98 -1.88 30.92
CA ASP D 58 -28.17 -2.44 30.30
C ASP D 58 -28.66 -1.57 29.14
N LEU D 59 -27.72 -1.05 28.35
CA LEU D 59 -28.03 -0.22 27.20
C LEU D 59 -28.53 -1.10 26.05
N VAL D 60 -28.86 -0.46 24.93
CA VAL D 60 -29.17 -1.15 23.69
C VAL D 60 -28.07 -0.81 22.70
N LEU D 61 -27.40 -1.84 22.18
CA LEU D 61 -26.17 -1.65 21.41
C LEU D 61 -26.27 -2.39 20.08
N ASN D 62 -25.91 -1.72 18.99
CA ASN D 62 -25.81 -2.38 17.71
C ASN D 62 -24.47 -3.13 17.62
N GLU D 63 -24.28 -3.82 16.50
CA GLU D 63 -23.14 -4.72 16.38
C GLU D 63 -21.81 -3.96 16.31
N TYR D 64 -21.82 -2.74 15.77
CA TYR D 64 -20.55 -2.06 15.53
C TYR D 64 -19.93 -1.56 16.82
N GLU D 65 -20.61 -0.69 17.55
CA GLU D 65 -20.10 -0.24 18.83
C GLU D 65 -20.27 -1.27 19.94
N ASN D 66 -20.86 -2.43 19.63
CA ASN D 66 -20.89 -3.52 20.59
C ASN D 66 -19.48 -3.97 20.94
N GLN D 67 -18.70 -4.39 19.95
CA GLN D 67 -17.33 -4.85 20.16
C GLN D 67 -16.40 -3.75 20.66
N VAL D 68 -16.80 -2.49 20.56
CA VAL D 68 -16.03 -1.42 21.19
C VAL D 68 -16.25 -1.38 22.70
N ALA D 69 -17.33 -1.98 23.19
CA ALA D 69 -17.57 -2.03 24.62
C ALA D 69 -16.52 -2.85 25.36
N LEU D 70 -15.79 -3.72 24.66
CA LEU D 70 -14.69 -4.45 25.29
C LEU D 70 -13.57 -3.55 25.77
N GLU D 71 -13.53 -2.31 25.30
CA GLU D 71 -12.41 -1.40 25.57
C GLU D 71 -12.70 -0.42 26.70
N VAL D 72 -13.86 -0.49 27.32
CA VAL D 72 -14.17 0.37 28.45
C VAL D 72 -13.32 -0.10 29.63
N VAL D 73 -12.27 0.64 29.94
CA VAL D 73 -11.35 0.23 31.00
C VAL D 73 -12.03 0.42 32.35
N ALA D 74 -12.04 -0.63 33.16
CA ALA D 74 -12.57 -0.54 34.51
C ALA D 74 -11.64 0.33 35.35
N PRO D 75 -12.13 1.39 35.99
CA PRO D 75 -11.24 2.29 36.73
C PRO D 75 -10.54 1.62 37.90
N GLU D 76 -11.02 0.47 38.37
CA GLU D 76 -10.40 -0.25 39.47
C GLU D 76 -9.37 -1.26 39.00
N ASP D 77 -8.86 -1.12 37.78
CA ASP D 77 -7.90 -2.05 37.21
C ASP D 77 -6.71 -1.29 36.65
N ILE D 78 -6.34 -0.19 37.30
CA ILE D 78 -5.19 0.61 36.90
C ILE D 78 -4.51 1.12 38.16
N PRO D 79 -3.55 0.37 38.74
CA PRO D 79 -3.04 0.66 40.07
C PRO D 79 -1.95 1.73 40.11
N VAL D 80 -2.19 2.84 39.41
CA VAL D 80 -1.28 3.98 39.49
C VAL D 80 -2.08 5.28 39.50
N GLY D 81 -2.25 5.88 40.67
CA GLY D 81 -2.97 7.13 40.79
C GLY D 81 -2.06 8.32 40.62
N PHE D 82 -2.65 9.50 40.77
CA PHE D 82 -1.89 10.74 40.64
C PHE D 82 -0.85 10.91 41.74
N ASN D 83 -1.05 10.26 42.89
CA ASN D 83 -0.07 10.29 43.97
C ASN D 83 1.07 9.30 43.76
N ASP D 84 1.06 8.57 42.66
CA ASP D 84 2.12 7.60 42.35
C ASP D 84 3.17 8.16 41.41
N ILE D 85 2.77 8.98 40.44
CA ILE D 85 3.71 9.55 39.48
C ILE D 85 4.32 10.83 40.05
N GLY D 86 5.59 10.78 40.40
CA GLY D 86 6.28 11.94 40.90
C GLY D 86 6.71 12.86 39.78
N GLY D 87 7.77 13.63 40.00
CA GLY D 87 8.29 14.49 38.97
C GLY D 87 7.30 15.55 38.54
N LEU D 88 6.74 15.38 37.34
CA LEU D 88 5.76 16.32 36.81
C LEU D 88 4.56 16.44 37.74
N ASP D 89 4.37 17.63 38.31
CA ASP D 89 3.25 17.92 39.18
C ASP D 89 2.35 19.04 38.67
N ASP D 90 2.94 20.11 38.13
CA ASP D 90 2.13 21.16 37.53
C ASP D 90 1.33 20.65 36.34
N ILE D 91 1.89 19.70 35.59
CA ILE D 91 1.13 19.10 34.50
C ILE D 91 -0.05 18.31 35.04
N ILE D 92 0.10 17.69 36.21
CA ILE D 92 -1.05 17.06 36.85
C ILE D 92 -2.05 18.11 37.29
N GLU D 93 -1.58 19.28 37.72
CA GLU D 93 -2.45 20.36 38.12
C GLU D 93 -3.34 20.82 36.97
N GLU D 94 -2.72 21.16 35.84
CA GLU D 94 -3.43 21.61 34.65
C GLU D 94 -4.13 20.49 33.93
N LEU D 95 -3.80 19.23 34.23
CA LEU D 95 -4.51 18.09 33.69
C LEU D 95 -5.74 17.72 34.49
N LYS D 96 -5.75 18.04 35.78
CA LYS D 96 -6.90 17.74 36.61
C LYS D 96 -7.88 18.92 36.67
N GLU D 97 -7.42 20.07 37.18
CA GLU D 97 -8.34 21.15 37.47
C GLU D 97 -8.82 21.90 36.23
N THR D 98 -8.49 21.45 35.02
CA THR D 98 -9.03 22.04 33.81
C THR D 98 -9.59 21.01 32.84
N ILE D 99 -9.49 19.72 33.15
CA ILE D 99 -9.99 18.68 32.27
C ILE D 99 -10.98 17.79 33.01
N ILE D 100 -10.60 17.35 34.21
CA ILE D 100 -11.43 16.41 34.94
C ILE D 100 -12.59 17.11 35.65
N TYR D 101 -12.30 18.17 36.40
CA TYR D 101 -13.33 19.00 37.03
C TYR D 101 -14.32 19.54 35.99
N PRO D 102 -13.88 19.89 34.78
CA PRO D 102 -14.87 20.19 33.73
C PRO D 102 -15.67 18.97 33.29
N LEU D 103 -15.05 17.81 33.11
CA LEU D 103 -15.80 16.63 32.69
C LEU D 103 -16.71 16.13 33.81
N THR D 104 -16.13 15.69 34.92
CA THR D 104 -16.92 15.26 36.05
C THR D 104 -17.30 16.46 36.90
N MET D 105 -18.52 16.43 37.42
CA MET D 105 -19.07 17.55 38.20
C MET D 105 -19.15 18.80 37.32
N PRO D 106 -20.00 18.79 36.29
CA PRO D 106 -20.09 19.98 35.42
C PRO D 106 -20.92 21.11 36.02
N HIS D 107 -21.71 20.85 37.06
CA HIS D 107 -22.55 21.90 37.64
C HIS D 107 -21.70 23.01 38.23
N LEU D 108 -20.49 22.70 38.70
CA LEU D 108 -19.62 23.72 39.25
C LEU D 108 -19.21 24.73 38.17
N TYR D 109 -19.12 24.28 36.92
CA TYR D 109 -18.70 25.12 35.80
C TYR D 109 -19.88 25.52 34.92
N LYS D 110 -21.03 25.79 35.54
CA LYS D 110 -22.19 26.27 34.81
C LYS D 110 -22.44 27.76 34.96
N HIS D 111 -21.89 28.38 36.02
CA HIS D 111 -22.07 29.81 36.22
C HIS D 111 -21.41 30.61 35.11
N GLY D 112 -20.29 30.12 34.58
CA GLY D 112 -19.60 30.84 33.52
C GLY D 112 -20.36 30.84 32.21
N GLY D 113 -21.05 29.74 31.90
CA GLY D 113 -21.81 29.65 30.67
C GLY D 113 -21.38 28.50 29.77
N ALA D 114 -21.34 28.75 28.46
CA ALA D 114 -20.97 27.70 27.53
C ALA D 114 -19.45 27.54 27.41
N LEU D 115 -18.70 28.60 27.69
CA LEU D 115 -17.24 28.53 27.58
C LEU D 115 -16.66 27.56 28.59
N LEU D 116 -17.04 27.70 29.85
CA LEU D 116 -16.40 26.94 30.92
C LEU D 116 -16.83 25.48 30.91
N ALA D 117 -16.45 24.77 29.85
CA ALA D 117 -16.64 23.34 29.74
C ALA D 117 -15.29 22.67 29.50
N ALA D 118 -15.27 21.35 29.60
CA ALA D 118 -14.04 20.62 29.35
C ALA D 118 -13.60 20.81 27.90
N PRO D 119 -12.29 20.92 27.67
CA PRO D 119 -11.81 21.07 26.29
C PRO D 119 -12.15 19.85 25.46
N SER D 120 -12.15 20.04 24.15
CA SER D 120 -12.50 18.97 23.22
C SER D 120 -11.60 17.76 23.36
N GLY D 121 -10.28 17.94 23.35
CA GLY D 121 -9.37 16.82 23.49
C GLY D 121 -8.08 17.28 24.12
N VAL D 122 -7.24 16.30 24.48
CA VAL D 122 -6.00 16.54 25.18
C VAL D 122 -4.89 15.70 24.54
N LEU D 123 -3.68 16.22 24.58
CA LEU D 123 -2.51 15.53 24.02
C LEU D 123 -1.31 15.70 24.94
N LEU D 124 -0.61 14.59 25.22
CA LEU D 124 0.55 14.60 26.09
C LEU D 124 1.77 14.23 25.24
N TYR D 125 2.40 15.25 24.67
CA TYR D 125 3.58 15.06 23.82
C TYR D 125 4.86 15.32 24.62
N GLY D 126 5.92 14.62 24.25
CA GLY D 126 7.20 14.79 24.89
C GLY D 126 8.19 13.71 24.51
N PRO D 127 9.36 13.72 25.14
CA PRO D 127 10.36 12.68 24.87
C PRO D 127 9.83 11.32 25.23
N PRO D 128 10.43 10.25 24.68
CA PRO D 128 9.86 8.90 24.85
C PRO D 128 10.18 8.32 26.21
N GLY D 129 9.14 7.92 26.94
CA GLY D 129 9.30 7.22 28.18
C GLY D 129 9.46 8.10 29.41
N CYS D 130 8.52 9.02 29.63
CA CYS D 130 8.54 9.77 30.89
C CYS D 130 7.09 10.17 31.23
N GLY D 131 6.44 9.33 32.04
CA GLY D 131 5.18 9.65 32.67
C GLY D 131 3.96 9.68 31.75
N LYS D 132 4.16 9.73 30.43
CA LYS D 132 3.04 9.93 29.50
C LYS D 132 1.97 8.85 29.62
N THR D 133 2.32 7.61 29.29
CA THR D 133 1.34 6.53 29.40
C THR D 133 0.97 6.26 30.85
N MET D 134 1.87 6.57 31.78
CA MET D 134 1.56 6.39 33.20
C MET D 134 0.73 7.55 33.76
N LEU D 135 0.80 8.73 33.15
CA LEU D 135 -0.15 9.80 33.47
C LEU D 135 -1.49 9.61 32.80
N ALA D 136 -1.55 8.79 31.75
CA ALA D 136 -2.80 8.38 31.14
C ALA D 136 -3.46 7.22 31.87
N LYS D 137 -2.91 6.84 33.02
CA LYS D 137 -3.50 5.82 33.89
C LYS D 137 -4.18 6.43 35.11
N ALA D 138 -3.53 7.36 35.79
CA ALA D 138 -4.18 8.07 36.88
C ALA D 138 -5.38 8.85 36.38
N VAL D 139 -5.33 9.34 35.15
CA VAL D 139 -6.48 10.02 34.55
C VAL D 139 -7.61 9.04 34.27
N ALA D 140 -7.32 7.74 34.26
CA ALA D 140 -8.34 6.71 34.09
C ALA D 140 -8.74 6.05 35.39
N HIS D 141 -8.01 6.30 36.48
CA HIS D 141 -8.29 5.71 37.77
C HIS D 141 -9.09 6.61 38.71
N GLU D 142 -8.78 7.90 38.77
CA GLU D 142 -9.47 8.83 39.65
C GLU D 142 -10.47 9.73 38.96
N SER D 143 -10.39 9.87 37.64
CA SER D 143 -11.32 10.76 36.94
C SER D 143 -12.74 10.23 37.03
N GLY D 144 -12.93 8.93 36.82
CA GLY D 144 -14.26 8.36 36.82
C GLY D 144 -15.11 8.83 35.66
N ALA D 145 -14.51 9.03 34.49
CA ALA D 145 -15.21 9.56 33.33
C ALA D 145 -15.40 8.53 32.22
N SER D 146 -15.70 7.27 32.58
CA SER D 146 -16.01 6.21 31.62
C SER D 146 -14.88 6.03 30.61
N PHE D 147 -13.68 5.82 31.16
CA PHE D 147 -12.48 5.75 30.34
C PHE D 147 -12.53 4.53 29.42
N ILE D 148 -12.02 4.69 28.20
CA ILE D 148 -11.94 3.59 27.24
C ILE D 148 -10.62 3.70 26.48
N ASN D 149 -9.92 2.57 26.36
CA ASN D 149 -8.68 2.48 25.60
C ASN D 149 -9.02 2.07 24.17
N LEU D 150 -8.65 2.89 23.21
CA LEU D 150 -9.22 2.73 21.87
C LEU D 150 -8.68 1.52 21.13
N HIS D 151 -7.44 1.09 21.43
CA HIS D 151 -6.90 -0.10 20.78
C HIS D 151 -6.85 0.03 19.26
N ILE D 152 -5.90 0.84 18.76
CA ILE D 152 -5.76 1.27 17.36
C ILE D 152 -6.05 0.18 16.34
N SER D 153 -5.75 -1.07 16.68
CA SER D 153 -6.07 -2.19 15.79
C SER D 153 -7.56 -2.23 15.45
N THR D 154 -8.41 -2.06 16.46
CA THR D 154 -9.85 -2.16 16.23
C THR D 154 -10.38 -1.06 15.32
N LEU D 155 -9.71 0.08 15.25
CA LEU D 155 -10.12 1.13 14.32
C LEU D 155 -9.99 0.64 12.88
N THR D 156 -8.93 -0.11 12.59
CA THR D 156 -8.64 -0.60 11.25
C THR D 156 -9.27 -1.98 11.09
N GLU D 157 -10.46 -2.01 10.50
CA GLU D 157 -11.13 -3.27 10.21
C GLU D 157 -10.75 -3.73 8.81
N LYS D 158 -10.89 -5.03 8.56
CA LYS D 158 -10.52 -5.63 7.27
C LYS D 158 -11.56 -5.39 6.19
N TRP D 159 -12.84 -5.57 6.51
CA TRP D 159 -13.89 -5.35 5.52
C TRP D 159 -13.96 -3.88 5.14
N TYR D 160 -14.52 -3.61 3.97
CA TYR D 160 -14.63 -2.23 3.49
C TYR D 160 -15.74 -1.51 4.23
N GLY D 161 -15.48 -0.25 4.57
CA GLY D 161 -16.47 0.55 5.26
C GLY D 161 -16.76 0.10 6.68
N ASP D 162 -15.91 -0.75 7.25
CA ASP D 162 -16.05 -1.15 8.64
C ASP D 162 -14.96 -0.56 9.52
N SER D 163 -14.03 0.20 8.94
CA SER D 163 -13.09 1.00 9.71
C SER D 163 -13.61 2.39 10.01
N ASN D 164 -14.71 2.79 9.37
CA ASN D 164 -15.42 4.02 9.69
C ASN D 164 -16.64 3.77 10.56
N LYS D 165 -17.29 2.61 10.40
CA LYS D 165 -18.33 2.24 11.33
C LYS D 165 -17.82 2.20 12.76
N ILE D 166 -16.60 1.70 12.97
CA ILE D 166 -16.05 1.67 14.31
C ILE D 166 -15.63 3.06 14.78
N VAL D 167 -15.19 3.93 13.86
CA VAL D 167 -14.86 5.30 14.26
C VAL D 167 -16.10 6.06 14.67
N ARG D 168 -17.24 5.77 14.04
CA ARG D 168 -18.50 6.35 14.50
C ARG D 168 -19.00 5.66 15.77
N ALA D 169 -18.69 4.38 15.93
CA ALA D 169 -19.14 3.64 17.10
C ALA D 169 -18.41 4.10 18.35
N VAL D 170 -17.13 4.47 18.22
CA VAL D 170 -16.38 4.91 19.39
C VAL D 170 -16.93 6.22 19.95
N PHE D 171 -17.60 7.02 19.12
CA PHE D 171 -18.29 8.22 19.60
C PHE D 171 -19.74 7.95 19.97
N SER D 172 -20.38 6.95 19.34
CA SER D 172 -21.72 6.58 19.76
C SER D 172 -21.72 6.03 21.18
N LEU D 173 -20.85 5.06 21.45
CA LEU D 173 -20.74 4.52 22.81
C LEU D 173 -20.18 5.58 23.76
N ALA D 174 -19.33 6.47 23.26
CA ALA D 174 -18.75 7.50 24.11
C ALA D 174 -19.81 8.46 24.63
N LYS D 175 -20.83 8.75 23.82
CA LYS D 175 -21.89 9.67 24.22
C LYS D 175 -23.03 8.97 24.95
N LYS D 176 -23.26 7.69 24.67
CA LYS D 176 -24.35 6.99 25.34
C LYS D 176 -24.05 6.77 26.81
N LEU D 177 -22.78 6.73 27.18
CA LEU D 177 -22.36 6.58 28.58
C LEU D 177 -21.46 7.74 29.01
N GLN D 178 -21.70 8.92 28.47
CA GLN D 178 -20.94 10.12 28.80
C GLN D 178 -21.10 10.43 30.29
N PRO D 179 -20.21 11.27 30.85
CA PRO D 179 -19.06 11.89 30.16
C PRO D 179 -17.92 10.90 30.02
N SER D 180 -17.57 10.55 28.78
CA SER D 180 -16.64 9.46 28.51
C SER D 180 -15.32 10.00 27.99
N ILE D 181 -14.24 9.75 28.74
CA ILE D 181 -12.91 10.01 28.24
C ILE D 181 -12.51 8.89 27.30
N ILE D 182 -11.79 9.26 26.24
CA ILE D 182 -11.28 8.30 25.27
C ILE D 182 -9.77 8.49 25.18
N PHE D 183 -9.06 7.40 24.95
CA PHE D 183 -7.60 7.43 24.88
C PHE D 183 -7.13 6.64 23.67
N ILE D 184 -6.18 7.18 22.95
CA ILE D 184 -5.58 6.43 21.88
C ILE D 184 -4.11 6.60 22.14
N ASP D 185 -3.38 5.54 22.44
CA ASP D 185 -1.94 5.75 22.66
C ASP D 185 -1.29 5.82 21.31
N GLU D 186 -0.14 6.48 21.24
CA GLU D 186 0.57 6.62 19.99
C GLU D 186 -0.27 7.17 18.85
N ILE D 187 -0.79 8.39 19.01
CA ILE D 187 -1.57 8.96 17.94
C ILE D 187 -0.78 9.66 16.82
N ASP D 188 -0.03 8.91 16.04
CA ASP D 188 0.57 9.47 14.83
C ASP D 188 0.54 8.47 13.66
N ALA D 189 -0.05 7.29 13.86
CA ALA D 189 -0.17 6.29 12.81
C ALA D 189 -1.63 6.21 12.38
N VAL D 190 -2.53 5.91 13.32
CA VAL D 190 -3.96 5.93 13.00
C VAL D 190 -4.41 7.35 12.71
N LEU D 191 -3.94 8.30 13.50
CA LEU D 191 -4.13 9.72 13.22
C LEU D 191 -2.83 10.27 12.64
N GLY D 192 -2.75 11.57 12.45
CA GLY D 192 -1.56 12.19 11.92
C GLY D 192 -1.74 12.59 10.47
N THR D 193 -0.77 13.37 9.99
CA THR D 193 -0.81 13.98 8.67
C THR D 193 -0.98 12.94 7.57
N ARG D 194 -1.93 13.17 6.66
CA ARG D 194 -2.21 12.24 5.58
C ARG D 194 -1.08 12.25 4.56
N ARG D 195 -0.87 13.41 3.93
CA ARG D 195 0.10 13.67 2.88
C ARG D 195 -0.29 13.04 1.54
N SER D 196 -1.32 12.19 1.53
CA SER D 196 -1.84 11.61 0.29
C SER D 196 -3.08 10.77 0.61
N GLY D 197 -3.61 10.09 -0.41
CA GLY D 197 -4.70 9.17 -0.21
C GLY D 197 -4.23 7.74 0.04
N GLU D 198 -3.64 7.49 1.21
CA GLU D 198 -3.10 6.17 1.52
C GLU D 198 -4.22 5.13 1.63
N HIS D 199 -4.32 4.25 0.63
CA HIS D 199 -5.14 3.05 0.67
C HIS D 199 -6.64 3.35 0.52
N GLU D 200 -7.02 4.62 0.56
CA GLU D 200 -8.41 5.04 0.42
C GLU D 200 -9.29 4.49 1.56
N ALA D 201 -8.63 4.10 2.65
CA ALA D 201 -9.34 3.61 3.83
C ALA D 201 -8.72 4.20 5.09
N SER D 202 -7.53 4.76 4.95
CA SER D 202 -6.86 5.47 6.05
C SER D 202 -7.12 6.97 6.00
N GLY D 203 -7.64 7.47 4.88
CA GLY D 203 -8.08 8.83 4.78
C GLY D 203 -9.49 9.06 5.25
N MET D 204 -10.23 7.99 5.53
CA MET D 204 -11.59 8.09 6.06
C MET D 204 -11.56 8.05 7.59
N VAL D 205 -10.77 7.15 8.17
CA VAL D 205 -10.63 7.08 9.61
C VAL D 205 -9.99 8.37 10.13
N LYS D 206 -9.14 8.98 9.30
CA LYS D 206 -8.60 10.29 9.65
C LYS D 206 -9.62 11.40 9.45
N ALA D 207 -10.62 11.17 8.61
CA ALA D 207 -11.64 12.17 8.32
C ALA D 207 -12.99 11.91 8.99
N GLU D 208 -13.45 10.67 9.03
CA GLU D 208 -14.69 10.34 9.74
C GLU D 208 -14.51 10.38 11.24
N PHE D 209 -13.27 10.40 11.73
CA PHE D 209 -12.97 10.69 13.13
C PHE D 209 -13.12 12.19 13.38
N MET D 210 -12.51 13.01 12.51
CA MET D 210 -12.62 14.46 12.60
C MET D 210 -14.03 14.98 12.40
N THR D 211 -14.87 14.24 11.66
CA THR D 211 -16.23 14.68 11.41
C THR D 211 -17.12 14.57 12.64
N LEU D 212 -16.94 13.52 13.44
CA LEU D 212 -17.69 13.36 14.68
C LEU D 212 -17.00 14.02 15.86
N TRP D 213 -15.69 14.29 15.73
CA TRP D 213 -14.96 14.94 16.81
C TRP D 213 -15.50 16.34 17.09
N ASP D 214 -15.37 17.23 16.12
CA ASP D 214 -15.76 18.62 16.25
C ASP D 214 -16.59 19.02 15.04
N GLY D 215 -17.54 18.17 14.69
CA GLY D 215 -18.36 18.38 13.50
C GLY D 215 -19.69 19.03 13.80
N LEU D 216 -20.64 18.86 12.88
CA LEU D 216 -21.94 19.52 12.97
C LEU D 216 -22.82 18.97 14.08
N THR D 217 -22.48 17.80 14.65
CA THR D 217 -23.25 17.23 15.74
C THR D 217 -22.44 17.15 17.03
N SER D 218 -21.32 17.87 17.10
CA SER D 218 -20.50 17.81 18.30
C SER D 218 -21.14 18.56 19.46
N THR D 219 -22.09 19.44 19.18
CA THR D 219 -22.75 20.22 20.21
C THR D 219 -24.22 19.82 20.33
N ASN D 220 -24.68 19.73 21.57
CA ASN D 220 -26.08 19.43 21.86
C ASN D 220 -26.94 20.64 21.51
N ALA D 221 -28.26 20.48 21.60
CA ALA D 221 -29.19 21.56 21.30
C ALA D 221 -29.10 22.71 22.31
N SER D 222 -28.41 22.53 23.43
CA SER D 222 -28.25 23.58 24.42
C SER D 222 -26.85 24.18 24.47
N GLY D 223 -25.83 23.42 24.13
CA GLY D 223 -24.48 23.95 24.10
C GLY D 223 -23.42 23.00 24.61
N VAL D 224 -23.82 21.98 25.35
CA VAL D 224 -22.86 21.03 25.92
C VAL D 224 -22.22 20.23 24.78
N PRO D 225 -20.90 20.19 24.67
CA PRO D 225 -20.26 19.43 23.58
C PRO D 225 -20.07 17.95 23.91
N ASN D 226 -21.09 17.33 24.48
CA ASN D 226 -21.14 15.89 24.71
C ASN D 226 -20.21 15.41 25.82
N ARG D 227 -19.35 16.28 26.34
CA ARG D 227 -18.47 15.96 27.47
C ARG D 227 -17.58 14.76 27.15
N ILE D 228 -16.78 14.89 26.10
CA ILE D 228 -15.93 13.81 25.60
C ILE D 228 -14.54 14.39 25.36
N VAL D 229 -13.53 13.84 26.03
CA VAL D 229 -12.15 14.29 25.92
C VAL D 229 -11.30 13.11 25.51
N VAL D 230 -10.74 13.16 24.30
CA VAL D 230 -9.84 12.12 23.83
C VAL D 230 -8.41 12.55 24.15
N LEU D 231 -7.76 11.79 25.02
CA LEU D 231 -6.34 11.98 25.28
C LEU D 231 -5.52 11.45 24.10
N GLY D 232 -4.22 11.45 24.28
CA GLY D 232 -3.32 10.92 23.27
C GLY D 232 -1.88 11.08 23.69
N ALA D 233 -1.08 10.03 23.54
CA ALA D 233 0.33 10.07 23.84
C ALA D 233 1.11 10.02 22.54
N THR D 234 2.22 10.77 22.49
CA THR D 234 3.05 10.77 21.31
C THR D 234 4.32 11.55 21.60
N ASN D 235 5.41 11.09 21.01
CA ASN D 235 6.70 11.77 21.09
C ASN D 235 7.04 12.54 19.82
N ARG D 236 6.12 12.54 18.83
CA ARG D 236 6.30 13.25 17.57
C ARG D 236 5.03 14.08 17.33
N ILE D 237 5.01 15.29 17.88
CA ILE D 237 3.83 16.12 17.79
C ILE D 237 3.66 16.69 16.39
N ASN D 238 4.75 16.80 15.63
CA ASN D 238 4.72 17.44 14.31
C ASN D 238 4.31 16.48 13.21
N ASP D 239 3.69 15.36 13.55
CA ASP D 239 3.20 14.39 12.58
C ASP D 239 1.81 13.90 13.00
N ILE D 240 0.93 14.83 13.38
CA ILE D 240 -0.35 14.45 13.96
C ILE D 240 -1.49 15.21 13.27
N ASP D 241 -1.28 15.63 12.02
CA ASP D 241 -2.33 16.25 11.23
C ASP D 241 -2.88 17.51 11.91
N GLU D 242 -2.04 18.55 11.88
CA GLU D 242 -2.26 19.82 12.57
C GLU D 242 -3.69 20.36 12.50
N ALA D 243 -4.42 20.02 11.43
CA ALA D 243 -5.87 20.20 11.46
C ALA D 243 -6.52 19.49 12.64
N ILE D 244 -5.94 18.38 13.09
CA ILE D 244 -6.34 17.75 14.34
C ILE D 244 -5.67 18.42 15.54
N LEU D 245 -4.53 19.07 15.34
CA LEU D 245 -3.94 19.88 16.40
C LEU D 245 -4.88 20.97 16.88
N ARG D 246 -5.70 21.53 15.99
CA ARG D 246 -6.76 22.43 16.43
C ARG D 246 -7.80 21.69 17.25
N ARG D 247 -7.92 20.38 17.04
CA ARG D 247 -8.99 19.61 17.68
C ARG D 247 -8.71 19.43 19.17
N MET D 248 -7.50 18.99 19.51
CA MET D 248 -7.14 18.80 20.90
C MET D 248 -6.19 19.92 21.35
N PRO D 249 -6.73 20.98 21.96
CA PRO D 249 -5.90 22.13 22.33
C PRO D 249 -5.06 21.96 23.58
N LYS D 250 -5.53 21.20 24.57
CA LYS D 250 -4.78 20.99 25.80
C LYS D 250 -3.65 20.01 25.49
N GLN D 251 -2.54 20.54 25.00
CA GLN D 251 -1.39 19.75 24.56
C GLN D 251 -0.24 20.04 25.52
N PHE D 252 -0.11 19.22 26.52
CA PHE D 252 0.92 19.56 27.50
C PHE D 252 2.26 18.93 27.12
N PRO D 253 3.34 19.70 27.21
CA PRO D 253 4.66 19.11 27.02
C PRO D 253 5.08 18.29 28.23
N VAL D 254 5.46 17.03 28.01
CA VAL D 254 5.87 16.16 29.09
C VAL D 254 7.39 15.97 29.02
N PRO D 255 8.17 16.86 29.63
CA PRO D 255 9.63 16.78 29.51
C PRO D 255 10.22 15.67 30.36
N LEU D 256 11.45 15.30 30.01
CA LEU D 256 12.19 14.33 30.81
C LEU D 256 12.43 14.91 32.21
N PRO D 257 12.46 14.08 33.25
CA PRO D 257 12.52 14.62 34.61
C PRO D 257 13.84 15.32 34.89
N GLY D 258 13.75 16.42 35.62
CA GLY D 258 14.93 17.14 36.06
C GLY D 258 15.53 16.55 37.32
N LEU D 259 16.24 17.37 38.09
CA LEU D 259 16.92 16.87 39.30
C LEU D 259 15.93 16.65 40.44
N GLU D 260 15.05 17.62 40.70
CA GLU D 260 14.03 17.42 41.73
C GLU D 260 13.02 16.35 41.32
N GLN D 261 12.64 16.35 40.05
CA GLN D 261 11.73 15.33 39.56
C GLN D 261 12.33 13.94 39.69
N ARG D 262 13.65 13.81 39.47
CA ARG D 262 14.28 12.51 39.68
C ARG D 262 14.42 12.16 41.15
N ARG D 263 14.67 13.16 42.01
CA ARG D 263 14.70 12.88 43.45
C ARG D 263 13.35 12.39 43.95
N ARG D 264 12.26 12.86 43.32
CA ARG D 264 10.94 12.34 43.66
C ARG D 264 10.67 10.97 43.04
N ILE D 265 11.11 10.77 41.79
CA ILE D 265 10.87 9.49 41.12
C ILE D 265 11.64 8.37 41.79
N LEU D 266 12.80 8.66 42.36
CA LEU D 266 13.55 7.64 43.10
C LEU D 266 12.83 7.27 44.38
N GLU D 267 12.35 8.28 45.12
CA GLU D 267 11.57 8.02 46.33
C GLU D 267 10.33 7.21 46.03
N LEU D 268 9.68 7.46 44.88
CA LEU D 268 8.42 6.77 44.60
C LEU D 268 8.65 5.38 44.00
N VAL D 269 9.69 5.22 43.18
CA VAL D 269 9.96 3.93 42.55
C VAL D 269 10.61 2.98 43.53
N LEU D 270 11.26 3.50 44.57
CA LEU D 270 11.97 2.69 45.56
C LEU D 270 11.18 2.57 46.85
N ARG D 271 9.85 2.45 46.75
CA ARG D 271 9.03 2.30 47.94
C ARG D 271 9.17 0.90 48.54
N GLY D 272 8.90 -0.13 47.73
CA GLY D 272 9.00 -1.49 48.20
C GLY D 272 10.41 -2.05 48.12
N THR D 273 11.30 -1.57 48.98
CA THR D 273 12.69 -2.03 48.98
C THR D 273 13.31 -1.72 50.33
N LYS D 274 13.75 -2.75 51.05
CA LYS D 274 14.44 -2.55 52.32
C LYS D 274 15.83 -2.03 51.99
N ARG D 275 15.90 -0.72 51.78
CA ARG D 275 17.04 -0.10 51.13
C ARG D 275 17.79 0.91 51.97
N ASP D 276 17.57 0.95 53.28
CA ASP D 276 18.20 2.02 54.07
C ASP D 276 19.16 1.52 55.14
N PRO D 277 20.18 0.71 54.81
CA PRO D 277 21.27 0.50 55.79
C PRO D 277 22.06 1.78 56.01
N ASP D 278 22.60 2.32 54.92
CA ASP D 278 23.26 3.62 54.90
C ASP D 278 22.95 4.35 53.60
N PHE D 279 21.68 4.33 53.21
CA PHE D 279 21.30 4.72 51.86
C PHE D 279 21.53 6.21 51.64
N ASP D 280 21.97 6.56 50.44
CA ASP D 280 22.48 7.89 50.10
C ASP D 280 21.89 8.36 48.78
N LEU D 281 20.55 8.37 48.69
CA LEU D 281 19.84 8.67 47.46
C LEU D 281 20.23 10.00 46.82
N ASP D 282 20.80 10.92 47.60
CA ASP D 282 21.22 12.21 47.05
C ASP D 282 22.24 12.04 45.93
N TYR D 283 23.10 11.02 46.03
CA TYR D 283 24.11 10.78 45.00
C TYR D 283 23.48 10.15 43.76
N ILE D 284 22.54 9.22 43.96
CA ILE D 284 21.94 8.53 42.83
C ILE D 284 21.04 9.47 42.04
N ALA D 285 20.28 10.33 42.73
CA ALA D 285 19.42 11.27 42.03
C ALA D 285 20.19 12.34 41.28
N ARG D 286 21.48 12.54 41.59
CA ARG D 286 22.31 13.53 40.92
C ARG D 286 23.14 12.93 39.79
N VAL D 287 23.62 11.69 39.96
CA VAL D 287 24.46 11.09 38.93
C VAL D 287 23.65 10.78 37.68
N THR D 288 22.38 10.41 37.85
CA THR D 288 21.53 10.02 36.72
C THR D 288 20.81 11.22 36.11
N ALA D 289 21.57 12.28 35.81
CA ALA D 289 20.97 13.50 35.28
C ALA D 289 20.46 13.30 33.87
N GLY D 290 21.34 12.95 32.93
CA GLY D 290 20.94 12.80 31.55
C GLY D 290 19.97 11.65 31.29
N MET D 291 19.91 10.70 32.22
CA MET D 291 19.00 9.57 32.05
C MET D 291 17.56 10.04 32.13
N SER D 292 16.69 9.41 31.33
CA SER D 292 15.29 9.79 31.28
C SER D 292 14.57 9.30 32.53
N GLY D 293 13.25 9.48 32.53
CA GLY D 293 12.43 9.06 33.66
C GLY D 293 12.01 7.61 33.65
N SER D 294 12.10 6.93 32.51
CA SER D 294 11.75 5.52 32.40
C SER D 294 12.95 4.61 32.55
N ASP D 295 14.17 5.14 32.44
CA ASP D 295 15.37 4.36 32.72
C ASP D 295 15.81 4.43 34.17
N ILE D 296 15.31 5.41 34.93
CA ILE D 296 15.52 5.41 36.38
C ILE D 296 14.87 4.18 36.99
N LYS D 297 13.73 3.74 36.43
CA LYS D 297 13.08 2.53 36.93
C LYS D 297 13.98 1.31 36.74
N GLU D 298 14.56 1.14 35.55
CA GLU D 298 15.42 -0.01 35.32
C GLU D 298 16.71 0.09 36.12
N THR D 299 17.22 1.30 36.30
CA THR D 299 18.39 1.48 37.14
C THR D 299 18.12 1.07 38.58
N CYS D 300 16.99 1.51 39.15
CA CYS D 300 16.57 1.04 40.46
C CYS D 300 16.35 -0.46 40.50
N ARG D 301 15.84 -1.05 39.43
CA ARG D 301 15.64 -2.49 39.39
C ARG D 301 16.97 -3.22 39.47
N ASP D 302 17.95 -2.80 38.67
CA ASP D 302 19.26 -3.42 38.74
C ASP D 302 19.93 -3.15 40.07
N ALA D 303 19.63 -2.02 40.69
CA ALA D 303 20.15 -1.70 42.02
C ALA D 303 19.25 -2.21 43.13
N ALA D 304 18.19 -2.93 42.80
CA ALA D 304 17.30 -3.50 43.81
C ALA D 304 17.28 -5.02 43.84
N MET D 305 17.79 -5.68 42.81
CA MET D 305 17.90 -7.14 42.80
C MET D 305 19.35 -7.60 42.75
N ALA D 306 20.29 -6.68 42.99
CA ALA D 306 21.71 -7.02 43.09
C ALA D 306 21.97 -7.77 44.40
N PRO D 307 21.57 -7.24 45.56
CA PRO D 307 21.69 -8.03 46.78
C PRO D 307 20.81 -9.27 46.77
N MET D 308 19.71 -9.26 46.02
CA MET D 308 18.93 -10.48 45.86
C MET D 308 19.73 -11.55 45.12
N ARG D 309 20.43 -11.15 44.05
CA ARG D 309 21.32 -12.08 43.37
C ARG D 309 22.44 -12.54 44.29
N GLU D 310 22.94 -11.65 45.14
CA GLU D 310 23.94 -12.03 46.13
C GLU D 310 23.41 -13.12 47.05
N TYR D 311 22.21 -12.93 47.58
CA TYR D 311 21.61 -13.94 48.45
C TYR D 311 21.39 -15.26 47.72
N ILE D 312 20.97 -15.19 46.45
CA ILE D 312 20.73 -16.42 45.71
C ILE D 312 22.03 -17.18 45.47
N ARG D 313 23.09 -16.46 45.07
CA ARG D 313 24.36 -17.11 44.82
C ARG D 313 24.96 -17.64 46.12
N GLN D 314 24.69 -16.97 47.24
CA GLN D 314 25.15 -17.48 48.53
C GLN D 314 24.42 -18.76 48.89
N HIS D 315 23.10 -18.77 48.74
CA HIS D 315 22.32 -19.97 49.05
C HIS D 315 22.57 -21.09 48.05
N ARG D 316 23.17 -20.77 46.90
CA ARG D 316 23.49 -21.78 45.90
C ARG D 316 24.43 -22.87 46.42
N ALA D 317 25.12 -22.63 47.55
CA ALA D 317 26.02 -23.63 48.11
C ALA D 317 25.30 -24.94 48.41
N SER D 318 24.13 -24.86 49.03
CA SER D 318 23.34 -26.04 49.36
C SER D 318 21.95 -25.58 49.78
N GLY D 319 21.08 -26.54 50.09
CA GLY D 319 19.73 -26.21 50.51
C GLY D 319 18.74 -26.24 49.35
N LYS D 320 17.59 -25.60 49.57
CA LYS D 320 16.53 -25.53 48.57
C LYS D 320 15.92 -24.14 48.64
N PRO D 321 15.37 -23.63 47.53
CA PRO D 321 14.90 -22.24 47.53
C PRO D 321 13.67 -22.04 48.40
N LEU D 322 13.88 -21.44 49.57
CA LEU D 322 12.84 -21.08 50.53
C LEU D 322 13.10 -19.66 51.03
N SER D 323 13.23 -18.73 50.09
CA SER D 323 13.80 -17.40 50.26
C SER D 323 13.41 -16.68 51.55
N GLU D 324 14.41 -16.21 52.28
CA GLU D 324 14.21 -15.44 53.50
C GLU D 324 14.00 -13.98 53.08
N ILE D 325 14.03 -13.06 54.05
CA ILE D 325 13.76 -11.65 53.78
C ILE D 325 14.96 -10.81 54.18
N ASN D 326 16.17 -11.38 54.05
CA ASN D 326 17.39 -10.70 54.50
C ASN D 326 18.41 -10.46 53.38
N PRO D 327 18.02 -9.75 52.30
CA PRO D 327 19.05 -9.11 51.48
C PRO D 327 19.34 -7.71 51.99
N ASP D 328 20.18 -6.94 51.30
CA ASP D 328 20.46 -5.58 51.73
C ASP D 328 20.90 -4.73 50.53
N ASP D 329 20.10 -3.71 50.22
CA ASP D 329 20.41 -2.78 49.13
C ASP D 329 21.36 -1.71 49.64
N VAL D 330 22.53 -1.62 49.02
CA VAL D 330 23.54 -0.66 49.44
C VAL D 330 23.91 0.26 48.27
N ARG D 331 24.45 -0.33 47.20
CA ARG D 331 24.90 0.45 46.05
C ARG D 331 24.77 -0.40 44.80
N GLY D 332 24.14 0.14 43.77
CA GLY D 332 24.08 -0.51 42.48
C GLY D 332 25.30 -0.19 41.64
N ILE D 333 25.09 0.20 40.38
CA ILE D 333 26.18 0.58 39.51
C ILE D 333 25.80 1.82 38.71
N ASP E 14 -12.91 -19.85 1.85
CA ASP E 14 -12.56 -18.81 2.83
C ASP E 14 -12.82 -19.27 4.25
N TYR E 15 -13.14 -20.56 4.41
CA TYR E 15 -13.43 -21.12 5.72
C TYR E 15 -12.54 -22.31 6.02
N GLU E 16 -12.19 -23.09 4.98
CA GLU E 16 -11.34 -24.25 5.17
C GLU E 16 -9.95 -23.88 5.66
N LYS E 17 -9.43 -22.71 5.27
CA LYS E 17 -8.16 -22.24 5.80
C LYS E 17 -8.24 -22.04 7.30
N ASN E 18 -9.38 -21.55 7.78
CA ASN E 18 -9.58 -21.38 9.22
C ASN E 18 -9.65 -22.74 9.91
N GLU E 19 -10.36 -23.70 9.32
CA GLU E 19 -10.48 -25.02 9.94
C GLU E 19 -9.12 -25.71 10.02
N ARG E 20 -8.31 -25.59 8.96
CA ARG E 20 -6.99 -26.21 8.97
C ARG E 20 -6.11 -25.62 10.07
N THR E 21 -6.11 -24.29 10.20
CA THR E 21 -5.26 -23.65 11.19
C THR E 21 -5.78 -23.88 12.60
N ARG E 22 -7.10 -23.97 12.79
CA ARG E 22 -7.64 -24.14 14.13
C ARG E 22 -7.43 -25.56 14.65
N ILE E 23 -7.48 -26.57 13.78
CA ILE E 23 -7.19 -27.93 14.22
C ILE E 23 -5.71 -28.14 14.48
N LYS E 24 -4.84 -27.52 13.68
CA LYS E 24 -3.41 -27.62 13.93
C LYS E 24 -2.99 -26.72 15.09
N ALA E 25 -3.77 -25.66 15.35
CA ALA E 25 -3.47 -24.78 16.47
C ALA E 25 -3.56 -25.51 17.79
N GLN E 26 -4.64 -26.26 17.99
CA GLN E 26 -4.78 -27.04 19.22
C GLN E 26 -3.70 -28.10 19.32
N GLU E 27 -3.41 -28.78 18.21
CA GLU E 27 -2.40 -29.84 18.21
C GLU E 27 -1.02 -29.29 18.57
N ASN E 28 -0.69 -28.10 18.09
CA ASN E 28 0.60 -27.50 18.44
C ASN E 28 0.66 -27.17 19.92
N LEU E 29 -0.43 -26.62 20.47
CA LEU E 29 -0.44 -26.29 21.89
C LEU E 29 -0.42 -27.53 22.77
N ARG E 30 -1.01 -28.63 22.30
CA ARG E 30 -1.02 -29.86 23.09
C ARG E 30 0.40 -30.38 23.32
N ARG E 31 1.29 -30.14 22.36
CA ARG E 31 2.66 -30.59 22.50
C ARG E 31 3.36 -29.89 23.66
N ILE E 32 3.28 -28.56 23.69
CA ILE E 32 3.91 -27.82 24.78
C ILE E 32 3.17 -28.05 26.09
N ARG E 33 1.85 -28.23 26.02
CA ARG E 33 1.08 -28.47 27.23
C ARG E 33 1.36 -29.86 27.79
N ARG E 34 1.42 -30.88 26.94
CA ARG E 34 1.71 -32.23 27.40
C ARG E 34 3.17 -32.42 27.78
N LYS E 35 4.05 -31.48 27.41
CA LYS E 35 5.45 -31.57 27.84
C LYS E 35 5.55 -31.50 29.37
N GLN E 36 4.71 -30.68 29.99
CA GLN E 36 4.69 -30.55 31.44
C GLN E 36 4.15 -31.83 32.08
N LEU E 59 -6.11 -21.11 26.71
CA LEU E 59 -6.32 -22.34 25.95
C LEU E 59 -7.08 -22.05 24.66
N VAL E 60 -8.36 -21.72 24.80
CA VAL E 60 -9.18 -21.39 23.64
C VAL E 60 -8.65 -20.11 23.02
N LEU E 61 -8.58 -20.08 21.69
CA LEU E 61 -8.02 -18.95 20.96
C LEU E 61 -8.98 -18.51 19.87
N ASN E 62 -8.96 -17.21 19.59
CA ASN E 62 -9.81 -16.65 18.56
C ASN E 62 -9.11 -16.76 17.20
N GLU E 63 -9.62 -16.06 16.18
CA GLU E 63 -9.12 -16.24 14.81
C GLU E 63 -7.64 -15.92 14.69
N TYR E 64 -7.27 -14.67 15.01
CA TYR E 64 -5.90 -14.25 14.78
C TYR E 64 -4.92 -14.95 15.71
N GLU E 65 -5.39 -15.39 16.87
CA GLU E 65 -4.52 -16.12 17.79
C GLU E 65 -4.16 -17.49 17.24
N ASN E 66 -4.98 -18.05 16.34
CA ASN E 66 -4.63 -19.31 15.72
C ASN E 66 -3.40 -19.18 14.83
N GLN E 67 -3.15 -17.98 14.29
CA GLN E 67 -1.96 -17.75 13.49
C GLN E 67 -0.70 -18.03 14.31
N VAL E 68 -0.56 -17.36 15.45
CA VAL E 68 0.55 -17.62 16.35
C VAL E 68 0.36 -18.95 17.07
N ALA E 69 -0.83 -19.52 17.05
CA ALA E 69 -1.06 -20.81 17.68
C ALA E 69 -0.27 -21.92 16.96
N LEU E 70 -0.05 -21.75 15.66
CA LEU E 70 0.81 -22.64 14.89
C LEU E 70 2.26 -22.22 14.92
N GLU E 71 2.67 -21.51 15.98
CA GLU E 71 3.92 -20.78 15.95
C GLU E 71 4.75 -20.92 17.23
N VAL E 72 4.16 -21.40 18.33
CA VAL E 72 4.94 -21.58 19.54
C VAL E 72 5.95 -22.71 19.32
N VAL E 73 7.13 -22.54 19.91
CA VAL E 73 8.23 -23.48 19.78
C VAL E 73 8.31 -24.30 21.06
N ALA E 74 8.22 -25.62 20.92
CA ALA E 74 8.35 -26.50 22.07
C ALA E 74 9.81 -26.60 22.48
N PRO E 75 10.13 -26.51 23.78
CA PRO E 75 11.54 -26.55 24.19
C PRO E 75 12.22 -27.88 23.90
N GLU E 76 11.46 -28.97 23.78
CA GLU E 76 12.05 -30.25 23.45
C GLU E 76 12.45 -30.36 21.98
N ASP E 77 11.91 -29.48 21.13
CA ASP E 77 12.20 -29.54 19.70
C ASP E 77 13.59 -29.04 19.39
N ILE E 78 13.96 -27.88 19.91
CA ILE E 78 15.29 -27.31 19.63
C ILE E 78 16.35 -28.19 20.26
N PRO E 79 17.39 -28.58 19.52
CA PRO E 79 18.39 -29.52 20.06
C PRO E 79 19.57 -28.90 20.78
N VAL E 80 19.59 -27.59 21.00
CA VAL E 80 20.73 -26.93 21.62
C VAL E 80 20.32 -26.39 22.99
N GLY E 81 21.30 -26.30 23.88
CA GLY E 81 21.06 -25.79 25.22
C GLY E 81 22.03 -24.69 25.63
N PHE E 82 22.03 -24.34 26.91
CA PHE E 82 22.92 -23.29 27.40
C PHE E 82 24.37 -23.74 27.42
N ASN E 83 24.64 -25.03 27.56
CA ASN E 83 26.00 -25.54 27.66
C ASN E 83 26.62 -25.79 26.29
N ASP E 84 26.11 -25.14 25.25
CA ASP E 84 26.68 -25.23 23.91
C ASP E 84 27.03 -23.86 23.36
N ILE E 85 27.19 -22.88 24.24
CA ILE E 85 27.52 -21.51 23.87
C ILE E 85 28.71 -21.10 24.73
N GLY E 86 29.92 -21.21 24.18
CA GLY E 86 31.10 -20.91 24.95
C GLY E 86 31.54 -19.47 24.81
N GLY E 87 32.35 -19.03 25.77
CA GLY E 87 32.89 -17.69 25.77
C GLY E 87 31.94 -16.61 26.22
N LEU E 88 30.65 -16.91 26.37
CA LEU E 88 29.65 -15.92 26.80
C LEU E 88 29.24 -16.12 28.25
N ASP E 89 30.20 -16.47 29.11
CA ASP E 89 29.98 -16.68 30.53
C ASP E 89 29.48 -15.42 31.25
N ASP E 90 29.63 -14.22 30.69
CA ASP E 90 29.13 -13.01 31.34
C ASP E 90 27.81 -12.54 30.75
N ILE E 91 27.41 -13.08 29.60
CA ILE E 91 26.10 -12.80 29.03
C ILE E 91 25.13 -13.93 29.27
N ILE E 92 25.59 -15.19 29.25
CA ILE E 92 24.73 -16.29 29.63
C ILE E 92 24.38 -16.21 31.11
N GLU E 93 25.22 -15.59 31.92
CA GLU E 93 24.97 -15.44 33.35
C GLU E 93 24.06 -14.26 33.66
N GLU E 94 24.02 -13.24 32.81
CA GLU E 94 23.15 -12.10 33.00
C GLU E 94 21.82 -12.23 32.24
N LEU E 95 21.75 -13.14 31.27
CA LEU E 95 20.50 -13.53 30.65
C LEU E 95 19.81 -14.64 31.43
N LYS E 96 20.39 -15.04 32.57
CA LYS E 96 19.88 -16.12 33.37
C LYS E 96 19.55 -15.72 34.80
N GLU E 97 20.13 -14.64 35.32
CA GLU E 97 19.86 -14.21 36.68
C GLU E 97 18.90 -13.03 36.76
N THR E 98 18.72 -12.29 35.67
CA THR E 98 17.94 -11.08 35.70
C THR E 98 16.82 -11.03 34.66
N ILE E 99 16.80 -11.90 33.67
CA ILE E 99 15.79 -11.82 32.62
C ILE E 99 15.03 -13.12 32.45
N ILE E 100 15.66 -14.25 32.75
CA ILE E 100 15.02 -15.55 32.57
C ILE E 100 14.75 -16.25 33.89
N TYR E 101 15.31 -15.76 34.99
CA TYR E 101 14.98 -16.34 36.29
C TYR E 101 14.64 -15.25 37.30
N PRO E 102 14.04 -14.11 36.89
CA PRO E 102 13.01 -13.49 37.73
C PRO E 102 11.63 -13.83 37.19
N LEU E 103 11.61 -14.36 35.98
CA LEU E 103 10.36 -14.57 35.25
C LEU E 103 9.70 -15.87 35.68
N THR E 104 10.38 -17.00 35.48
CA THR E 104 9.91 -18.25 36.00
C THR E 104 10.06 -18.28 37.52
N MET E 105 9.21 -19.06 38.18
CA MET E 105 9.07 -19.17 39.63
C MET E 105 9.09 -17.79 40.30
N PRO E 106 8.17 -16.90 39.92
CA PRO E 106 8.22 -15.54 40.48
C PRO E 106 7.92 -15.46 41.96
N HIS E 107 7.49 -16.57 42.59
CA HIS E 107 7.28 -16.57 44.03
C HIS E 107 8.57 -16.30 44.78
N LEU E 108 9.71 -16.69 44.20
CA LEU E 108 11.00 -16.35 44.80
C LEU E 108 11.19 -14.84 44.88
N TYR E 109 10.76 -14.12 43.86
CA TYR E 109 10.82 -12.66 43.84
C TYR E 109 9.42 -12.13 44.15
N LYS E 110 9.09 -12.07 45.43
CA LYS E 110 7.79 -11.54 45.85
C LYS E 110 7.91 -10.57 47.01
N HIS E 111 9.11 -10.28 47.48
CA HIS E 111 9.28 -9.28 48.54
C HIS E 111 8.88 -7.90 48.04
N GLY E 112 9.53 -7.43 46.99
CA GLY E 112 9.19 -6.18 46.35
C GLY E 112 8.74 -6.40 44.92
N GLY E 113 7.91 -7.42 44.71
CA GLY E 113 7.49 -7.87 43.39
C GLY E 113 7.03 -6.82 42.40
N ALA E 114 6.58 -5.66 42.89
CA ALA E 114 6.18 -4.59 42.00
C ALA E 114 7.34 -4.13 41.13
N LEU E 115 8.57 -4.20 41.65
CA LEU E 115 9.75 -3.73 40.92
C LEU E 115 10.73 -4.84 40.58
N LEU E 116 10.79 -5.91 41.36
CA LEU E 116 11.75 -6.98 41.14
C LEU E 116 11.13 -8.07 40.27
N ALA E 117 10.77 -7.68 39.05
CA ALA E 117 10.17 -8.57 38.07
C ALA E 117 11.10 -8.72 36.88
N ALA E 118 10.68 -9.52 35.91
CA ALA E 118 11.48 -9.75 34.72
C ALA E 118 11.32 -8.57 33.76
N PRO E 119 12.41 -8.10 33.14
CA PRO E 119 12.28 -7.00 32.18
C PRO E 119 11.40 -7.38 31.02
N SER E 120 10.72 -6.38 30.44
CA SER E 120 9.75 -6.60 29.39
C SER E 120 10.39 -6.86 28.03
N GLY E 121 11.72 -6.95 27.95
CA GLY E 121 12.36 -7.21 26.67
C GLY E 121 13.87 -7.21 26.75
N VAL E 122 14.52 -7.84 25.78
CA VAL E 122 15.97 -7.91 25.74
C VAL E 122 16.43 -7.72 24.29
N LEU E 123 17.54 -7.01 24.13
CA LEU E 123 18.09 -6.71 22.82
C LEU E 123 19.48 -7.31 22.73
N LEU E 124 19.63 -8.36 21.94
CA LEU E 124 20.92 -8.95 21.66
C LEU E 124 21.49 -8.31 20.39
N TYR E 125 22.60 -7.59 20.53
CA TYR E 125 23.14 -6.82 19.43
C TYR E 125 24.65 -6.98 19.41
N GLY E 126 25.24 -6.82 18.22
CA GLY E 126 26.66 -6.92 18.05
C GLY E 126 27.04 -7.33 16.65
N PRO E 127 28.26 -7.86 16.49
CA PRO E 127 28.69 -8.29 15.16
C PRO E 127 27.88 -9.49 14.70
N PRO E 128 27.55 -9.57 13.42
CA PRO E 128 26.70 -10.66 12.93
C PRO E 128 27.48 -11.98 12.90
N GLY E 129 26.98 -12.97 13.61
CA GLY E 129 27.58 -14.30 13.58
C GLY E 129 28.16 -14.74 14.91
N CYS E 130 27.58 -14.29 16.02
CA CYS E 130 28.06 -14.73 17.33
C CYS E 130 26.87 -14.75 18.30
N GLY E 131 26.24 -15.91 18.44
CA GLY E 131 25.35 -16.19 19.54
C GLY E 131 24.00 -15.49 19.54
N LYS E 132 23.83 -14.41 18.76
CA LYS E 132 22.60 -13.63 18.83
C LYS E 132 21.37 -14.47 18.54
N THR E 133 21.51 -15.48 17.68
CA THR E 133 20.47 -16.46 17.46
C THR E 133 20.66 -17.72 18.29
N MET E 134 21.91 -18.08 18.61
CA MET E 134 22.16 -19.27 19.42
C MET E 134 21.69 -19.06 20.86
N LEU E 135 21.89 -17.86 21.41
CA LEU E 135 21.41 -17.58 22.75
C LEU E 135 19.89 -17.72 22.83
N ALA E 136 19.18 -17.15 21.86
CA ALA E 136 17.73 -17.27 21.82
C ALA E 136 17.27 -18.69 21.50
N LYS E 137 18.08 -19.47 20.78
CA LYS E 137 17.78 -20.86 20.53
C LYS E 137 17.95 -21.73 21.77
N ALA E 138 18.89 -21.37 22.65
CA ALA E 138 19.06 -22.10 23.90
C ALA E 138 18.08 -21.62 24.97
N VAL E 139 17.65 -20.36 24.88
CA VAL E 139 16.64 -19.86 25.81
C VAL E 139 15.29 -20.49 25.51
N ALA E 140 15.05 -20.86 24.26
CA ALA E 140 13.82 -21.56 23.91
C ALA E 140 13.86 -23.03 24.31
N HIS E 141 15.00 -23.53 24.76
CA HIS E 141 15.16 -24.93 25.14
C HIS E 141 15.29 -25.13 26.64
N GLU E 142 16.06 -24.28 27.31
CA GLU E 142 16.38 -24.46 28.72
C GLU E 142 15.83 -23.32 29.58
N SER E 143 14.58 -22.93 29.33
CA SER E 143 13.92 -21.89 30.12
C SER E 143 12.68 -22.40 30.83
N GLY E 144 11.80 -23.11 30.14
CA GLY E 144 10.54 -23.55 30.68
C GLY E 144 9.36 -22.69 30.28
N ALA E 145 9.60 -21.43 29.90
CA ALA E 145 8.52 -20.57 29.46
C ALA E 145 8.04 -20.97 28.06
N SER E 146 6.81 -20.57 27.75
CA SER E 146 6.21 -20.86 26.45
C SER E 146 6.83 -19.93 25.41
N PHE E 147 7.95 -20.38 24.84
CA PHE E 147 8.66 -19.58 23.85
C PHE E 147 7.83 -19.46 22.58
N ILE E 148 7.71 -18.23 22.07
CA ILE E 148 6.90 -17.95 20.90
C ILE E 148 7.75 -17.15 19.92
N ASN E 149 8.15 -17.79 18.82
CA ASN E 149 8.80 -17.08 17.74
C ASN E 149 7.79 -16.17 17.05
N LEU E 150 8.27 -15.12 16.38
CA LEU E 150 7.36 -14.13 15.84
C LEU E 150 7.24 -14.17 14.32
N HIS E 151 8.28 -14.54 13.59
CA HIS E 151 8.15 -14.82 12.16
C HIS E 151 7.61 -13.64 11.36
N ILE E 152 8.42 -12.61 11.17
CA ILE E 152 8.06 -11.29 10.62
C ILE E 152 7.08 -11.36 9.44
N SER E 153 7.15 -12.41 8.63
CA SER E 153 6.22 -12.56 7.53
C SER E 153 4.77 -12.66 8.01
N THR E 154 4.56 -13.21 9.21
CA THR E 154 3.19 -13.41 9.68
C THR E 154 2.58 -12.14 10.25
N LEU E 155 3.39 -11.16 10.66
CA LEU E 155 2.85 -9.91 11.17
C LEU E 155 2.28 -9.05 10.06
N THR E 156 2.75 -9.22 8.83
CA THR E 156 2.40 -8.34 7.72
C THR E 156 1.46 -9.07 6.79
N GLU E 157 0.16 -8.98 7.06
CA GLU E 157 -0.84 -9.53 6.16
C GLU E 157 -1.18 -8.52 5.07
N LYS E 158 -1.54 -9.04 3.91
CA LYS E 158 -1.85 -8.16 2.78
C LYS E 158 -3.16 -7.40 2.97
N TRP E 159 -4.04 -7.89 3.84
CA TRP E 159 -5.28 -7.18 4.10
C TRP E 159 -5.01 -5.95 4.97
N TYR E 160 -6.07 -5.20 5.23
CA TYR E 160 -5.97 -3.99 6.03
C TYR E 160 -6.37 -4.29 7.46
N GLY E 161 -5.47 -3.98 8.40
CA GLY E 161 -5.72 -4.19 9.81
C GLY E 161 -5.30 -5.53 10.36
N ASP E 162 -5.00 -6.52 9.51
CA ASP E 162 -4.57 -7.80 10.02
C ASP E 162 -3.18 -7.73 10.65
N SER E 163 -2.38 -6.75 10.25
CA SER E 163 -1.06 -6.58 10.84
C SER E 163 -1.13 -6.22 12.32
N ASN E 164 -2.22 -5.58 12.75
CA ASN E 164 -2.42 -5.26 14.15
C ASN E 164 -3.25 -6.31 14.87
N LYS E 165 -4.16 -6.97 14.15
CA LYS E 165 -4.87 -8.11 14.69
C LYS E 165 -3.95 -9.25 15.06
N ILE E 166 -2.78 -9.36 14.41
CA ILE E 166 -1.79 -10.34 14.78
C ILE E 166 -0.91 -9.85 15.93
N VAL E 167 -0.64 -8.54 15.99
CA VAL E 167 0.15 -8.01 17.09
C VAL E 167 -0.58 -8.16 18.41
N ARG E 168 -1.84 -7.74 18.47
CA ARG E 168 -2.61 -7.93 19.69
C ARG E 168 -3.15 -9.34 19.82
N ALA E 169 -2.90 -10.20 18.83
CA ALA E 169 -3.11 -11.63 19.01
C ALA E 169 -1.92 -12.29 19.71
N VAL E 170 -0.70 -11.89 19.35
CA VAL E 170 0.47 -12.45 20.01
C VAL E 170 0.61 -11.90 21.43
N PHE E 171 0.34 -10.60 21.61
CA PHE E 171 0.35 -10.02 22.95
C PHE E 171 -0.88 -10.38 23.76
N SER E 172 -1.80 -11.17 23.20
CA SER E 172 -2.88 -11.77 23.98
C SER E 172 -2.66 -13.26 24.21
N LEU E 173 -1.95 -13.94 23.31
CA LEU E 173 -1.58 -15.33 23.53
C LEU E 173 -0.47 -15.45 24.56
N ALA E 174 0.47 -14.50 24.57
CA ALA E 174 1.50 -14.50 25.60
C ALA E 174 0.87 -14.34 26.98
N LYS E 175 -0.18 -13.54 27.11
CA LYS E 175 -0.87 -13.42 28.38
C LYS E 175 -1.63 -14.70 28.72
N LYS E 176 -2.09 -15.44 27.72
CA LYS E 176 -2.79 -16.69 27.97
C LYS E 176 -1.81 -17.83 28.23
N LEU E 177 -0.70 -17.86 27.50
CA LEU E 177 0.38 -18.80 27.74
C LEU E 177 1.41 -18.29 28.73
N GLN E 178 1.00 -17.39 29.63
CA GLN E 178 1.92 -16.83 30.60
C GLN E 178 2.48 -17.93 31.50
N PRO E 179 3.79 -17.89 31.82
CA PRO E 179 4.70 -16.87 31.31
C PRO E 179 5.09 -17.12 29.86
N SER E 180 5.41 -16.05 29.11
CA SER E 180 5.69 -16.18 27.70
C SER E 180 6.95 -15.37 27.35
N ILE E 181 7.56 -15.72 26.22
CA ILE E 181 8.75 -15.07 25.73
C ILE E 181 8.62 -14.92 24.22
N ILE E 182 8.60 -13.68 23.75
CA ILE E 182 8.52 -13.40 22.32
C ILE E 182 9.91 -13.06 21.82
N PHE E 183 10.27 -13.64 20.66
CA PHE E 183 11.59 -13.43 20.08
C PHE E 183 11.42 -12.97 18.63
N ILE E 184 11.91 -11.77 18.34
CA ILE E 184 11.86 -11.19 17.01
C ILE E 184 13.31 -11.10 16.52
N ASP E 185 13.75 -12.12 15.80
CA ASP E 185 15.13 -12.11 15.30
C ASP E 185 15.29 -11.03 14.24
N GLU E 186 16.38 -10.27 14.35
CA GLU E 186 16.63 -9.12 13.48
C GLU E 186 15.50 -8.10 13.59
N ILE E 187 15.42 -7.53 14.81
CA ILE E 187 14.34 -6.62 15.16
C ILE E 187 14.37 -5.35 14.32
N ASP E 188 15.53 -5.01 13.75
CA ASP E 188 15.63 -3.78 12.97
C ASP E 188 14.96 -3.87 11.60
N ALA E 189 14.24 -4.94 11.28
CA ALA E 189 13.49 -5.06 10.03
C ALA E 189 11.99 -4.93 10.21
N VAL E 190 11.40 -5.66 11.15
CA VAL E 190 9.99 -5.49 11.44
C VAL E 190 9.77 -4.21 12.23
N LEU E 191 10.77 -3.80 13.00
CA LEU E 191 10.72 -2.55 13.74
C LEU E 191 11.84 -1.63 13.27
N GLY E 192 11.58 -0.33 13.35
CA GLY E 192 12.54 0.66 12.90
C GLY E 192 12.08 2.03 13.36
N THR E 193 12.93 3.02 13.08
CA THR E 193 12.52 4.40 13.29
C THR E 193 11.29 4.69 12.44
N ARG E 194 10.44 5.60 12.92
CA ARG E 194 9.11 5.76 12.33
C ARG E 194 9.17 6.11 10.85
N ARG E 195 9.97 7.11 10.49
CA ARG E 195 10.17 7.49 9.09
C ARG E 195 8.83 7.83 8.42
N SER E 196 8.22 8.91 8.94
CA SER E 196 6.85 9.33 8.63
C SER E 196 6.51 9.27 7.15
N GLY E 197 7.47 9.56 6.28
CA GLY E 197 7.25 9.43 4.85
C GLY E 197 7.50 8.02 4.34
N GLU E 198 6.78 7.05 4.87
CA GLU E 198 6.88 5.67 4.41
C GLU E 198 5.48 5.06 4.39
N HIS E 199 5.42 3.74 4.27
CA HIS E 199 4.14 3.03 4.25
C HIS E 199 3.43 3.20 5.59
N GLU E 200 2.23 3.76 5.55
CA GLU E 200 1.50 4.02 6.80
C GLU E 200 1.01 2.72 7.45
N ALA E 201 0.73 1.69 6.65
CA ALA E 201 0.25 0.43 7.21
C ALA E 201 1.30 -0.30 8.01
N SER E 202 2.58 0.03 7.83
CA SER E 202 3.67 -0.59 8.58
C SER E 202 4.16 0.30 9.71
N GLY E 203 3.52 1.45 9.91
CA GLY E 203 3.86 2.32 11.02
C GLY E 203 2.93 2.07 12.20
N MET E 204 1.90 1.25 11.97
CA MET E 204 0.97 0.89 13.04
C MET E 204 1.40 -0.37 13.77
N VAL E 205 2.05 -1.31 13.08
CA VAL E 205 2.60 -2.47 13.77
C VAL E 205 3.83 -2.05 14.58
N LYS E 206 4.60 -1.10 14.08
CA LYS E 206 5.68 -0.53 14.87
C LYS E 206 5.16 0.38 15.98
N ALA E 207 3.94 0.89 15.84
CA ALA E 207 3.29 1.69 16.87
C ALA E 207 2.24 0.89 17.62
N GLU E 208 2.18 -0.43 17.41
CA GLU E 208 1.31 -1.30 18.18
C GLU E 208 2.05 -2.00 19.31
N PHE E 209 3.37 -2.15 19.18
CA PHE E 209 4.18 -2.64 20.29
C PHE E 209 4.29 -1.62 21.41
N MET E 210 4.18 -0.33 21.08
CA MET E 210 4.27 0.74 22.05
C MET E 210 2.94 0.90 22.80
N THR E 211 1.95 0.12 22.41
CA THR E 211 0.61 0.18 23.00
C THR E 211 0.25 -1.06 23.79
N LEU E 212 0.70 -2.24 23.37
CA LEU E 212 0.41 -3.47 24.08
C LEU E 212 1.57 -3.97 24.92
N TRP E 213 2.80 -3.67 24.52
CA TRP E 213 3.96 -4.25 25.18
C TRP E 213 4.43 -3.40 26.36
N ASP E 214 4.13 -2.11 26.35
CA ASP E 214 4.27 -1.31 27.57
C ASP E 214 3.13 -0.31 27.70
N GLY E 215 2.01 -0.55 27.03
CA GLY E 215 0.95 0.41 26.98
C GLY E 215 0.14 0.52 28.25
N LEU E 216 -1.15 0.86 28.08
CA LEU E 216 -2.02 1.06 29.23
C LEU E 216 -2.28 -0.24 29.99
N THR E 217 -2.36 -1.36 29.28
CA THR E 217 -2.70 -2.64 29.91
C THR E 217 -1.48 -3.55 30.00
N SER E 218 -0.31 -2.99 30.20
CA SER E 218 0.88 -3.78 30.42
C SER E 218 1.00 -4.30 31.85
N THR E 219 0.18 -3.79 32.77
CA THR E 219 0.19 -4.21 34.15
C THR E 219 -1.13 -4.89 34.51
N ASN E 220 -1.11 -5.61 35.61
CA ASN E 220 -2.29 -6.29 36.11
C ASN E 220 -3.04 -5.33 37.03
N ALA E 221 -4.02 -5.85 37.79
CA ALA E 221 -4.72 -5.02 38.75
C ALA E 221 -3.93 -4.83 40.04
N SER E 222 -2.73 -5.41 40.14
CA SER E 222 -1.92 -5.30 41.34
C SER E 222 -0.47 -4.94 41.09
N GLY E 223 0.02 -5.06 39.86
CA GLY E 223 1.39 -4.66 39.57
C GLY E 223 2.15 -5.60 38.65
N VAL E 224 1.80 -6.88 38.65
CA VAL E 224 2.50 -7.87 37.84
C VAL E 224 2.31 -7.55 36.37
N PRO E 225 3.38 -7.23 35.64
CA PRO E 225 3.24 -6.79 34.24
C PRO E 225 3.18 -7.95 33.25
N ASN E 226 2.31 -8.91 33.53
CA ASN E 226 1.95 -9.97 32.60
C ASN E 226 3.03 -11.04 32.40
N ARG E 227 4.22 -10.82 32.98
CA ARG E 227 5.30 -11.79 32.91
C ARG E 227 5.65 -12.17 31.46
N ILE E 228 5.76 -11.15 30.61
CA ILE E 228 6.02 -11.34 29.19
C ILE E 228 7.28 -10.56 28.84
N VAL E 229 8.33 -11.27 28.46
CA VAL E 229 9.57 -10.67 27.99
C VAL E 229 9.69 -10.93 26.50
N VAL E 230 10.12 -9.90 25.76
CA VAL E 230 10.22 -9.97 24.30
C VAL E 230 11.70 -9.89 23.93
N LEU E 231 12.22 -10.98 23.39
CA LEU E 231 13.62 -11.05 22.97
C LEU E 231 13.77 -10.50 21.56
N GLY E 232 14.89 -9.80 21.33
CA GLY E 232 15.21 -9.27 20.03
C GLY E 232 16.69 -9.31 19.76
N ALA E 233 17.08 -9.88 18.62
CA ALA E 233 18.47 -10.02 18.23
C ALA E 233 18.70 -9.31 16.91
N THR E 234 19.36 -8.17 16.96
CA THR E 234 19.63 -7.36 15.77
C THR E 234 21.13 -7.30 15.54
N ASN E 235 21.54 -7.38 14.28
CA ASN E 235 22.94 -7.20 13.92
C ASN E 235 23.34 -5.74 13.86
N ARG E 236 22.41 -4.81 14.00
CA ARG E 236 22.69 -3.38 13.94
C ARG E 236 21.83 -2.68 15.00
N ILE E 237 22.45 -2.33 16.12
CA ILE E 237 21.78 -1.54 17.14
C ILE E 237 21.82 -0.08 16.68
N ASN E 238 21.06 0.78 17.35
CA ASN E 238 20.81 2.22 17.17
C ASN E 238 20.01 2.53 15.91
N ASP E 239 19.66 1.51 15.11
CA ASP E 239 18.75 1.68 13.99
C ASP E 239 17.48 0.87 14.23
N ILE E 240 17.16 0.65 15.50
CA ILE E 240 15.96 -0.08 15.88
C ILE E 240 14.84 0.92 16.14
N ASP E 241 15.07 1.84 17.08
CA ASP E 241 14.12 2.90 17.37
C ASP E 241 14.68 3.80 18.46
N GLU E 242 14.09 4.99 18.63
CA GLU E 242 14.37 5.81 19.80
C GLU E 242 13.42 5.51 20.94
N ALA E 243 12.35 4.76 20.69
CA ALA E 243 11.39 4.39 21.71
C ALA E 243 11.44 2.89 22.05
N ILE E 244 11.81 2.06 21.08
CA ILE E 244 11.96 0.63 21.35
C ILE E 244 13.18 0.33 22.20
N LEU E 245 14.19 1.19 22.17
CA LEU E 245 15.39 0.99 22.96
C LEU E 245 15.23 1.36 24.42
N ARG E 246 14.02 1.78 24.84
CA ARG E 246 13.72 1.94 26.25
C ARG E 246 12.76 0.88 26.78
N ARG E 247 11.88 0.33 25.93
CA ARG E 247 11.02 -0.76 26.34
C ARG E 247 11.83 -1.93 26.88
N MET E 248 12.72 -2.47 26.06
CA MET E 248 13.63 -3.54 26.44
C MET E 248 14.85 -2.95 27.15
N PRO E 249 14.91 -3.06 28.48
CA PRO E 249 15.98 -2.40 29.24
C PRO E 249 17.29 -3.18 29.30
N LYS E 250 17.35 -4.38 28.75
CA LYS E 250 18.54 -5.23 28.82
C LYS E 250 19.07 -5.44 27.41
N GLN E 251 19.93 -4.52 26.96
CA GLN E 251 20.63 -4.65 25.69
C GLN E 251 21.97 -5.32 25.96
N PHE E 252 22.04 -6.63 25.73
CA PHE E 252 23.27 -7.38 25.94
C PHE E 252 24.12 -7.31 24.69
N PRO E 253 25.26 -6.61 24.71
CA PRO E 253 26.15 -6.64 23.55
C PRO E 253 26.93 -7.95 23.51
N VAL E 254 26.88 -8.61 22.35
CA VAL E 254 27.57 -9.88 22.17
C VAL E 254 28.79 -9.66 21.30
N PRO E 255 29.97 -9.45 21.88
CA PRO E 255 31.16 -9.12 21.07
C PRO E 255 31.64 -10.32 20.27
N LEU E 256 32.59 -10.05 19.39
CA LEU E 256 33.22 -11.11 18.63
C LEU E 256 33.98 -12.05 19.57
N PRO E 257 34.19 -13.29 19.16
CA PRO E 257 34.93 -14.23 20.02
C PRO E 257 36.39 -13.85 20.17
N GLY E 258 36.80 -13.51 21.38
CA GLY E 258 38.17 -13.13 21.64
C GLY E 258 39.13 -14.30 21.71
N LEU E 259 40.18 -14.17 22.53
CA LEU E 259 41.19 -15.21 22.62
C LEU E 259 40.67 -16.46 23.34
N GLU E 260 39.65 -16.32 24.18
CA GLU E 260 39.12 -17.47 24.91
C GLU E 260 37.82 -17.98 24.31
N GLN E 261 37.01 -17.08 23.73
CA GLN E 261 35.78 -17.51 23.08
C GLN E 261 36.08 -18.45 21.92
N ARG E 262 37.14 -18.17 21.16
CA ARG E 262 37.53 -19.08 20.08
C ARG E 262 38.00 -20.42 20.63
N ARG E 263 38.82 -20.39 21.68
CA ARG E 263 39.28 -21.62 22.32
C ARG E 263 38.13 -22.49 22.79
N ARG E 264 37.05 -21.89 23.30
CA ARG E 264 35.91 -22.65 23.76
C ARG E 264 34.98 -23.08 22.63
N ILE E 265 34.82 -22.24 21.61
CA ILE E 265 33.97 -22.62 20.48
C ILE E 265 34.59 -23.77 19.71
N LEU E 266 35.93 -23.82 19.63
CA LEU E 266 36.57 -24.96 18.99
C LEU E 266 36.26 -26.25 19.74
N GLU E 267 36.35 -26.22 21.08
CA GLU E 267 36.00 -27.39 21.87
C GLU E 267 34.55 -27.79 21.63
N LEU E 268 33.64 -26.82 21.64
CA LEU E 268 32.21 -27.15 21.50
C LEU E 268 31.91 -27.69 20.12
N VAL E 269 32.61 -27.20 19.10
CA VAL E 269 32.28 -27.60 17.73
C VAL E 269 32.90 -28.94 17.39
N LEU E 270 34.17 -29.15 17.73
CA LEU E 270 34.88 -30.37 17.34
C LEU E 270 34.61 -31.51 18.33
N ARG E 271 33.34 -31.82 18.55
CA ARG E 271 32.94 -32.94 19.40
C ARG E 271 32.07 -33.94 18.64
N GLY E 272 32.07 -33.88 17.31
CA GLY E 272 31.31 -34.82 16.51
C GLY E 272 32.16 -35.94 15.96
N THR E 273 33.41 -35.63 15.63
CA THR E 273 34.34 -36.60 15.08
C THR E 273 35.58 -36.66 15.96
N LYS E 274 36.17 -37.85 16.05
CA LYS E 274 37.37 -38.05 16.86
C LYS E 274 38.51 -37.17 16.37
N ARG E 275 39.51 -36.99 17.23
CA ARG E 275 40.66 -36.16 16.92
C ARG E 275 41.91 -37.02 16.82
N ASP E 276 42.87 -36.54 16.03
CA ASP E 276 44.12 -37.24 15.84
C ASP E 276 44.95 -37.24 17.12
N PRO E 277 45.99 -38.07 17.19
CA PRO E 277 46.77 -38.13 18.44
C PRO E 277 47.56 -36.87 18.72
N ASP E 278 47.83 -36.04 17.71
CA ASP E 278 48.65 -34.85 17.92
C ASP E 278 48.33 -33.79 16.88
N PHE E 279 47.76 -32.68 17.36
CA PHE E 279 47.60 -31.48 16.55
C PHE E 279 47.22 -30.32 17.47
N ASP E 280 47.93 -29.20 17.35
CA ASP E 280 47.70 -28.07 18.26
C ASP E 280 46.42 -27.32 17.89
N LEU E 281 45.31 -27.68 18.54
CA LEU E 281 44.07 -26.94 18.34
C LEU E 281 44.20 -25.51 18.86
N ASP E 282 45.12 -25.27 19.80
CA ASP E 282 45.42 -23.92 20.21
C ASP E 282 45.97 -23.10 19.05
N TYR E 283 46.68 -23.75 18.13
CA TYR E 283 47.27 -23.03 17.00
C TYR E 283 46.20 -22.38 16.14
N ILE E 284 45.14 -23.11 15.84
CA ILE E 284 44.05 -22.56 15.03
C ILE E 284 43.41 -21.37 15.75
N ALA E 285 43.13 -21.55 17.05
CA ALA E 285 42.55 -20.45 17.83
C ALA E 285 43.56 -19.31 18.00
N ARG E 286 44.82 -19.66 18.21
CA ARG E 286 45.84 -18.63 18.42
C ARG E 286 46.13 -17.84 17.15
N VAL E 287 45.79 -18.37 15.98
CA VAL E 287 46.05 -17.69 14.73
C VAL E 287 44.80 -17.02 14.15
N THR E 288 43.60 -17.43 14.57
CA THR E 288 42.38 -16.87 14.00
C THR E 288 42.27 -15.37 14.29
N ALA E 289 42.04 -15.02 15.55
CA ALA E 289 42.19 -13.65 16.06
C ALA E 289 41.21 -12.63 15.48
N GLY E 290 40.40 -13.02 14.49
CA GLY E 290 39.50 -12.05 13.89
C GLY E 290 38.19 -12.62 13.36
N MET E 291 37.93 -13.90 13.61
CA MET E 291 36.77 -14.56 13.02
C MET E 291 35.61 -14.59 14.02
N SER E 292 34.42 -14.78 13.48
CA SER E 292 33.19 -14.79 14.27
C SER E 292 32.97 -16.17 14.86
N GLY E 293 31.78 -16.39 15.41
CA GLY E 293 31.45 -17.69 15.97
C GLY E 293 30.92 -18.66 14.93
N SER E 294 30.61 -18.14 13.74
CA SER E 294 30.15 -18.97 12.63
C SER E 294 31.29 -19.28 11.67
N ASP E 295 32.21 -18.33 11.49
CA ASP E 295 33.37 -18.58 10.64
C ASP E 295 34.23 -19.69 11.20
N ILE E 296 34.37 -19.78 12.53
CA ILE E 296 35.14 -20.85 13.12
C ILE E 296 34.46 -22.20 12.89
N LYS E 297 33.14 -22.25 13.03
CA LYS E 297 32.42 -23.48 12.75
C LYS E 297 32.58 -23.89 11.30
N GLU E 298 32.57 -22.93 10.38
CA GLU E 298 32.73 -23.25 8.97
C GLU E 298 34.14 -23.75 8.67
N THR E 299 35.15 -23.15 9.30
CA THR E 299 36.52 -23.62 9.12
C THR E 299 36.67 -25.04 9.67
N CYS E 300 36.03 -25.32 10.80
CA CYS E 300 36.06 -26.67 11.36
C CYS E 300 35.38 -27.66 10.43
N ARG E 301 34.24 -27.26 9.85
CA ARG E 301 33.58 -28.11 8.87
C ARG E 301 34.48 -28.40 7.67
N ASP E 302 35.15 -27.37 7.15
CA ASP E 302 36.03 -27.57 6.02
C ASP E 302 37.20 -28.49 6.37
N ALA E 303 37.72 -28.36 7.59
CA ALA E 303 38.85 -29.18 8.00
C ALA E 303 38.43 -30.64 8.19
N ALA E 304 37.24 -30.87 8.76
CA ALA E 304 36.81 -32.23 9.07
C ALA E 304 36.51 -33.04 7.82
N MET E 305 36.22 -32.39 6.69
CA MET E 305 35.83 -33.12 5.50
C MET E 305 37.03 -33.70 4.76
N ALA E 306 38.24 -33.28 5.13
CA ALA E 306 39.46 -33.79 4.48
C ALA E 306 39.62 -35.30 4.57
N PRO E 307 39.52 -35.95 5.75
CA PRO E 307 39.70 -37.40 5.77
C PRO E 307 38.61 -38.15 5.03
N MET E 308 37.36 -37.69 5.13
CA MET E 308 36.27 -38.37 4.43
C MET E 308 36.39 -38.20 2.93
N ARG E 309 36.78 -36.99 2.49
CA ARG E 309 36.98 -36.79 1.05
C ARG E 309 38.17 -37.60 0.55
N GLU E 310 39.18 -37.82 1.39
CA GLU E 310 40.29 -38.69 1.00
C GLU E 310 39.84 -40.14 0.89
N TYR E 311 39.02 -40.58 1.84
CA TYR E 311 38.48 -41.94 1.76
C TYR E 311 37.61 -42.11 0.52
N ILE E 312 36.92 -41.05 0.11
CA ILE E 312 36.15 -41.11 -1.14
C ILE E 312 37.10 -41.12 -2.33
N ARG E 313 38.20 -40.38 -2.26
CA ARG E 313 39.25 -40.46 -3.27
C ARG E 313 39.79 -41.88 -3.42
N GLN E 314 39.77 -42.66 -2.34
CA GLN E 314 40.02 -44.09 -2.41
C GLN E 314 38.86 -44.88 -3.02
N HIS E 315 37.85 -44.19 -3.55
CA HIS E 315 36.70 -44.76 -4.27
C HIS E 315 36.12 -45.98 -3.57
N ARG E 316 35.59 -45.74 -2.37
CA ARG E 316 34.92 -46.75 -1.58
C ARG E 316 33.43 -46.43 -1.47
N ALA E 317 32.60 -47.46 -1.55
CA ALA E 317 31.15 -47.28 -1.52
C ALA E 317 30.61 -47.31 -0.10
N SER E 318 30.93 -48.36 0.66
CA SER E 318 30.41 -48.50 2.01
C SER E 318 31.06 -47.47 2.95
N GLY E 319 30.64 -47.51 4.21
CA GLY E 319 31.15 -46.58 5.20
C GLY E 319 32.46 -47.06 5.83
N LYS E 320 33.03 -46.20 6.66
CA LYS E 320 34.31 -46.49 7.29
C LYS E 320 34.46 -45.59 8.50
N PRO E 321 34.69 -46.14 9.69
CA PRO E 321 34.65 -45.34 10.93
C PRO E 321 35.97 -44.68 11.33
N LEU E 322 36.98 -44.66 10.46
CA LEU E 322 38.27 -44.10 10.81
C LEU E 322 38.62 -42.97 9.85
N SER E 323 39.34 -41.97 10.36
CA SER E 323 39.70 -40.80 9.59
C SER E 323 40.87 -40.10 10.28
N GLU E 324 41.19 -38.88 9.84
CA GLU E 324 42.24 -38.09 10.43
C GLU E 324 41.85 -36.62 10.36
N ILE E 325 42.04 -35.91 11.48
CA ILE E 325 41.59 -34.52 11.62
C ILE E 325 42.79 -33.61 11.81
N ASN E 326 43.91 -33.96 11.17
CA ASN E 326 45.15 -33.18 11.20
C ASN E 326 44.89 -31.73 10.83
N PRO E 327 45.79 -30.80 11.22
CA PRO E 327 45.51 -29.37 10.99
C PRO E 327 45.39 -29.01 9.52
N ASP E 328 44.21 -28.56 9.12
CA ASP E 328 43.94 -28.18 7.74
C ASP E 328 44.11 -29.37 6.80
N GLU F 16 -9.92 -15.30 -9.09
CA GLU F 16 -9.73 -15.47 -7.66
C GLU F 16 -9.54 -16.94 -7.30
N LYS F 17 -10.64 -17.63 -6.99
CA LYS F 17 -10.55 -19.05 -6.64
C LYS F 17 -10.13 -19.89 -7.84
N ASN F 18 -10.64 -19.55 -9.02
CA ASN F 18 -10.28 -20.31 -10.22
C ASN F 18 -8.81 -20.17 -10.55
N GLU F 19 -8.25 -18.97 -10.36
CA GLU F 19 -6.82 -18.78 -10.61
C GLU F 19 -5.98 -19.62 -9.65
N ARG F 20 -6.35 -19.65 -8.37
CA ARG F 20 -5.65 -20.48 -7.40
C ARG F 20 -5.79 -21.96 -7.72
N THR F 21 -6.96 -22.40 -8.16
CA THR F 21 -7.12 -23.80 -8.55
C THR F 21 -6.29 -24.15 -9.78
N ARG F 22 -6.18 -23.23 -10.74
CA ARG F 22 -5.35 -23.46 -11.91
C ARG F 22 -3.87 -23.53 -11.53
N ILE F 23 -3.46 -22.67 -10.59
CA ILE F 23 -2.07 -22.72 -10.11
C ILE F 23 -1.82 -24.03 -9.37
N LYS F 24 -2.81 -24.51 -8.62
CA LYS F 24 -2.69 -25.80 -7.95
C LYS F 24 -2.58 -26.93 -8.95
N ALA F 25 -3.33 -26.84 -10.05
CA ALA F 25 -3.21 -27.85 -11.10
C ALA F 25 -1.83 -27.84 -11.72
N GLN F 26 -1.29 -26.65 -12.02
CA GLN F 26 0.06 -26.56 -12.56
C GLN F 26 1.09 -27.14 -11.59
N GLU F 27 0.97 -26.81 -10.30
CA GLU F 27 1.94 -27.29 -9.32
C GLU F 27 1.84 -28.81 -9.16
N ASN F 28 0.62 -29.34 -9.19
CA ASN F 28 0.47 -30.79 -9.11
C ASN F 28 1.09 -31.49 -10.31
N LEU F 29 0.85 -30.98 -11.52
CA LEU F 29 1.47 -31.56 -12.70
C LEU F 29 3.00 -31.48 -12.62
N ARG F 30 3.52 -30.33 -12.18
CA ARG F 30 4.97 -30.16 -12.13
C ARG F 30 5.60 -31.06 -11.07
N ARG F 31 4.92 -31.27 -9.94
CA ARG F 31 5.45 -32.16 -8.93
C ARG F 31 5.37 -33.61 -9.38
N ILE F 32 4.31 -33.98 -10.10
CA ILE F 32 4.23 -35.34 -10.64
C ILE F 32 5.32 -35.58 -11.66
N ARG F 33 5.68 -34.55 -12.44
CA ARG F 33 6.71 -34.73 -13.46
C ARG F 33 8.12 -34.63 -12.89
N ARG F 34 8.28 -33.95 -11.75
CA ARG F 34 9.61 -33.76 -11.19
C ARG F 34 9.97 -34.77 -10.10
N LYS F 35 8.98 -35.33 -9.42
CA LYS F 35 9.27 -36.20 -8.28
C LYS F 35 9.84 -37.54 -8.73
N GLN F 36 9.28 -38.14 -9.78
CA GLN F 36 9.67 -39.46 -10.26
C GLN F 36 10.63 -39.35 -11.44
N ILE F 37 11.45 -38.30 -11.45
CA ILE F 37 12.43 -38.09 -12.51
C ILE F 37 11.75 -37.93 -13.85
N ASP F 58 3.72 -33.37 -4.93
CA ASP F 58 2.63 -34.26 -4.57
C ASP F 58 2.11 -33.94 -3.17
N LEU F 59 2.97 -33.32 -2.37
CA LEU F 59 2.59 -32.94 -1.01
C LEU F 59 1.70 -31.71 -1.01
N VAL F 60 1.01 -31.50 0.11
CA VAL F 60 0.06 -30.39 0.21
C VAL F 60 0.81 -29.07 0.16
N LEU F 61 0.18 -28.08 -0.48
CA LEU F 61 0.77 -26.76 -0.64
C LEU F 61 -0.32 -25.71 -0.43
N ASN F 62 0.07 -24.56 0.13
CA ASN F 62 -0.85 -23.44 0.27
C ASN F 62 -0.82 -22.62 -1.03
N GLU F 63 -1.45 -21.45 -1.00
CA GLU F 63 -1.47 -20.62 -2.21
C GLU F 63 -0.26 -19.69 -2.27
N TYR F 64 0.68 -19.83 -1.34
CA TYR F 64 1.94 -19.09 -1.36
C TYR F 64 3.10 -19.94 -1.88
N GLU F 65 3.37 -21.07 -1.24
CA GLU F 65 4.42 -21.95 -1.74
C GLU F 65 4.03 -22.58 -3.07
N ASN F 66 2.74 -22.61 -3.39
CA ASN F 66 2.31 -22.95 -4.74
C ASN F 66 2.90 -22.01 -5.78
N GLN F 67 3.05 -20.73 -5.45
CA GLN F 67 3.62 -19.75 -6.38
C GLN F 67 5.04 -20.13 -6.79
N VAL F 68 5.86 -20.58 -5.84
CA VAL F 68 7.21 -21.04 -6.19
C VAL F 68 7.21 -22.49 -6.66
N ALA F 69 6.06 -23.17 -6.61
CA ALA F 69 5.99 -24.55 -7.09
C ALA F 69 6.30 -24.64 -8.58
N LEU F 70 6.01 -23.57 -9.33
CA LEU F 70 6.32 -23.51 -10.75
C LEU F 70 7.80 -23.27 -11.02
N GLU F 71 8.63 -23.15 -9.98
CA GLU F 71 10.04 -22.85 -10.16
C GLU F 71 10.95 -24.06 -10.04
N VAL F 72 10.45 -25.17 -9.49
CA VAL F 72 11.27 -26.37 -9.38
C VAL F 72 11.48 -26.96 -10.77
N VAL F 73 12.68 -26.78 -11.31
CA VAL F 73 12.96 -27.18 -12.67
C VAL F 73 13.22 -28.67 -12.74
N ALA F 74 13.01 -29.24 -13.93
CA ALA F 74 13.28 -30.66 -14.14
C ALA F 74 14.75 -30.86 -14.48
N PRO F 75 15.40 -31.90 -13.94
CA PRO F 75 16.82 -32.11 -14.27
C PRO F 75 17.07 -32.38 -15.73
N GLU F 76 16.15 -33.06 -16.40
CA GLU F 76 16.32 -33.42 -17.81
C GLU F 76 16.15 -32.23 -18.74
N ASP F 77 15.69 -31.09 -18.24
CA ASP F 77 15.46 -29.93 -19.10
C ASP F 77 16.78 -29.24 -19.44
N ILE F 78 17.62 -29.00 -18.44
CA ILE F 78 18.88 -28.30 -18.64
C ILE F 78 19.83 -29.17 -19.45
N PRO F 79 20.14 -28.79 -20.70
CA PRO F 79 20.97 -29.63 -21.58
C PRO F 79 22.48 -29.38 -21.43
N VAL F 80 22.97 -29.39 -20.19
CA VAL F 80 24.39 -29.19 -19.92
C VAL F 80 24.77 -30.03 -18.70
N GLY F 81 25.93 -30.67 -18.77
CA GLY F 81 26.45 -31.44 -17.66
C GLY F 81 27.76 -30.88 -17.12
N PHE F 82 28.32 -31.60 -16.14
CA PHE F 82 29.60 -31.21 -15.57
C PHE F 82 30.70 -31.20 -16.64
N ASN F 83 30.65 -32.16 -17.57
CA ASN F 83 31.69 -32.23 -18.60
C ASN F 83 31.67 -31.01 -19.53
N ASP F 84 30.51 -30.35 -19.65
CA ASP F 84 30.42 -29.20 -20.53
C ASP F 84 31.22 -28.02 -20.00
N ILE F 85 31.23 -27.82 -18.68
CA ILE F 85 31.98 -26.70 -18.12
C ILE F 85 33.48 -26.95 -18.28
N GLY F 86 34.20 -25.88 -18.60
CA GLY F 86 35.64 -25.94 -18.73
C GLY F 86 36.32 -24.76 -18.07
N GLY F 87 37.65 -24.75 -18.06
CA GLY F 87 38.38 -23.64 -17.48
C GLY F 87 38.40 -23.66 -15.97
N LEU F 88 37.24 -23.42 -15.36
CA LEU F 88 37.11 -23.43 -13.89
C LEU F 88 36.92 -24.86 -13.38
N ASP F 89 37.95 -25.67 -13.60
CA ASP F 89 37.91 -27.08 -13.24
C ASP F 89 38.13 -27.31 -11.74
N ASP F 90 38.80 -26.40 -11.05
CA ASP F 90 39.05 -26.55 -9.62
C ASP F 90 37.94 -25.95 -8.75
N ILE F 91 36.97 -25.28 -9.35
CA ILE F 91 35.78 -24.88 -8.61
C ILE F 91 34.66 -25.91 -8.73
N ILE F 92 34.53 -26.57 -9.89
CA ILE F 92 33.55 -27.65 -10.04
C ILE F 92 33.90 -28.86 -9.19
N GLU F 93 35.15 -29.01 -8.78
CA GLU F 93 35.54 -30.15 -7.95
C GLU F 93 35.08 -29.95 -6.50
N GLU F 94 35.37 -28.78 -5.93
CA GLU F 94 34.99 -28.52 -4.55
C GLU F 94 33.49 -28.37 -4.36
N LEU F 95 32.73 -28.18 -5.43
CA LEU F 95 31.28 -28.19 -5.35
C LEU F 95 30.69 -29.59 -5.47
N LYS F 96 31.45 -30.53 -6.02
CA LYS F 96 31.01 -31.91 -6.17
C LYS F 96 31.45 -32.80 -5.01
N GLU F 97 32.36 -32.31 -4.18
CA GLU F 97 32.84 -33.07 -3.02
C GLU F 97 32.45 -32.48 -1.68
N THR F 98 32.14 -31.18 -1.61
CA THR F 98 31.79 -30.54 -0.34
C THR F 98 30.37 -29.99 -0.32
N ILE F 99 29.61 -30.12 -1.41
CA ILE F 99 28.24 -29.61 -1.43
C ILE F 99 27.26 -30.70 -1.83
N ILE F 100 27.42 -31.25 -3.03
CA ILE F 100 26.46 -32.23 -3.52
C ILE F 100 26.57 -33.54 -2.75
N TYR F 101 27.79 -34.02 -2.51
CA TYR F 101 27.96 -35.25 -1.74
C TYR F 101 27.50 -35.07 -0.30
N PRO F 102 27.85 -33.98 0.38
CA PRO F 102 27.30 -33.72 1.71
C PRO F 102 25.82 -33.40 1.74
N LEU F 103 25.18 -33.26 0.58
CA LEU F 103 23.75 -33.01 0.49
C LEU F 103 22.95 -34.27 0.15
N THR F 104 23.40 -35.04 -0.83
CA THR F 104 22.75 -36.29 -1.18
C THR F 104 23.49 -37.46 -0.55
N MET F 105 22.74 -38.53 -0.24
CA MET F 105 23.19 -39.76 0.40
C MET F 105 24.19 -39.52 1.53
N PRO F 106 23.85 -38.72 2.54
CA PRO F 106 24.82 -38.38 3.59
C PRO F 106 25.07 -39.50 4.59
N HIS F 107 24.54 -40.70 4.35
CA HIS F 107 24.77 -41.81 5.27
C HIS F 107 26.25 -42.13 5.40
N LEU F 108 27.01 -41.97 4.32
CA LEU F 108 28.45 -42.15 4.41
C LEU F 108 29.10 -41.03 5.22
N TYR F 109 28.52 -39.83 5.17
CA TYR F 109 28.99 -38.73 6.00
C TYR F 109 28.37 -38.74 7.38
N LYS F 110 27.50 -39.71 7.67
CA LYS F 110 26.83 -39.80 8.96
C LYS F 110 27.78 -40.09 10.11
N HIS F 111 29.01 -40.53 9.82
CA HIS F 111 30.00 -40.78 10.87
C HIS F 111 30.24 -39.52 11.69
N GLY F 112 30.23 -38.36 11.05
CA GLY F 112 30.30 -37.11 11.78
C GLY F 112 28.92 -36.71 12.32
N GLY F 113 28.93 -36.06 13.49
CA GLY F 113 27.70 -35.69 14.13
C GLY F 113 26.91 -34.61 13.40
N ALA F 114 27.45 -33.39 13.38
CA ALA F 114 26.77 -32.29 12.70
C ALA F 114 27.72 -31.52 11.81
N LEU F 115 29.03 -31.57 12.13
CA LEU F 115 30.00 -30.80 11.36
C LEU F 115 30.11 -31.30 9.93
N LEU F 116 29.83 -32.59 9.70
CA LEU F 116 30.00 -33.20 8.38
C LEU F 116 28.71 -33.17 7.57
N ALA F 117 27.87 -32.16 7.77
CA ALA F 117 26.66 -31.99 6.99
C ALA F 117 26.95 -31.13 5.76
N ALA F 118 25.93 -30.87 4.96
CA ALA F 118 26.27 -30.04 3.82
C ALA F 118 26.25 -28.56 4.20
N PRO F 119 27.16 -27.77 3.65
CA PRO F 119 27.13 -26.32 3.91
C PRO F 119 25.83 -25.71 3.44
N SER F 120 25.16 -25.01 4.36
CA SER F 120 23.81 -24.53 4.07
C SER F 120 23.78 -23.42 3.04
N GLY F 121 24.93 -22.86 2.67
CA GLY F 121 24.95 -21.80 1.69
C GLY F 121 26.24 -21.74 0.90
N VAL F 122 26.13 -21.49 -0.41
CA VAL F 122 27.29 -21.45 -1.30
C VAL F 122 27.14 -20.26 -2.23
N LEU F 123 28.21 -19.47 -2.35
CA LEU F 123 28.26 -18.33 -3.24
C LEU F 123 29.41 -18.52 -4.22
N LEU F 124 29.17 -18.16 -5.48
CA LEU F 124 30.20 -18.24 -6.52
C LEU F 124 30.15 -16.93 -7.30
N TYR F 125 31.13 -16.07 -7.07
CA TYR F 125 31.19 -14.77 -7.69
C TYR F 125 32.19 -14.78 -8.84
N GLY F 126 32.01 -13.83 -9.76
CA GLY F 126 32.89 -13.71 -10.88
C GLY F 126 32.56 -12.52 -11.75
N PRO F 127 33.47 -12.14 -12.63
CA PRO F 127 33.18 -11.06 -13.59
C PRO F 127 32.19 -11.53 -14.63
N PRO F 128 31.34 -10.63 -15.14
CA PRO F 128 30.36 -11.05 -16.15
C PRO F 128 31.06 -11.48 -17.43
N GLY F 129 30.98 -12.76 -17.75
CA GLY F 129 31.68 -13.29 -18.91
C GLY F 129 32.36 -14.61 -18.62
N CYS F 130 32.15 -15.13 -17.41
CA CYS F 130 32.71 -16.42 -17.01
C CYS F 130 31.58 -17.35 -16.60
N GLY F 131 31.94 -18.56 -16.22
CA GLY F 131 30.95 -19.58 -15.88
C GLY F 131 30.44 -19.48 -14.47
N LYS F 132 29.55 -18.51 -14.20
CA LYS F 132 28.91 -18.40 -12.90
C LYS F 132 27.45 -18.84 -12.92
N THR F 133 26.81 -18.83 -14.08
CA THR F 133 25.45 -19.35 -14.23
C THR F 133 25.42 -20.76 -14.80
N MET F 134 26.35 -21.08 -15.70
CA MET F 134 26.42 -22.43 -16.24
C MET F 134 26.73 -23.48 -15.18
N LEU F 135 27.43 -23.10 -14.10
CA LEU F 135 27.62 -24.03 -13.00
C LEU F 135 26.30 -24.37 -12.33
N ALA F 136 25.39 -23.40 -12.25
CA ALA F 136 24.07 -23.67 -11.69
C ALA F 136 23.31 -24.67 -12.54
N LYS F 137 23.42 -24.55 -13.87
CA LYS F 137 22.76 -25.51 -14.75
C LYS F 137 23.33 -26.90 -14.57
N ALA F 138 24.66 -27.02 -14.48
CA ALA F 138 25.28 -28.31 -14.25
C ALA F 138 24.92 -28.89 -12.90
N VAL F 139 24.71 -28.06 -11.89
CA VAL F 139 24.30 -28.58 -10.59
C VAL F 139 22.84 -29.00 -10.61
N ALA F 140 22.00 -28.33 -11.41
CA ALA F 140 20.60 -28.70 -11.47
C ALA F 140 20.37 -29.93 -12.34
N HIS F 141 21.25 -30.19 -13.30
CA HIS F 141 21.05 -31.25 -14.27
C HIS F 141 21.65 -32.59 -13.84
N GLU F 142 22.89 -32.61 -13.37
CA GLU F 142 23.54 -33.89 -13.06
C GLU F 142 23.77 -34.05 -11.56
N SER F 143 22.81 -33.63 -10.75
CA SER F 143 22.88 -33.85 -9.31
C SER F 143 21.47 -33.76 -8.75
N GLY F 144 20.94 -34.89 -8.27
CA GLY F 144 19.59 -34.91 -7.73
C GLY F 144 19.45 -33.96 -6.57
N ALA F 145 18.78 -32.83 -6.79
CA ALA F 145 18.72 -31.78 -5.79
C ALA F 145 17.35 -31.14 -5.60
N SER F 146 16.36 -31.41 -6.45
CA SER F 146 15.11 -30.68 -6.43
C SER F 146 15.37 -29.19 -6.61
N PHE F 147 16.14 -28.89 -7.65
CA PHE F 147 16.65 -27.55 -7.88
C PHE F 147 15.51 -26.56 -8.07
N ILE F 148 15.47 -25.52 -7.23
CA ILE F 148 14.42 -24.51 -7.25
C ILE F 148 15.08 -23.15 -7.46
N ASN F 149 14.95 -22.60 -8.66
CA ASN F 149 15.41 -21.25 -8.92
C ASN F 149 14.25 -20.26 -8.72
N LEU F 150 14.46 -19.25 -7.90
CA LEU F 150 13.44 -18.26 -7.61
C LEU F 150 13.79 -16.94 -8.29
N HIS F 151 12.87 -16.45 -9.12
CA HIS F 151 13.06 -15.21 -9.84
C HIS F 151 12.73 -14.02 -8.95
N ILE F 152 13.34 -12.87 -9.25
CA ILE F 152 13.14 -11.69 -8.42
C ILE F 152 11.68 -11.24 -8.45
N SER F 153 11.01 -11.39 -9.59
CA SER F 153 9.61 -11.04 -9.66
C SER F 153 8.72 -12.02 -8.90
N THR F 154 9.23 -13.22 -8.62
CA THR F 154 8.55 -14.17 -7.76
C THR F 154 8.69 -13.85 -6.29
N LEU F 155 9.46 -12.81 -5.96
CA LEU F 155 9.62 -12.33 -4.59
C LEU F 155 9.04 -10.93 -4.41
N THR F 156 9.37 -10.02 -5.32
CA THR F 156 8.75 -8.70 -5.30
C THR F 156 7.27 -8.82 -5.64
N GLU F 157 6.42 -8.17 -4.84
CA GLU F 157 4.99 -8.26 -5.01
C GLU F 157 4.36 -6.93 -4.64
N LYS F 158 3.06 -6.81 -4.92
CA LYS F 158 2.35 -5.55 -4.70
C LYS F 158 1.75 -5.48 -3.31
N TRP F 159 1.20 -6.58 -2.82
CA TRP F 159 0.49 -6.55 -1.56
C TRP F 159 1.46 -6.56 -0.39
N TYR F 160 1.16 -5.76 0.63
CA TYR F 160 2.04 -5.66 1.79
C TYR F 160 2.10 -6.99 2.54
N GLY F 161 3.31 -7.43 2.85
CA GLY F 161 3.49 -8.69 3.53
C GLY F 161 3.29 -9.91 2.67
N ASP F 162 3.27 -9.76 1.35
CA ASP F 162 3.14 -10.88 0.43
C ASP F 162 4.49 -11.34 -0.12
N SER F 163 5.54 -10.54 0.05
CA SER F 163 6.89 -10.95 -0.30
C SER F 163 7.57 -11.74 0.82
N ASN F 164 7.33 -11.36 2.07
CA ASN F 164 7.84 -12.15 3.18
C ASN F 164 7.20 -13.53 3.23
N LYS F 165 5.90 -13.61 2.92
CA LYS F 165 5.20 -14.88 2.90
C LYS F 165 5.55 -15.74 1.69
N ILE F 166 6.34 -15.21 0.75
CA ILE F 166 6.92 -16.00 -0.32
C ILE F 166 8.35 -16.40 0.01
N VAL F 167 9.12 -15.50 0.63
CA VAL F 167 10.43 -15.86 1.15
C VAL F 167 10.32 -16.99 2.16
N ARG F 168 9.24 -17.00 2.94
CA ARG F 168 8.96 -18.09 3.86
C ARG F 168 8.44 -19.33 3.16
N ALA F 169 7.62 -19.18 2.11
CA ALA F 169 7.15 -20.33 1.37
C ALA F 169 8.29 -21.05 0.68
N VAL F 170 9.32 -20.32 0.26
CA VAL F 170 10.47 -20.94 -0.39
C VAL F 170 11.15 -21.92 0.55
N PHE F 171 11.46 -21.48 1.76
CA PHE F 171 12.09 -22.35 2.74
C PHE F 171 11.13 -23.33 3.39
N SER F 172 9.81 -23.14 3.24
CA SER F 172 8.86 -24.17 3.66
C SER F 172 8.73 -25.27 2.62
N LEU F 173 8.97 -24.95 1.35
CA LEU F 173 8.98 -25.97 0.30
C LEU F 173 10.31 -26.72 0.28
N ALA F 174 11.41 -25.99 0.42
CA ALA F 174 12.73 -26.62 0.42
C ALA F 174 12.88 -27.60 1.58
N LYS F 175 12.17 -27.34 2.68
CA LYS F 175 12.15 -28.32 3.77
C LYS F 175 11.34 -29.55 3.40
N LYS F 176 10.18 -29.34 2.77
CA LYS F 176 9.32 -30.46 2.42
C LYS F 176 9.95 -31.39 1.40
N LEU F 177 10.71 -30.86 0.45
CA LEU F 177 11.58 -31.66 -0.42
C LEU F 177 12.97 -31.06 -0.27
N GLN F 178 13.86 -31.77 0.42
CA GLN F 178 15.05 -31.08 0.91
C GLN F 178 16.40 -31.63 0.45
N PRO F 179 16.57 -31.98 -0.83
CA PRO F 179 17.90 -31.78 -1.42
C PRO F 179 18.10 -30.29 -1.67
N SER F 180 17.08 -29.68 -2.30
CA SER F 180 16.77 -28.25 -2.23
C SER F 180 18.00 -27.35 -2.44
N ILE F 181 18.54 -27.41 -3.65
CA ILE F 181 19.57 -26.46 -4.06
C ILE F 181 18.88 -25.21 -4.59
N ILE F 182 18.70 -24.21 -3.71
CA ILE F 182 18.15 -22.93 -4.15
C ILE F 182 19.25 -22.11 -4.82
N PHE F 183 18.85 -21.33 -5.82
CA PHE F 183 19.79 -20.58 -6.63
C PHE F 183 19.27 -19.17 -6.82
N ILE F 184 19.92 -18.20 -6.18
CA ILE F 184 19.58 -16.79 -6.34
C ILE F 184 20.65 -16.11 -7.17
N ASP F 185 20.48 -16.08 -8.48
CA ASP F 185 21.44 -15.41 -9.34
C ASP F 185 21.24 -13.90 -9.25
N GLU F 186 22.35 -13.16 -9.37
CA GLU F 186 22.34 -11.72 -9.14
C GLU F 186 21.80 -11.40 -7.76
N ILE F 187 22.33 -12.09 -6.75
CA ILE F 187 21.89 -11.93 -5.38
C ILE F 187 22.22 -10.54 -4.84
N ASP F 188 23.15 -9.82 -5.47
CA ASP F 188 23.49 -8.48 -5.02
C ASP F 188 22.34 -7.49 -5.17
N ALA F 189 21.32 -7.83 -5.95
CA ALA F 189 20.16 -6.95 -6.14
C ALA F 189 18.99 -7.35 -5.26
N VAL F 190 18.57 -8.61 -5.30
CA VAL F 190 17.48 -9.07 -4.43
C VAL F 190 17.88 -8.90 -2.97
N LEU F 191 19.15 -9.12 -2.65
CA LEU F 191 19.72 -8.73 -1.39
C LEU F 191 20.54 -7.45 -1.62
N GLY F 192 21.28 -7.03 -0.60
CA GLY F 192 22.12 -5.86 -0.76
C GLY F 192 22.35 -5.17 0.56
N THR F 193 23.15 -4.10 0.48
CA THR F 193 23.44 -3.31 1.67
C THR F 193 22.16 -2.68 2.22
N ARG F 194 21.95 -2.86 3.53
CA ARG F 194 20.78 -2.32 4.21
C ARG F 194 21.15 -0.98 4.83
N ARG F 195 20.47 0.08 4.38
CA ARG F 195 20.76 1.44 4.79
C ARG F 195 19.60 1.99 5.62
N SER F 196 19.81 3.20 6.14
CA SER F 196 18.76 3.86 6.91
C SER F 196 17.57 4.20 6.02
N GLY F 197 17.83 4.83 4.88
CA GLY F 197 16.77 5.19 3.95
C GLY F 197 16.42 4.07 2.98
N GLU F 198 16.46 2.82 3.47
CA GLU F 198 16.14 1.68 2.63
C GLU F 198 14.63 1.53 2.50
N HIS F 199 14.19 0.97 1.37
CA HIS F 199 12.77 0.80 1.14
C HIS F 199 12.16 -0.15 2.16
N GLU F 200 10.88 0.07 2.48
CA GLU F 200 10.22 -0.72 3.52
C GLU F 200 10.12 -2.19 3.13
N ALA F 201 9.42 -2.47 2.02
CA ALA F 201 9.19 -3.86 1.64
C ALA F 201 10.48 -4.56 1.27
N SER F 202 11.43 -3.87 0.65
CA SER F 202 12.70 -4.47 0.30
C SER F 202 13.64 -4.60 1.49
N GLY F 203 13.27 -4.05 2.65
CA GLY F 203 14.08 -4.14 3.85
C GLY F 203 13.71 -5.24 4.81
N MET F 204 12.48 -5.75 4.73
CA MET F 204 12.04 -6.83 5.60
C MET F 204 12.01 -8.16 4.84
N VAL F 205 12.46 -8.14 3.59
CA VAL F 205 12.67 -9.37 2.83
C VAL F 205 14.13 -9.79 2.80
N LYS F 206 15.06 -8.87 3.08
CA LYS F 206 16.45 -9.25 3.28
C LYS F 206 16.67 -9.83 4.66
N ALA F 207 16.00 -9.29 5.67
CA ALA F 207 16.15 -9.78 7.03
C ALA F 207 15.36 -11.06 7.27
N GLU F 208 14.14 -11.14 6.75
CA GLU F 208 13.35 -12.35 6.90
C GLU F 208 13.99 -13.53 6.17
N PHE F 209 14.60 -13.27 5.02
CA PHE F 209 15.25 -14.33 4.26
C PHE F 209 16.44 -14.86 5.05
N MET F 210 17.34 -13.97 5.47
CA MET F 210 18.52 -14.39 6.20
C MET F 210 18.22 -14.83 7.62
N THR F 211 17.00 -14.60 8.10
CA THR F 211 16.55 -15.15 9.38
C THR F 211 15.96 -16.54 9.22
N LEU F 212 15.27 -16.79 8.10
CA LEU F 212 14.77 -18.13 7.83
C LEU F 212 15.90 -19.06 7.40
N TRP F 213 16.97 -18.50 6.82
CA TRP F 213 18.10 -19.33 6.43
C TRP F 213 18.79 -19.91 7.65
N ASP F 214 19.28 -19.04 8.54
CA ASP F 214 19.92 -19.44 9.80
C ASP F 214 19.18 -18.73 10.92
N GLY F 215 18.13 -19.37 11.44
CA GLY F 215 17.35 -18.77 12.49
C GLY F 215 16.93 -19.75 13.57
N LEU F 216 15.70 -19.60 14.07
CA LEU F 216 15.23 -20.46 15.15
C LEU F 216 15.03 -21.89 14.65
N THR F 217 14.24 -22.05 13.59
CA THR F 217 13.91 -23.37 13.06
C THR F 217 14.93 -23.87 12.04
N SER F 218 16.16 -23.37 12.09
CA SER F 218 17.17 -23.80 11.13
C SER F 218 17.50 -25.28 11.29
N THR F 219 17.45 -25.78 12.52
CA THR F 219 17.81 -27.16 12.82
C THR F 219 16.56 -27.98 13.13
N ASN F 220 16.76 -29.29 13.24
CA ASN F 220 15.70 -30.24 13.53
C ASN F 220 15.80 -30.70 14.99
N ALA F 221 14.81 -31.50 15.39
CA ALA F 221 14.79 -32.02 16.76
C ALA F 221 15.98 -32.92 17.02
N SER F 222 16.34 -33.77 16.05
CA SER F 222 17.49 -34.64 16.21
C SER F 222 18.81 -33.88 16.16
N GLY F 223 18.80 -32.63 15.69
CA GLY F 223 20.01 -31.85 15.54
C GLY F 223 20.55 -31.77 14.13
N VAL F 224 19.85 -32.33 13.16
CA VAL F 224 20.31 -32.27 11.77
C VAL F 224 20.25 -30.83 11.28
N PRO F 225 21.18 -30.37 10.45
CA PRO F 225 21.17 -28.98 9.98
C PRO F 225 20.05 -28.64 9.01
N ASN F 226 19.14 -29.57 8.71
CA ASN F 226 18.02 -29.31 7.80
C ASN F 226 18.53 -28.88 6.42
N ARG F 227 19.15 -29.85 5.75
CA ARG F 227 19.95 -29.59 4.55
C ARG F 227 19.19 -28.87 3.45
N ILE F 228 19.54 -27.59 3.24
CA ILE F 228 19.06 -26.79 2.12
C ILE F 228 20.18 -25.82 1.76
N VAL F 229 20.78 -26.00 0.58
CA VAL F 229 21.89 -25.16 0.16
C VAL F 229 21.36 -24.06 -0.74
N VAL F 230 21.97 -22.88 -0.63
CA VAL F 230 21.59 -21.70 -1.39
C VAL F 230 22.76 -21.27 -2.24
N LEU F 231 22.56 -21.17 -3.54
CA LEU F 231 23.60 -20.77 -4.48
C LEU F 231 23.43 -19.28 -4.82
N GLY F 232 24.43 -18.48 -4.50
CA GLY F 232 24.46 -17.07 -4.85
C GLY F 232 25.51 -16.83 -5.93
N ALA F 233 25.07 -16.23 -7.02
CA ALA F 233 25.92 -15.95 -8.18
C ALA F 233 25.81 -14.47 -8.50
N THR F 234 26.70 -13.67 -7.90
CA THR F 234 26.74 -12.24 -8.12
C THR F 234 27.98 -11.86 -8.92
N ASN F 235 28.01 -10.61 -9.36
CA ASN F 235 29.14 -10.10 -10.13
C ASN F 235 30.12 -9.32 -9.28
N ARG F 236 29.72 -8.88 -8.08
CA ARG F 236 30.58 -8.07 -7.23
C ARG F 236 30.19 -8.35 -5.79
N ILE F 237 31.05 -9.08 -5.07
CA ILE F 237 30.83 -9.34 -3.64
C ILE F 237 31.51 -8.19 -2.90
N ASN F 238 30.83 -7.05 -2.87
CA ASN F 238 31.25 -5.93 -2.03
C ASN F 238 30.09 -5.25 -1.31
N ASP F 239 28.87 -5.36 -1.80
CA ASP F 239 27.71 -4.72 -1.21
C ASP F 239 26.55 -5.68 -1.01
N ILE F 240 26.79 -6.99 -1.06
CA ILE F 240 25.72 -7.95 -0.88
C ILE F 240 25.14 -7.84 0.53
N ASP F 241 25.98 -7.94 1.55
CA ASP F 241 25.63 -7.65 2.93
C ASP F 241 26.85 -7.89 3.80
N GLU F 242 26.78 -7.51 5.07
CA GLU F 242 27.78 -7.93 6.05
C GLU F 242 27.37 -9.18 6.80
N ALA F 243 26.09 -9.51 6.82
CA ALA F 243 25.59 -10.70 7.49
C ALA F 243 25.23 -11.82 6.54
N ILE F 244 25.22 -11.57 5.23
CA ILE F 244 24.87 -12.63 4.29
C ILE F 244 26.11 -13.37 3.83
N LEU F 245 27.27 -12.70 3.81
CA LEU F 245 28.50 -13.38 3.42
C LEU F 245 28.84 -14.52 4.37
N ARG F 246 28.56 -14.36 5.67
CA ARG F 246 28.72 -15.47 6.59
C ARG F 246 27.71 -16.56 6.32
N ARG F 247 26.55 -16.20 5.79
CA ARG F 247 25.55 -17.18 5.40
C ARG F 247 25.89 -17.85 4.07
N MET F 248 26.90 -17.39 3.38
CA MET F 248 27.42 -18.11 2.21
C MET F 248 28.91 -18.31 2.40
N PRO F 249 29.30 -19.23 3.27
CA PRO F 249 30.73 -19.35 3.62
C PRO F 249 31.59 -19.81 2.48
N LYS F 250 31.10 -20.68 1.62
CA LYS F 250 31.84 -21.12 0.45
C LYS F 250 31.66 -20.09 -0.67
N GLN F 251 32.72 -19.32 -0.93
CA GLN F 251 32.68 -18.23 -1.91
C GLN F 251 33.69 -18.59 -2.99
N PHE F 252 33.26 -19.35 -3.98
CA PHE F 252 34.17 -19.77 -5.04
C PHE F 252 34.44 -18.62 -5.99
N PRO F 253 35.68 -18.14 -6.10
CA PRO F 253 36.00 -17.12 -7.09
C PRO F 253 36.08 -17.70 -8.49
N VAL F 254 35.46 -17.01 -9.43
CA VAL F 254 35.43 -17.46 -10.83
C VAL F 254 36.18 -16.45 -11.68
N PRO F 255 37.51 -16.55 -11.77
CA PRO F 255 38.28 -15.57 -12.54
C PRO F 255 38.08 -15.79 -14.04
N LEU F 256 38.77 -14.96 -14.83
CA LEU F 256 38.68 -15.04 -16.27
C LEU F 256 39.24 -16.38 -16.76
N PRO F 257 38.89 -16.79 -17.98
CA PRO F 257 39.41 -18.05 -18.51
C PRO F 257 40.91 -17.96 -18.75
N GLY F 258 41.64 -18.86 -18.12
CA GLY F 258 43.09 -18.88 -18.25
C GLY F 258 43.52 -19.20 -19.68
N LEU F 259 44.85 -19.21 -19.86
CA LEU F 259 45.45 -19.46 -21.17
C LEU F 259 45.02 -20.82 -21.71
N GLU F 260 45.37 -21.89 -21.01
CA GLU F 260 44.90 -23.22 -21.42
C GLU F 260 43.41 -23.38 -21.14
N GLN F 261 42.89 -22.68 -20.14
CA GLN F 261 41.46 -22.73 -19.85
C GLN F 261 40.66 -22.17 -21.03
N ARG F 262 41.11 -21.07 -21.61
CA ARG F 262 40.50 -20.57 -22.83
C ARG F 262 40.63 -21.61 -23.95
N ARG F 263 41.78 -22.28 -24.03
CA ARG F 263 41.94 -23.36 -25.01
C ARG F 263 40.96 -24.50 -24.72
N ARG F 264 40.75 -24.81 -23.44
CA ARG F 264 39.78 -25.84 -23.08
C ARG F 264 38.38 -25.46 -23.55
N ILE F 265 37.99 -24.21 -23.31
CA ILE F 265 36.66 -23.76 -23.71
C ILE F 265 36.53 -23.77 -25.24
N LEU F 266 37.61 -23.39 -25.93
CA LEU F 266 37.61 -23.44 -27.39
C LEU F 266 37.40 -24.87 -27.88
N GLU F 267 38.14 -25.83 -27.31
CA GLU F 267 38.05 -27.20 -27.77
C GLU F 267 36.73 -27.85 -27.38
N LEU F 268 36.09 -27.37 -26.31
CA LEU F 268 34.85 -27.98 -25.86
C LEU F 268 33.62 -27.37 -26.52
N VAL F 269 33.67 -26.08 -26.88
CA VAL F 269 32.51 -25.42 -27.46
C VAL F 269 32.32 -25.76 -28.93
N LEU F 270 33.36 -26.24 -29.61
CA LEU F 270 33.30 -26.56 -31.03
C LEU F 270 33.42 -28.06 -31.28
N ARG F 271 32.87 -28.87 -30.38
CA ARG F 271 32.98 -30.33 -30.53
C ARG F 271 32.26 -30.80 -31.78
N GLY F 272 30.94 -30.63 -31.83
CA GLY F 272 30.15 -31.01 -32.98
C GLY F 272 30.04 -29.97 -34.06
N THR F 273 30.97 -29.02 -34.10
CA THR F 273 30.89 -27.91 -35.03
C THR F 273 31.64 -28.24 -36.33
N LYS F 274 31.84 -27.21 -37.14
CA LYS F 274 32.58 -27.33 -38.38
C LYS F 274 34.00 -27.80 -38.12
N ARG F 275 34.49 -28.68 -38.99
CA ARG F 275 35.84 -29.25 -38.90
C ARG F 275 36.54 -29.02 -40.24
N ASP F 276 37.14 -27.86 -40.38
CA ASP F 276 37.88 -27.48 -41.57
C ASP F 276 39.35 -27.88 -41.39
N PRO F 277 40.22 -27.62 -42.40
CA PRO F 277 41.60 -28.11 -42.32
C PRO F 277 42.44 -27.48 -41.21
N ASP F 278 43.74 -27.79 -41.25
CA ASP F 278 44.69 -27.74 -40.14
C ASP F 278 44.63 -26.52 -39.23
N PHE F 279 44.09 -25.38 -39.69
CA PHE F 279 44.08 -24.18 -38.86
C PHE F 279 43.33 -24.44 -37.55
N ASP F 280 43.98 -24.10 -36.44
CA ASP F 280 43.57 -24.54 -35.12
C ASP F 280 43.27 -23.34 -34.23
N LEU F 281 42.46 -23.57 -33.20
CA LEU F 281 42.11 -22.52 -32.25
C LEU F 281 43.22 -22.25 -31.26
N ASP F 282 44.20 -23.16 -31.15
CA ASP F 282 45.29 -22.95 -30.22
C ASP F 282 46.08 -21.69 -30.56
N TYR F 283 46.29 -21.43 -31.85
CA TYR F 283 46.84 -20.14 -32.26
C TYR F 283 45.89 -19.01 -31.89
N ILE F 284 44.60 -19.20 -32.16
CA ILE F 284 43.59 -18.22 -31.73
C ILE F 284 43.55 -18.14 -30.21
N ALA F 285 43.82 -19.26 -29.54
CA ALA F 285 43.87 -19.26 -28.07
C ALA F 285 44.92 -18.29 -27.57
N ARG F 286 46.13 -18.35 -28.13
CA ARG F 286 47.15 -17.37 -27.80
C ARG F 286 46.71 -15.97 -28.23
N VAL F 287 46.02 -15.88 -29.38
CA VAL F 287 45.50 -14.60 -29.83
C VAL F 287 44.43 -14.09 -28.86
N THR F 288 43.61 -14.99 -28.34
CA THR F 288 42.55 -14.63 -27.40
C THR F 288 43.14 -14.50 -25.99
N ALA F 289 43.92 -13.43 -25.82
CA ALA F 289 44.45 -13.10 -24.49
C ALA F 289 43.33 -12.62 -23.58
N GLY F 290 42.65 -11.55 -23.97
CA GLY F 290 41.44 -11.14 -23.28
C GLY F 290 40.27 -11.96 -23.80
N MET F 291 39.16 -11.29 -24.13
CA MET F 291 38.00 -11.97 -24.73
C MET F 291 37.48 -13.07 -23.80
N SER F 292 36.90 -12.61 -22.69
CA SER F 292 36.48 -13.47 -21.59
C SER F 292 35.63 -14.66 -22.04
N GLY F 293 35.50 -15.66 -21.17
CA GLY F 293 34.97 -16.95 -21.58
C GLY F 293 33.60 -16.89 -22.22
N SER F 294 32.76 -15.96 -21.76
CA SER F 294 31.46 -15.79 -22.41
C SER F 294 31.62 -15.26 -23.83
N ASP F 295 32.61 -14.40 -24.07
CA ASP F 295 32.78 -13.81 -25.38
C ASP F 295 33.24 -14.82 -26.42
N ILE F 296 33.96 -15.86 -25.97
CA ILE F 296 34.49 -16.85 -26.91
C ILE F 296 33.36 -17.59 -27.61
N LYS F 297 32.26 -17.81 -26.89
CA LYS F 297 31.15 -18.57 -27.47
C LYS F 297 30.51 -17.87 -28.65
N GLU F 298 30.60 -16.54 -28.71
CA GLU F 298 30.14 -15.80 -29.88
C GLU F 298 31.25 -15.52 -30.87
N THR F 299 32.49 -15.38 -30.42
CA THR F 299 33.61 -15.23 -31.35
C THR F 299 33.72 -16.44 -32.26
N CYS F 300 33.66 -17.64 -31.67
CA CYS F 300 33.75 -18.86 -32.47
C CYS F 300 32.56 -19.01 -33.41
N ARG F 301 31.35 -18.65 -32.96
CA ARG F 301 30.20 -18.74 -33.84
C ARG F 301 30.29 -17.74 -34.99
N ASP F 302 30.80 -16.54 -34.73
CA ASP F 302 31.02 -15.59 -35.80
C ASP F 302 32.06 -16.09 -36.78
N ALA F 303 33.06 -16.82 -36.28
CA ALA F 303 34.04 -17.45 -37.15
C ALA F 303 33.50 -18.70 -37.84
N ALA F 304 32.26 -19.10 -37.55
CA ALA F 304 31.70 -20.35 -38.07
C ALA F 304 30.96 -20.19 -39.39
N MET F 305 30.81 -18.96 -39.90
CA MET F 305 30.07 -18.72 -41.13
C MET F 305 30.98 -18.66 -42.35
N ALA F 306 32.21 -19.16 -42.26
CA ALA F 306 33.10 -19.15 -43.42
C ALA F 306 32.57 -20.00 -44.56
N PRO F 307 32.28 -21.30 -44.37
CA PRO F 307 31.65 -22.07 -45.46
C PRO F 307 30.16 -21.82 -45.60
N MET F 308 29.52 -21.24 -44.58
CA MET F 308 28.07 -21.05 -44.62
C MET F 308 27.70 -19.92 -45.57
N ARG F 309 28.50 -18.85 -45.61
CA ARG F 309 28.14 -17.66 -46.38
C ARG F 309 28.11 -17.96 -47.87
N GLU F 310 29.03 -18.80 -48.34
CA GLU F 310 29.10 -19.08 -49.78
C GLU F 310 27.94 -19.94 -50.26
N TYR F 311 27.29 -20.66 -49.34
CA TYR F 311 26.18 -21.52 -49.74
C TYR F 311 25.00 -20.72 -50.27
N ILE F 312 24.84 -19.46 -49.80
CA ILE F 312 23.77 -18.59 -50.27
C ILE F 312 24.03 -18.08 -51.67
N ARG F 313 25.24 -18.22 -52.19
CA ARG F 313 25.63 -17.66 -53.48
C ARG F 313 24.95 -18.33 -54.68
N GLN F 314 24.11 -19.33 -54.46
CA GLN F 314 23.43 -20.00 -55.56
C GLN F 314 22.53 -19.03 -56.33
N UNK G 1 5.48 2.43 -6.05
CA UNK G 1 6.15 2.69 -4.78
C UNK G 1 6.17 1.44 -3.91
N UNK G 2 5.80 1.59 -2.64
CA UNK G 2 5.76 0.49 -1.70
C UNK G 2 4.50 -0.35 -1.93
N UNK G 3 4.33 -1.35 -1.08
CA UNK G 3 3.18 -2.23 -1.16
C UNK G 3 1.89 -1.50 -0.77
N UNK G 4 0.76 -2.19 -0.84
CA UNK G 4 -0.53 -1.59 -0.51
C UNK G 4 -1.48 -2.64 0.05
N UNK G 5 -2.03 -2.39 1.24
CA UNK G 5 -2.97 -3.31 1.86
C UNK G 5 -4.23 -3.48 1.02
N UNK G 6 -5.08 -4.41 1.39
CA UNK G 6 -6.31 -4.67 0.67
C UNK G 6 -7.51 -4.17 1.47
N UNK G 7 -8.70 -4.37 0.94
CA UNK G 7 -9.94 -4.03 1.64
C UNK G 7 -11.04 -4.90 1.05
N UNK G 8 -11.48 -5.90 1.81
CA UNK G 8 -12.40 -6.90 1.28
C UNK G 8 -13.76 -6.29 0.95
N UNK G 9 -14.64 -7.11 0.37
CA UNK G 9 -15.99 -6.66 0.04
C UNK G 9 -16.87 -7.92 -0.03
N UNK G 10 -17.76 -8.07 0.94
CA UNK G 10 -18.62 -9.24 1.01
C UNK G 10 -19.55 -9.30 -0.20
PB ADP H . -21.09 17.31 -18.41
O1B ADP H . -21.52 16.55 -17.17
O2B ADP H . -21.83 16.91 -19.67
O3B ADP H . -19.59 17.43 -18.59
PA ADP H . -23.15 19.17 -18.12
O1A ADP H . -23.80 18.50 -16.94
O2A ADP H . -23.68 18.91 -19.51
O3A ADP H . -21.58 18.81 -18.13
O5' ADP H . -23.14 20.76 -17.88
C5' ADP H . -22.54 21.61 -18.85
C4' ADP H . -23.25 22.94 -18.89
O4' ADP H . -22.54 23.80 -19.80
C3' ADP H . -24.66 22.79 -19.41
O3' ADP H . -25.61 23.17 -18.41
C2' ADP H . -24.78 23.70 -20.62
O2' ADP H . -25.72 24.74 -20.34
C1' ADP H . -23.40 24.29 -20.84
N9 ADP H . -22.90 23.78 -22.13
C8 ADP H . -22.32 22.58 -22.32
N7 ADP H . -21.97 22.40 -23.62
C5 ADP H . -22.35 23.50 -24.29
C6 ADP H . -22.30 23.96 -25.69
N6 ADP H . -21.76 23.19 -26.66
N1 ADP H . -22.82 25.18 -25.97
C2 ADP H . -23.37 25.96 -25.01
N3 ADP H . -23.44 25.60 -23.72
C4 ADP H . -22.97 24.40 -23.30
BE BEF I . -19.76 14.92 -17.26
F1 BEF I . -19.63 13.80 -16.22
F2 BEF I . -18.47 15.80 -17.35
F3 BEF I . -20.02 14.32 -18.66
MG MG J . -21.03 12.90 -17.52
PB ADP K . -13.35 24.97 10.94
O1B ADP K . -14.68 25.37 10.35
O2B ADP K . -13.12 23.49 11.00
O3B ADP K . -12.17 25.76 10.44
PA ADP K . -14.81 24.94 13.28
O1A ADP K . -16.01 25.62 12.68
O2A ADP K . -14.78 23.43 13.40
O3A ADP K . -13.51 25.41 12.48
O5' ADP K . -14.57 25.57 14.74
C5' ADP K . -15.47 25.28 15.81
C4' ADP K . -15.18 26.23 16.95
O4' ADP K . -14.46 27.36 16.45
C3' ADP K . -16.47 26.73 17.58
O3' ADP K . -16.51 26.37 18.96
C2' ADP K . -16.44 28.24 17.43
O2' ADP K . -16.63 28.86 18.70
C1' ADP K . -15.06 28.58 16.88
N9 ADP K . -15.22 29.47 15.72
C8 ADP K . -14.87 29.17 14.45
N7 ADP K . -15.14 30.21 13.60
C5 ADP K . -15.68 31.19 14.34
C6 ADP K . -16.19 32.55 14.09
N6 ADP K . -16.19 33.08 12.85
N1 ADP K . -16.68 33.25 15.15
C2 ADP K . -16.68 32.73 16.39
N3 ADP K . -16.23 31.50 16.69
C4 ADP K . -15.73 30.70 15.73
BE BEF L . -14.25 21.45 10.24
F1 BEF L . -15.25 20.28 10.19
F2 BEF L . -13.23 21.42 9.06
F3 BEF L . -13.44 21.39 11.56
MG MG M . -15.11 22.62 11.24
PB ADP N . 5.87 7.22 28.21
O1B ADP N . 6.18 8.53 28.90
O2B ADP N . 4.42 6.85 28.22
O3B ADP N . 6.57 7.01 26.89
PA ADP N . 5.66 5.61 30.43
O1A ADP N . 5.28 6.81 31.26
O2A ADP N . 4.59 4.69 29.90
O3A ADP N . 6.52 6.12 29.18
O5' ADP N . 6.69 4.72 31.28
C5' ADP N . 6.19 3.76 32.19
C4' ADP N . 7.22 3.49 33.28
O4' ADP N . 8.04 4.63 33.44
C3' ADP N . 6.53 3.21 34.60
O3' ADP N . 6.85 1.89 35.05
C2' ADP N . 7.08 4.24 35.56
O2' ADP N . 7.63 3.58 36.71
C1' ADP N . 8.17 4.98 34.82
N9 ADP N . 7.98 6.45 34.96
C8 ADP N . 8.12 7.34 33.97
N7 ADP N . 7.89 8.60 34.40
C5 ADP N . 7.61 8.53 35.71
C6 ADP N . 7.26 9.50 36.78
N6 ADP N . 7.20 10.82 36.53
N1 ADP N . 7.04 9.00 38.01
C2 ADP N . 7.12 7.69 38.28
N3 ADP N . 7.42 6.76 37.36
C4 ADP N . 7.67 7.11 36.07
BE BEF O . 4.85 5.36 26.38
F1 BEF O . 3.66 4.43 26.06
F2 BEF O . 6.20 4.58 26.47
F3 BEF O . 5.00 6.43 25.28
MG MG P . 1.88 5.23 25.28
PB ADP Q . 24.05 -14.54 14.50
O1B ADP Q . 24.40 -14.01 15.88
O2B ADP Q . 22.62 -14.99 14.37
O3B ADP Q . 24.55 -13.69 13.37
PA ADP Q . 24.40 -17.20 15.19
O1A ADP Q . 24.55 -16.94 16.67
O2A ADP Q . 23.05 -17.61 14.63
O3A ADP Q . 24.90 -15.90 14.40
O5' ADP Q . 25.46 -18.31 14.74
C5' ADP Q . 25.12 -19.69 14.82
C4' ADP Q . 26.38 -20.53 14.73
O4' ADP Q . 27.45 -19.86 15.39
C3' ADP Q . 26.16 -21.86 15.42
O3' ADP Q . 26.29 -22.93 14.48
C2' ADP Q . 27.25 -21.97 16.47
O2' ADP Q . 27.99 -23.18 16.28
C1' ADP Q . 28.15 -20.76 16.25
N9 ADP Q . 28.40 -20.10 17.55
C8 ADP Q . 28.26 -18.79 17.81
N7 ADP Q . 28.59 -18.51 19.09
C5 ADP Q . 28.94 -19.66 19.68
C6 ADP Q . 29.40 -20.07 21.03
N6 ADP Q . 29.54 -19.16 22.03
N1 ADP Q . 29.67 -21.37 21.23
C2 ADP Q . 29.54 -22.28 20.24
N3 ADP Q . 29.14 -21.98 19.00
C4 ADP Q . 28.83 -20.71 18.66
MG MG R . 19.24 -13.86 14.01
BE BEF S . 22.25 -13.13 12.89
F1 BEF S . 22.18 -12.55 11.47
F2 BEF S . 22.18 -12.03 14.00
F3 BEF S . 21.08 -14.11 13.14
PB ADP T . 26.53 -14.01 -15.51
O1B ADP T . 27.28 -12.79 -15.03
O2B ADP T . 25.79 -14.76 -14.43
O3B ADP T . 25.71 -13.80 -16.76
PA ADP T . 27.33 -16.45 -16.63
O1A ADP T . 25.86 -16.46 -16.94
O2A ADP T . 27.92 -17.53 -15.75
O3A ADP T . 27.69 -15.02 -15.98
O5' ADP T . 28.16 -16.42 -18.01
C5' ADP T . 27.61 -15.83 -19.19
C4' ADP T . 27.51 -16.84 -20.33
O4' ADP T . 28.81 -17.23 -20.78
C3' ADP T . 26.78 -18.13 -19.95
O3' ADP T . 25.44 -18.10 -20.44
C2' ADP T . 27.57 -19.24 -20.58
O2' ADP T . 26.80 -19.95 -21.57
C1' ADP T . 28.78 -18.58 -21.23
N9 ADP T . 30.02 -19.29 -20.83
C8 ADP T . 30.99 -18.78 -20.04
N7 ADP T . 31.99 -19.68 -19.88
C5 ADP T . 31.67 -20.78 -20.59
C6 ADP T . 32.29 -22.08 -20.84
N6 ADP T . 33.49 -22.40 -20.31
N1 ADP T . 31.63 -22.95 -21.65
C2 ADP T . 30.44 -22.64 -22.20
N3 ADP T . 29.82 -21.47 -22.00
C4 ADP T . 30.37 -20.51 -21.22
H5'1 ADP T . 26.63 -15.41 -18.99
H5'2 ADP T . 28.26 -15.01 -19.50
H4' ADP T . 26.96 -16.38 -21.15
H3' ADP T . 26.78 -18.26 -18.85
HO3' ADP T . 24.93 -18.82 -20.02
H2' ADP T . 27.92 -19.94 -19.81
HO2' ADP T . 26.13 -20.47 -21.14
H1' ADP T . 28.66 -18.62 -22.32
H8 ADP T . 30.96 -17.80 -19.58
HN61 ADP T . 33.91 -23.30 -20.49
HN62 ADP T . 33.95 -21.74 -19.71
H2 ADP T . 29.95 -23.37 -22.83
#